data_8VP5
#
_entry.id   8VP5
#
_cell.length_a   1.00
_cell.length_b   1.00
_cell.length_c   1.00
_cell.angle_alpha   90.00
_cell.angle_beta   90.00
_cell.angle_gamma   90.00
#
_symmetry.space_group_name_H-M   'P 1'
#
loop_
_entity.id
_entity.type
_entity.pdbx_description
1 polymer 'Bacteriocin-type signal sequence-containing protein'
2 polymer 'ABC-type bacteriocin transporter'
3 non-polymer "ADENOSINE-5'-DIPHOSPHATE"
4 non-polymer '3-[oxidanyl-[2-(trimethyl-$l^{4}-azanyl)ethoxy]phosphoryl]oxypropyl hexadecanoate'
5 non-polymer '(2S)-3-(hexadecanoyloxy)-2-[(9Z)-octadec-9-enoyloxy]propyl 2-(trimethylammonio)ethyl phosphate'
#
loop_
_entity_poly.entity_id
_entity_poly.type
_entity_poly.pdbx_seq_one_letter_code
_entity_poly.pdbx_strand_id
1 'polypeptide(L)'
;MGHHHHHHHHHHSSGHIDDDDKHMSEAKKLNIGRELTDEELMEMTGGSTFSIQCQKDYTYKPSLPVVKYGVVIDEPEVVI
KYGVGPIVGIKYGVEPIGPIQPMYGIKPVETLK
;
C,D
2 'polypeptide(L)'
;MGHHHHHHHHHHSSGHIDDDDKHMLRRLFKKKYVCVRQYDLTDCGAACLSSIAQYYGLKMSLAKIREMTGTDTQGTNAYG
LIHAAKQLGFSAKGVKASKEDLLKDFRLPAIANVIVDNRLAHFVVIYSIKNRIITVADPGKGIVRYSMDDFCSIWTGGLV
LLEPGEAFQKGDYTQNMMVKFAGFLKPLKKTVLCIFLASLLYTALGIAGSFYIKFLFDDLIKFEKLNDLHIISAGFAVIF
LLQIFLNYYRSILVTKLGMSIDKSIMMEYYSHVLKLPMNFFNSRKVGEIISRFMDASKIRQAISGATLTIMIDTIMAVIG
GILLYIQNSSLFFISFIIILLYGIIVTVFNKPIQNANRQIMEDNAKLTSALVESVKGIETIKSFGAEEQTEKSTRDKIET
VMKSSFKEGMLYINLSSLTGIVAGLGGIVILWAGAYNVIKGNMSGGQLLAFNALLAYFLTPVKNLIDLQPLIQTAVVASN
RLGEILELATEKELREDSDDFVISLKGDIEFRNVDFRYGLRKPVLKNINLTIPKGKTVAIVGESGSGKTTLAKLLMNFYS
PEKGDILINGHSIKNISLELIRKKIAFVSQDVFIFSGTVKENLCLGNENVDMDEIIKAAKMANAHDFIEKLPLKYDTFLN
ESGANLSEGQKQRLAIARALLKKPDILILDEATSNLDSITENHIKDAIYGLEDDVTVIIIAHRLSTIVNCDKIYLLKDGE
IVESGSHTELIALKGCYFKMWKQTENTLAS
;
A,B
#
# COMPACT_ATOMS: atom_id res chain seq x y z
N ASN A 31 31.70 5.45 -34.47
CA ASN A 31 32.86 4.68 -34.01
C ASN A 31 33.55 5.37 -32.85
N ILE A 32 32.75 5.85 -31.88
CA ILE A 32 33.29 6.53 -30.71
C ILE A 32 33.35 5.51 -29.57
N GLY A 33 34.56 5.02 -29.30
CA GLY A 33 34.80 4.11 -28.21
C GLY A 33 35.06 2.70 -28.68
N ARG A 34 35.29 1.83 -27.71
CA ARG A 34 35.56 0.42 -27.96
C ARG A 34 34.25 -0.36 -28.05
N GLU A 35 34.16 -1.25 -29.03
CA GLU A 35 32.93 -1.99 -29.30
C GLU A 35 32.69 -3.02 -28.20
N LEU A 36 31.53 -2.94 -27.56
CA LEU A 36 31.18 -3.88 -26.51
C LEU A 36 30.88 -5.25 -27.12
N THR A 37 31.30 -6.31 -26.41
CA THR A 37 31.01 -7.66 -26.84
C THR A 37 29.59 -8.05 -26.48
N ASP A 38 29.09 -9.09 -27.16
CA ASP A 38 27.72 -9.54 -26.92
C ASP A 38 27.50 -10.05 -25.51
N GLU A 39 28.54 -10.60 -24.88
CA GLU A 39 28.43 -11.04 -23.49
C GLU A 39 28.50 -9.86 -22.51
N GLU A 40 29.31 -8.86 -22.82
CA GLU A 40 29.45 -7.70 -21.95
C GLU A 40 28.32 -6.70 -22.12
N LEU A 41 27.56 -6.79 -23.22
CA LEU A 41 26.40 -5.92 -23.40
C LEU A 41 25.34 -6.18 -22.33
N MET A 42 25.13 -7.45 -21.98
CA MET A 42 24.15 -7.79 -20.96
C MET A 42 24.54 -7.24 -19.59
N GLU A 43 25.81 -6.89 -19.40
CA GLU A 43 26.24 -6.27 -18.15
C GLU A 43 25.93 -4.78 -18.09
N MET A 44 25.57 -4.16 -19.21
CA MET A 44 25.24 -2.74 -19.26
C MET A 44 23.72 -2.64 -19.19
N THR A 45 23.20 -2.60 -17.96
CA THR A 45 21.77 -2.60 -17.71
C THR A 45 21.29 -1.18 -17.37
N GLY A 46 20.02 -1.09 -16.98
CA GLY A 46 19.43 0.19 -16.64
C GLY A 46 17.96 0.08 -16.27
N GLY A 47 17.56 0.80 -15.23
CA GLY A 47 16.17 0.81 -14.81
C GLY A 47 15.82 -0.35 -13.89
N SER A 48 15.10 -0.05 -12.81
CA SER A 48 14.66 -1.07 -11.86
C SER A 48 13.52 -0.57 -11.00
N LYS B 31 -25.25 -0.84 34.83
CA LYS B 31 -24.44 0.33 34.50
C LYS B 31 -24.39 0.55 32.99
N LYS B 32 -23.58 1.51 32.57
CA LYS B 32 -23.42 1.79 31.15
C LYS B 32 -22.69 0.64 30.46
N TYR B 33 -23.07 0.37 29.21
CA TYR B 33 -22.46 -0.67 28.41
C TYR B 33 -21.22 -0.09 27.73
N VAL B 34 -20.06 -0.62 28.08
CA VAL B 34 -18.79 -0.10 27.57
C VAL B 34 -18.33 -0.94 26.39
N CYS B 35 -18.10 -0.29 25.26
CA CYS B 35 -17.56 -0.94 24.06
C CYS B 35 -16.24 -0.29 23.71
N VAL B 36 -15.15 -1.03 23.84
CA VAL B 36 -13.81 -0.54 23.51
C VAL B 36 -13.51 -0.96 22.08
N ARG B 37 -13.41 0.00 21.18
CA ARG B 37 -13.15 -0.30 19.78
C ARG B 37 -11.69 -0.70 19.57
N GLN B 38 -11.47 -1.51 18.54
CA GLN B 38 -10.14 -2.01 18.23
C GLN B 38 -9.28 -0.93 17.60
N TYR B 39 -7.97 -1.05 17.79
CA TYR B 39 -7.00 -0.24 17.07
C TYR B 39 -6.40 -0.95 15.87
N ASP B 40 -6.31 -2.29 15.91
CA ASP B 40 -5.78 -3.07 14.81
C ASP B 40 -6.76 -4.15 14.39
N LEU B 41 -6.32 -5.08 13.55
CA LEU B 41 -7.18 -6.11 13.01
C LEU B 41 -7.18 -7.40 13.83
N THR B 42 -6.38 -7.49 14.88
CA THR B 42 -6.16 -8.76 15.56
C THR B 42 -6.13 -8.58 17.08
N ASP B 43 -6.85 -7.60 17.59
CA ASP B 43 -6.91 -7.35 19.03
C ASP B 43 -8.35 -7.47 19.54
N CYS B 44 -9.06 -8.51 19.10
CA CYS B 44 -10.45 -8.70 19.48
C CYS B 44 -10.58 -9.05 20.96
N GLY B 45 -9.82 -10.06 21.41
CA GLY B 45 -9.93 -10.49 22.79
C GLY B 45 -9.43 -9.45 23.76
N ALA B 46 -8.36 -8.73 23.39
CA ALA B 46 -7.87 -7.65 24.24
C ALA B 46 -8.92 -6.56 24.39
N ALA B 47 -9.60 -6.20 23.29
CA ALA B 47 -10.65 -5.20 23.37
C ALA B 47 -11.81 -5.66 24.22
N CYS B 48 -12.21 -6.93 24.08
CA CYS B 48 -13.30 -7.45 24.91
C CYS B 48 -12.94 -7.45 26.38
N LEU B 49 -11.71 -7.87 26.71
CA LEU B 49 -11.28 -7.87 28.10
C LEU B 49 -11.20 -6.45 28.65
N SER B 50 -10.73 -5.50 27.83
CA SER B 50 -10.70 -4.10 28.25
C SER B 50 -12.10 -3.58 28.50
N SER B 51 -13.06 -3.93 27.64
CA SER B 51 -14.44 -3.48 27.84
C SER B 51 -15.01 -4.03 29.14
N ILE B 52 -14.78 -5.31 29.42
CA ILE B 52 -15.32 -5.89 30.64
C ILE B 52 -14.62 -5.33 31.87
N ALA B 53 -13.30 -5.08 31.80
CA ALA B 53 -12.61 -4.48 32.93
C ALA B 53 -13.12 -3.07 33.19
N GLN B 54 -13.34 -2.29 32.13
CA GLN B 54 -13.86 -0.93 32.29
C GLN B 54 -15.29 -0.95 32.83
N TYR B 55 -16.05 -2.01 32.50
CA TYR B 55 -17.42 -2.10 33.01
C TYR B 55 -17.43 -2.14 34.53
N TYR B 56 -16.46 -2.82 35.14
CA TYR B 56 -16.38 -2.91 36.59
C TYR B 56 -15.49 -1.84 37.21
N GLY B 57 -14.95 -0.93 36.42
CA GLY B 57 -14.19 0.19 36.96
C GLY B 57 -12.69 -0.02 37.00
N LEU B 58 -12.12 -0.57 35.94
CA LEU B 58 -10.67 -0.72 35.82
C LEU B 58 -10.30 -0.36 34.39
N LYS B 59 -9.73 0.81 34.19
CA LYS B 59 -9.37 1.31 32.88
C LYS B 59 -7.86 1.19 32.68
N MET B 60 -7.46 0.51 31.61
CA MET B 60 -6.06 0.33 31.26
C MET B 60 -5.89 0.53 29.76
N SER B 61 -4.67 0.84 29.35
CA SER B 61 -4.38 1.00 27.94
C SER B 61 -4.50 -0.35 27.23
N LEU B 62 -4.89 -0.28 25.95
CA LEU B 62 -5.07 -1.52 25.19
C LEU B 62 -3.74 -2.20 24.88
N ALA B 63 -2.65 -1.44 24.81
CA ALA B 63 -1.36 -2.03 24.50
C ALA B 63 -0.79 -2.87 25.63
N LYS B 64 -1.27 -2.68 26.85
CA LYS B 64 -0.84 -3.51 27.97
C LYS B 64 -1.69 -4.77 28.09
N ILE B 65 -3.00 -4.64 27.94
CA ILE B 65 -3.87 -5.82 27.94
C ILE B 65 -3.54 -6.72 26.75
N ARG B 66 -3.19 -6.12 25.61
CA ARG B 66 -2.81 -6.89 24.44
C ARG B 66 -1.61 -7.79 24.69
N GLU B 67 -0.64 -7.34 25.50
CA GLU B 67 0.49 -8.19 25.84
C GLU B 67 0.23 -9.08 27.04
N MET B 68 -0.75 -8.74 27.88
CA MET B 68 -1.14 -9.65 28.95
C MET B 68 -1.88 -10.87 28.40
N THR B 69 -2.69 -10.68 27.37
CA THR B 69 -3.45 -11.78 26.76
C THR B 69 -2.60 -12.63 25.82
N GLY B 70 -1.34 -12.27 25.60
CA GLY B 70 -0.53 -13.00 24.65
C GLY B 70 -1.00 -12.87 23.22
N THR B 71 -1.55 -11.71 22.85
CA THR B 71 -2.02 -11.50 21.50
C THR B 71 -0.83 -11.46 20.54
N ASP B 72 -1.01 -12.09 19.37
CA ASP B 72 0.03 -12.16 18.35
C ASP B 72 -0.64 -11.96 16.99
N THR B 73 0.10 -12.31 15.94
CA THR B 73 -0.41 -12.12 14.58
C THR B 73 -1.67 -12.94 14.34
N GLN B 74 -1.71 -14.18 14.84
CA GLN B 74 -2.89 -15.01 14.66
C GLN B 74 -4.08 -14.49 15.44
N GLY B 75 -3.86 -13.91 16.61
CA GLY B 75 -4.93 -13.38 17.42
C GLY B 75 -4.82 -13.78 18.88
N THR B 76 -5.96 -13.85 19.56
CA THR B 76 -6.01 -14.24 20.95
C THR B 76 -6.86 -15.49 21.12
N ASN B 77 -6.41 -16.39 21.97
CA ASN B 77 -7.17 -17.58 22.32
C ASN B 77 -7.77 -17.40 23.71
N ALA B 78 -8.77 -18.24 24.01
CA ALA B 78 -9.46 -18.12 25.28
C ALA B 78 -8.53 -18.37 26.45
N TYR B 79 -7.48 -19.16 26.25
CA TYR B 79 -6.50 -19.38 27.30
C TYR B 79 -5.82 -18.07 27.69
N GLY B 80 -5.45 -17.26 26.70
CA GLY B 80 -4.86 -15.96 26.99
C GLY B 80 -5.81 -15.05 27.72
N LEU B 81 -7.10 -15.07 27.34
CA LEU B 81 -8.08 -14.25 28.04
C LEU B 81 -8.22 -14.66 29.49
N ILE B 82 -8.29 -15.98 29.75
CA ILE B 82 -8.40 -16.46 31.12
C ILE B 82 -7.15 -16.07 31.92
N HIS B 83 -5.97 -16.26 31.33
CA HIS B 83 -4.73 -15.95 32.02
C HIS B 83 -4.65 -14.47 32.37
N ALA B 84 -4.97 -13.60 31.41
CA ALA B 84 -4.91 -12.16 31.65
C ALA B 84 -5.95 -11.73 32.67
N ALA B 85 -7.17 -12.29 32.59
CA ALA B 85 -8.21 -11.93 33.55
C ALA B 85 -7.82 -12.33 34.96
N LYS B 86 -7.26 -13.53 35.13
CA LYS B 86 -6.77 -13.93 36.45
C LYS B 86 -5.61 -13.07 36.89
N GLN B 87 -4.80 -12.58 35.94
CA GLN B 87 -3.73 -11.65 36.26
C GLN B 87 -4.26 -10.25 36.56
N LEU B 88 -5.48 -9.94 36.11
CA LEU B 88 -6.10 -8.65 36.39
C LEU B 88 -6.94 -8.66 37.66
N GLY B 89 -6.96 -9.77 38.39
CA GLY B 89 -7.76 -9.91 39.59
C GLY B 89 -9.09 -10.58 39.38
N PHE B 90 -9.54 -10.70 38.13
CA PHE B 90 -10.80 -11.36 37.83
C PHE B 90 -10.71 -12.86 38.13
N SER B 91 -11.85 -13.44 38.51
CA SER B 91 -12.03 -14.87 38.51
C SER B 91 -12.56 -15.28 37.14
N ALA B 92 -11.76 -16.06 36.40
CA ALA B 92 -12.04 -16.36 35.02
C ALA B 92 -12.28 -17.86 34.84
N LYS B 93 -13.13 -18.19 33.87
CA LYS B 93 -13.42 -19.59 33.58
C LYS B 93 -13.86 -19.69 32.13
N GLY B 94 -13.60 -20.85 31.53
CA GLY B 94 -13.94 -21.05 30.13
C GLY B 94 -14.78 -22.29 29.91
N VAL B 95 -15.95 -22.14 29.27
CA VAL B 95 -16.87 -23.25 29.09
C VAL B 95 -17.35 -23.30 27.65
N LYS B 96 -17.90 -24.46 27.28
CA LYS B 96 -18.62 -24.63 26.03
C LYS B 96 -20.09 -24.84 26.35
N ALA B 97 -20.94 -23.95 25.83
CA ALA B 97 -22.36 -23.96 26.13
C ALA B 97 -23.17 -24.27 24.88
N SER B 98 -24.45 -24.50 25.08
CA SER B 98 -25.39 -24.80 24.01
C SER B 98 -26.41 -23.67 23.90
N LYS B 99 -27.36 -23.84 22.96
CA LYS B 99 -28.38 -22.83 22.75
C LYS B 99 -29.27 -22.67 23.98
N GLU B 100 -29.65 -23.77 24.61
CA GLU B 100 -30.51 -23.71 25.78
C GLU B 100 -29.77 -23.20 27.01
N ASP B 101 -28.44 -23.34 27.04
CA ASP B 101 -27.67 -22.89 28.19
C ASP B 101 -27.70 -21.38 28.34
N LEU B 102 -27.93 -20.66 27.24
CA LEU B 102 -27.98 -19.21 27.28
C LEU B 102 -29.13 -18.71 28.15
N LEU B 103 -30.28 -19.38 28.06
CA LEU B 103 -31.47 -18.91 28.78
C LEU B 103 -31.28 -18.96 30.30
N LYS B 104 -30.31 -19.74 30.77
CA LYS B 104 -30.04 -19.81 32.20
C LYS B 104 -29.44 -18.49 32.69
N ASP B 105 -29.43 -18.33 34.02
CA ASP B 105 -28.97 -17.11 34.65
C ASP B 105 -27.50 -17.25 35.02
N PHE B 106 -26.70 -16.24 34.67
CA PHE B 106 -25.26 -16.25 34.89
C PHE B 106 -24.75 -14.82 34.89
N ARG B 107 -23.43 -14.66 34.88
CA ARG B 107 -22.82 -13.35 34.96
C ARG B 107 -23.06 -12.55 33.68
N LEU B 108 -23.05 -11.24 33.82
CA LEU B 108 -23.44 -10.33 32.74
C LEU B 108 -22.41 -10.23 31.61
N PRO B 109 -21.13 -9.89 31.88
CA PRO B 109 -20.23 -9.50 30.78
C PRO B 109 -20.06 -10.56 29.69
N ALA B 110 -19.52 -11.74 30.03
CA ALA B 110 -19.64 -12.92 29.18
C ALA B 110 -19.08 -12.68 27.78
N ILE B 111 -17.74 -12.66 27.70
CA ILE B 111 -17.05 -12.79 26.42
C ILE B 111 -17.60 -14.01 25.69
N ALA B 112 -17.87 -13.87 24.39
CA ALA B 112 -18.41 -14.96 23.58
C ALA B 112 -17.65 -15.00 22.26
N ASN B 113 -17.61 -16.21 21.68
CA ASN B 113 -16.92 -16.46 20.42
C ASN B 113 -17.93 -16.62 19.30
N VAL B 114 -17.72 -15.89 18.21
CA VAL B 114 -18.59 -15.92 17.05
C VAL B 114 -17.74 -16.12 15.80
N ILE B 115 -18.41 -16.36 14.68
CA ILE B 115 -17.77 -16.46 13.37
C ILE B 115 -18.63 -15.67 12.39
N VAL B 116 -18.16 -14.49 11.99
CA VAL B 116 -18.88 -13.66 11.04
C VAL B 116 -18.51 -14.06 9.62
N ASP B 117 -19.51 -14.08 8.73
CA ASP B 117 -19.37 -14.42 7.32
C ASP B 117 -18.87 -15.84 7.09
N ASN B 118 -18.83 -16.67 8.14
CA ASN B 118 -18.32 -18.04 8.06
C ASN B 118 -16.88 -18.08 7.56
N ARG B 119 -16.10 -17.03 7.87
CA ARG B 119 -14.73 -16.92 7.39
C ARG B 119 -13.72 -16.90 8.51
N LEU B 120 -13.87 -16.01 9.48
CA LEU B 120 -12.88 -15.83 10.53
C LEU B 120 -13.55 -15.73 11.89
N ALA B 121 -12.89 -16.28 12.91
CA ALA B 121 -13.42 -16.23 14.26
C ALA B 121 -13.31 -14.81 14.82
N HIS B 122 -14.06 -14.56 15.89
CA HIS B 122 -14.19 -13.21 16.41
C HIS B 122 -14.69 -13.28 17.85
N PHE B 123 -14.40 -12.23 18.61
CA PHE B 123 -14.78 -12.15 20.02
C PHE B 123 -15.71 -10.96 20.25
N VAL B 124 -16.79 -11.19 20.99
CA VAL B 124 -17.74 -10.15 21.35
C VAL B 124 -18.03 -10.26 22.84
N VAL B 125 -18.80 -9.31 23.36
CA VAL B 125 -19.18 -9.29 24.77
C VAL B 125 -20.71 -9.26 24.84
N ILE B 126 -21.31 -10.33 25.34
CA ILE B 126 -22.77 -10.41 25.39
C ILE B 126 -23.23 -9.83 26.73
N TYR B 127 -23.80 -8.62 26.70
CA TYR B 127 -24.09 -7.92 27.95
C TYR B 127 -25.33 -8.48 28.65
N SER B 128 -26.49 -8.43 28.00
CA SER B 128 -27.72 -8.83 28.65
C SER B 128 -28.61 -9.56 27.66
N ILE B 129 -29.50 -10.39 28.21
CA ILE B 129 -30.47 -11.16 27.42
C ILE B 129 -31.85 -10.89 28.01
N LYS B 130 -32.54 -9.88 27.48
CA LYS B 130 -33.88 -9.56 27.98
C LYS B 130 -34.84 -10.70 27.68
N ASN B 131 -35.14 -10.91 26.40
CA ASN B 131 -35.94 -12.05 25.97
C ASN B 131 -35.76 -12.20 24.46
N ARG B 132 -35.14 -13.29 24.03
CA ARG B 132 -34.92 -13.65 22.63
C ARG B 132 -34.04 -12.64 21.89
N ILE B 133 -33.56 -11.60 22.56
CA ILE B 133 -32.72 -10.57 21.95
C ILE B 133 -31.39 -10.53 22.68
N ILE B 134 -30.31 -10.59 21.91
CA ILE B 134 -28.95 -10.62 22.46
C ILE B 134 -28.30 -9.28 22.13
N THR B 135 -27.95 -8.50 23.15
CA THR B 135 -27.23 -7.26 22.95
C THR B 135 -25.76 -7.49 23.24
N VAL B 136 -24.90 -7.13 22.29
CA VAL B 136 -23.48 -7.44 22.37
C VAL B 136 -22.68 -6.20 22.01
N ALA B 137 -21.56 -6.02 22.72
CA ALA B 137 -20.52 -5.09 22.32
C ALA B 137 -19.57 -5.83 21.38
N ASP B 138 -19.55 -5.38 20.12
CA ASP B 138 -18.64 -5.87 19.10
C ASP B 138 -17.50 -4.87 18.99
N PRO B 139 -16.26 -5.26 19.27
CA PRO B 139 -15.15 -4.29 19.20
C PRO B 139 -14.95 -3.69 17.81
N GLY B 140 -15.46 -4.33 16.76
CA GLY B 140 -15.29 -3.81 15.42
C GLY B 140 -16.39 -2.90 14.94
N LYS B 141 -17.56 -2.94 15.57
CA LYS B 141 -18.68 -2.12 15.10
C LYS B 141 -19.29 -1.24 16.17
N GLY B 142 -19.47 -1.76 17.39
CA GLY B 142 -20.09 -1.00 18.45
C GLY B 142 -21.10 -1.86 19.19
N ILE B 143 -22.08 -1.21 19.80
CA ILE B 143 -23.15 -1.93 20.48
C ILE B 143 -24.21 -2.31 19.45
N VAL B 144 -24.45 -3.60 19.30
CA VAL B 144 -25.40 -4.11 18.32
C VAL B 144 -26.31 -5.13 18.98
N ARG B 145 -27.40 -5.45 18.30
CA ARG B 145 -28.41 -6.38 18.82
C ARG B 145 -28.75 -7.41 17.76
N TYR B 146 -28.83 -8.66 18.18
CA TYR B 146 -29.20 -9.77 17.33
C TYR B 146 -30.46 -10.45 17.87
N SER B 147 -31.18 -11.14 16.98
CA SER B 147 -32.18 -12.08 17.43
C SER B 147 -31.48 -13.30 18.02
N MET B 148 -32.22 -14.05 18.85
CA MET B 148 -31.64 -15.23 19.48
C MET B 148 -31.20 -16.24 18.44
N ASP B 149 -32.01 -16.44 17.40
CA ASP B 149 -31.65 -17.38 16.34
C ASP B 149 -30.39 -16.93 15.60
N ASP B 150 -30.30 -15.63 15.27
CA ASP B 150 -29.14 -15.13 14.55
C ASP B 150 -27.86 -15.30 15.37
N PHE B 151 -27.91 -14.88 16.64
CA PHE B 151 -26.74 -15.03 17.50
C PHE B 151 -26.36 -16.50 17.65
N CYS B 152 -27.35 -17.36 17.92
CA CYS B 152 -27.05 -18.78 18.09
C CYS B 152 -26.49 -19.38 16.80
N SER B 153 -26.84 -18.80 15.65
CA SER B 153 -26.25 -19.24 14.39
C SER B 153 -24.79 -18.83 14.31
N ILE B 154 -24.48 -17.58 14.66
CA ILE B 154 -23.09 -17.15 14.57
C ILE B 154 -22.28 -17.59 15.79
N TRP B 155 -22.94 -17.80 16.93
CA TRP B 155 -22.23 -18.21 18.14
C TRP B 155 -21.69 -19.63 18.00
N THR B 156 -20.46 -19.83 18.46
CA THR B 156 -19.78 -21.12 18.36
C THR B 156 -19.94 -21.97 19.62
N GLY B 157 -20.68 -21.49 20.62
CA GLY B 157 -20.92 -22.26 21.82
C GLY B 157 -19.91 -22.07 22.93
N GLY B 158 -18.87 -21.26 22.72
CA GLY B 158 -17.83 -21.04 23.71
C GLY B 158 -18.05 -19.73 24.44
N LEU B 159 -17.95 -19.79 25.77
CA LEU B 159 -18.14 -18.63 26.64
C LEU B 159 -16.97 -18.50 27.59
N VAL B 160 -16.61 -17.25 27.87
CA VAL B 160 -15.59 -16.91 28.87
C VAL B 160 -16.30 -16.18 29.99
N LEU B 161 -16.51 -16.87 31.11
CA LEU B 161 -17.18 -16.29 32.26
C LEU B 161 -16.18 -15.55 33.12
N LEU B 162 -16.52 -14.30 33.47
CA LEU B 162 -15.65 -13.43 34.25
C LEU B 162 -16.41 -12.88 35.44
N GLU B 163 -15.74 -12.83 36.59
CA GLU B 163 -16.24 -12.19 37.79
C GLU B 163 -15.16 -11.28 38.33
N PRO B 164 -15.51 -10.19 39.00
CA PRO B 164 -14.47 -9.30 39.53
C PRO B 164 -13.77 -9.84 40.77
N GLY B 165 -13.44 -11.13 40.75
CA GLY B 165 -12.56 -11.76 41.72
C GLY B 165 -12.75 -11.39 43.17
N GLU B 166 -11.66 -11.39 43.93
CA GLU B 166 -11.65 -10.92 45.31
C GLU B 166 -10.51 -9.92 45.50
N ALA B 167 -9.45 -10.09 44.72
CA ALA B 167 -8.31 -9.18 44.73
C ALA B 167 -8.35 -8.21 43.55
N PHE B 168 -9.55 -7.89 43.07
CA PHE B 168 -9.72 -6.96 41.96
C PHE B 168 -9.91 -5.56 42.53
N GLN B 169 -8.98 -4.66 42.21
CA GLN B 169 -9.00 -3.30 42.72
C GLN B 169 -9.33 -2.34 41.58
N LYS B 170 -10.27 -1.44 41.84
CA LYS B 170 -10.66 -0.45 40.83
C LYS B 170 -9.55 0.58 40.65
N GLY B 171 -9.51 1.18 39.47
CA GLY B 171 -8.51 2.19 39.20
C GLY B 171 -8.63 2.71 37.78
N ASP B 172 -7.74 3.65 37.45
CA ASP B 172 -7.66 4.22 36.12
C ASP B 172 -6.18 4.44 35.83
N TYR B 173 -5.58 3.52 35.07
CA TYR B 173 -4.15 3.52 34.81
C TYR B 173 -3.79 4.08 33.44
N THR B 174 -4.70 4.82 32.82
CA THR B 174 -4.45 5.47 31.55
C THR B 174 -4.01 6.91 31.78
N GLN B 175 -3.62 7.57 30.69
CA GLN B 175 -3.24 8.98 30.74
C GLN B 175 -3.78 9.67 29.49
N ASN B 176 -3.94 10.99 29.59
CA ASN B 176 -4.45 11.78 28.48
C ASN B 176 -3.36 11.93 27.43
N MET B 177 -3.56 11.30 26.27
CA MET B 177 -2.57 11.38 25.20
C MET B 177 -2.54 12.75 24.56
N MET B 178 -3.69 13.42 24.47
CA MET B 178 -3.73 14.73 23.82
C MET B 178 -2.98 15.77 24.63
N VAL B 179 -3.07 15.70 25.96
CA VAL B 179 -2.26 16.59 26.80
C VAL B 179 -0.78 16.29 26.61
N LYS B 180 -0.44 15.01 26.44
CA LYS B 180 0.95 14.62 26.22
C LYS B 180 1.48 15.19 24.91
N PHE B 181 0.69 15.09 23.84
CA PHE B 181 1.13 15.58 22.53
C PHE B 181 0.99 17.08 22.38
N ALA B 182 0.22 17.74 23.25
CA ALA B 182 0.15 19.19 23.25
C ALA B 182 1.41 19.84 23.81
N GLY B 183 2.30 19.06 24.40
CA GLY B 183 3.57 19.60 24.88
C GLY B 183 4.56 19.92 23.78
N PHE B 184 4.28 19.51 22.54
CA PHE B 184 5.12 19.90 21.42
C PHE B 184 4.88 21.35 21.01
N LEU B 185 3.77 21.94 21.45
CA LEU B 185 3.48 23.34 21.14
C LEU B 185 4.29 24.30 22.00
N LYS B 186 4.81 23.83 23.13
CA LYS B 186 5.55 24.70 24.03
C LYS B 186 6.78 25.35 23.40
N PRO B 187 7.62 24.66 22.62
CA PRO B 187 8.72 25.35 21.94
C PRO B 187 8.28 26.19 20.75
N LEU B 188 6.98 26.30 20.46
CA LEU B 188 6.48 27.02 19.30
C LEU B 188 5.51 28.12 19.70
N LYS B 189 5.69 28.66 20.91
CA LYS B 189 4.80 29.72 21.40
C LYS B 189 4.89 30.98 20.54
N LYS B 190 6.11 31.33 20.11
CA LYS B 190 6.26 32.52 19.28
C LYS B 190 5.53 32.37 17.95
N THR B 191 5.64 31.21 17.31
CA THR B 191 4.93 30.98 16.06
C THR B 191 3.42 31.00 16.28
N VAL B 192 2.94 30.40 17.36
CA VAL B 192 1.51 30.41 17.65
C VAL B 192 1.02 31.83 17.87
N LEU B 193 1.78 32.64 18.60
CA LEU B 193 1.41 34.03 18.85
C LEU B 193 1.40 34.84 17.56
N CYS B 194 2.39 34.63 16.68
CA CYS B 194 2.42 35.33 15.41
C CYS B 194 1.21 34.97 14.56
N ILE B 195 0.85 33.68 14.52
CA ILE B 195 -0.31 33.26 13.77
C ILE B 195 -1.58 33.90 14.34
N PHE B 196 -1.69 33.93 15.67
CA PHE B 196 -2.86 34.54 16.31
C PHE B 196 -2.98 36.01 15.96
N LEU B 197 -1.87 36.75 16.04
CA LEU B 197 -1.91 38.18 15.73
C LEU B 197 -2.22 38.42 14.26
N ALA B 198 -1.64 37.63 13.35
CA ALA B 198 -1.93 37.79 11.94
C ALA B 198 -3.40 37.49 11.66
N SER B 199 -3.96 36.47 12.31
CA SER B 199 -5.38 36.17 12.12
C SER B 199 -6.26 37.30 12.64
N LEU B 200 -5.90 37.89 13.79
CA LEU B 200 -6.69 38.99 14.31
C LEU B 200 -6.67 40.19 13.36
N LEU B 201 -5.49 40.52 12.84
CA LEU B 201 -5.40 41.63 11.89
C LEU B 201 -6.18 41.33 10.62
N TYR B 202 -6.09 40.09 10.13
CA TYR B 202 -6.82 39.69 8.93
C TYR B 202 -8.32 39.84 9.13
N THR B 203 -8.82 39.37 10.28
CA THR B 203 -10.24 39.48 10.57
C THR B 203 -10.68 40.93 10.70
N ALA B 204 -9.87 41.76 11.37
CA ALA B 204 -10.22 43.17 11.51
C ALA B 204 -10.28 43.86 10.15
N LEU B 205 -9.30 43.58 9.28
CA LEU B 205 -9.30 44.20 7.97
C LEU B 205 -10.48 43.72 7.13
N GLY B 206 -10.84 42.44 7.22
CA GLY B 206 -11.99 41.96 6.49
C GLY B 206 -13.29 42.58 6.96
N ILE B 207 -13.46 42.71 8.28
CA ILE B 207 -14.65 43.36 8.81
C ILE B 207 -14.71 44.82 8.38
N ALA B 208 -13.56 45.49 8.37
CA ALA B 208 -13.52 46.87 7.90
C ALA B 208 -13.90 46.96 6.42
N GLY B 209 -13.40 46.04 5.61
CA GLY B 209 -13.70 46.05 4.19
C GLY B 209 -15.10 45.59 3.83
N SER B 210 -15.81 44.96 4.77
CA SER B 210 -17.18 44.53 4.50
C SER B 210 -18.16 45.70 4.37
N PHE B 211 -17.77 46.92 4.72
CA PHE B 211 -18.66 48.08 4.67
C PHE B 211 -18.50 48.89 3.38
N TYR B 212 -17.72 48.40 2.43
CA TYR B 212 -17.54 49.12 1.17
C TYR B 212 -18.85 49.27 0.43
N ILE B 213 -19.66 48.21 0.38
CA ILE B 213 -20.92 48.27 -0.34
C ILE B 213 -21.91 49.19 0.36
N LYS B 214 -21.88 49.23 1.69
CA LYS B 214 -22.72 50.16 2.42
C LYS B 214 -22.34 51.60 2.11
N PHE B 215 -21.04 51.90 2.10
CA PHE B 215 -20.60 53.25 1.76
C PHE B 215 -20.95 53.58 0.32
N LEU B 216 -20.89 52.60 -0.57
CA LEU B 216 -21.25 52.81 -1.97
C LEU B 216 -22.71 53.21 -2.10
N PHE B 217 -23.62 52.36 -1.61
CA PHE B 217 -25.03 52.57 -1.86
C PHE B 217 -25.59 53.71 -1.03
N ASP B 218 -25.21 53.80 0.25
CA ASP B 218 -25.81 54.80 1.12
C ASP B 218 -25.26 56.21 0.88
N ASP B 219 -23.98 56.34 0.51
CA ASP B 219 -23.32 57.64 0.46
C ASP B 219 -22.92 58.05 -0.94
N LEU B 220 -22.13 57.23 -1.64
CA LEU B 220 -21.53 57.68 -2.90
C LEU B 220 -22.54 57.65 -4.05
N ILE B 221 -23.27 56.54 -4.19
CA ILE B 221 -24.23 56.43 -5.28
C ILE B 221 -25.40 57.38 -5.08
N LYS B 222 -25.89 57.50 -3.84
CA LYS B 222 -27.07 58.32 -3.58
C LYS B 222 -26.82 59.79 -3.87
N PHE B 223 -25.67 60.31 -3.46
CA PHE B 223 -25.35 61.73 -3.60
C PHE B 223 -24.43 62.01 -4.78
N GLU B 224 -24.14 61.02 -5.62
CA GLU B 224 -23.35 61.20 -6.83
C GLU B 224 -22.00 61.83 -6.55
N LYS B 225 -21.30 61.30 -5.54
CA LYS B 225 -19.98 61.78 -5.16
C LYS B 225 -18.95 61.04 -6.00
N LEU B 226 -18.59 61.62 -7.14
CA LEU B 226 -17.64 60.98 -8.05
C LEU B 226 -16.22 61.08 -7.51
N ASN B 227 -15.84 62.24 -6.97
CA ASN B 227 -14.47 62.43 -6.51
C ASN B 227 -14.15 61.54 -5.31
N ASP B 228 -15.08 61.43 -4.37
CA ASP B 228 -14.84 60.60 -3.19
C ASP B 228 -14.76 59.12 -3.59
N LEU B 229 -15.69 58.68 -4.44
CA LEU B 229 -15.75 57.28 -4.88
C LEU B 229 -14.38 56.68 -5.16
N HIS B 230 -13.55 57.41 -5.91
CA HIS B 230 -12.23 56.90 -6.25
C HIS B 230 -11.36 56.73 -5.02
N ILE B 231 -11.39 57.69 -4.11
CA ILE B 231 -10.53 57.64 -2.92
C ILE B 231 -10.94 56.49 -2.00
N ILE B 232 -12.24 56.38 -1.73
CA ILE B 232 -12.72 55.26 -0.90
C ILE B 232 -12.45 53.91 -1.56
N SER B 233 -12.64 53.81 -2.88
CA SER B 233 -12.36 52.56 -3.56
C SER B 233 -10.88 52.19 -3.48
N ALA B 234 -10.00 53.16 -3.66
CA ALA B 234 -8.57 52.90 -3.54
C ALA B 234 -8.20 52.48 -2.12
N GLY B 235 -8.81 53.13 -1.12
CA GLY B 235 -8.55 52.73 0.25
C GLY B 235 -8.96 51.30 0.54
N PHE B 236 -10.13 50.90 0.04
CA PHE B 236 -10.56 49.52 0.27
C PHE B 236 -9.72 48.52 -0.52
N ALA B 237 -9.23 48.92 -1.70
CA ALA B 237 -8.29 48.05 -2.42
C ALA B 237 -7.00 47.86 -1.63
N VAL B 238 -6.49 48.93 -1.03
CA VAL B 238 -5.29 48.82 -0.20
C VAL B 238 -5.55 47.92 1.00
N ILE B 239 -6.74 48.06 1.61
CA ILE B 239 -7.10 47.19 2.74
C ILE B 239 -7.09 45.73 2.31
N PHE B 240 -7.65 45.44 1.13
CA PHE B 240 -7.68 44.06 0.65
C PHE B 240 -6.27 43.54 0.37
N LEU B 241 -5.41 44.39 -0.17
CA LEU B 241 -4.03 43.95 -0.43
C LEU B 241 -3.30 43.63 0.87
N LEU B 242 -3.50 44.46 1.90
CA LEU B 242 -2.93 44.14 3.21
C LEU B 242 -3.47 42.82 3.73
N GLN B 243 -4.76 42.57 3.53
CA GLN B 243 -5.36 41.32 3.96
C GLN B 243 -4.73 40.12 3.25
N ILE B 244 -4.48 40.26 1.95
CA ILE B 244 -3.81 39.20 1.19
C ILE B 244 -2.41 38.94 1.73
N PHE B 245 -1.66 40.01 2.03
CA PHE B 245 -0.32 39.82 2.56
C PHE B 245 -0.36 39.09 3.90
N LEU B 246 -1.30 39.46 4.76
CA LEU B 246 -1.41 38.78 6.06
C LEU B 246 -1.76 37.31 5.89
N ASN B 247 -2.67 37.01 4.94
CA ASN B 247 -3.00 35.61 4.68
C ASN B 247 -1.79 34.83 4.19
N TYR B 248 -1.00 35.44 3.30
CA TYR B 248 0.24 34.80 2.82
C TYR B 248 1.16 34.46 3.98
N TYR B 249 1.42 35.45 4.85
CA TYR B 249 2.33 35.26 5.97
C TYR B 249 1.84 34.16 6.91
N ARG B 250 0.55 34.21 7.27
CA ARG B 250 0.05 33.23 8.23
C ARG B 250 -0.05 31.84 7.61
N SER B 251 -0.28 31.74 6.30
CA SER B 251 -0.26 30.43 5.65
C SER B 251 1.13 29.81 5.70
N ILE B 252 2.16 30.62 5.44
CA ILE B 252 3.52 30.11 5.54
C ILE B 252 3.82 29.64 6.96
N LEU B 253 3.41 30.44 7.95
CA LEU B 253 3.66 30.07 9.34
C LEU B 253 2.94 28.78 9.73
N VAL B 254 1.69 28.63 9.30
CA VAL B 254 0.92 27.43 9.62
C VAL B 254 1.56 26.20 8.97
N THR B 255 2.01 26.33 7.72
CA THR B 255 2.67 25.21 7.06
C THR B 255 3.92 24.78 7.82
N LYS B 256 4.74 25.76 8.21
CA LYS B 256 5.96 25.43 8.95
C LYS B 256 5.64 24.77 10.30
N LEU B 257 4.63 25.28 11.00
CA LEU B 257 4.24 24.69 12.28
C LEU B 257 3.80 23.25 12.12
N GLY B 258 2.99 22.97 11.10
CA GLY B 258 2.56 21.61 10.86
C GLY B 258 3.71 20.68 10.51
N MET B 259 4.64 21.15 9.67
CA MET B 259 5.82 20.34 9.35
C MET B 259 6.59 19.99 10.61
N SER B 260 6.81 20.98 11.49
CA SER B 260 7.56 20.75 12.70
C SER B 260 6.88 19.73 13.60
N ILE B 261 5.56 19.86 13.77
CA ILE B 261 4.85 18.96 14.68
C ILE B 261 4.85 17.53 14.13
N ASP B 262 4.61 17.37 12.83
CA ASP B 262 4.71 16.04 12.22
C ASP B 262 6.08 15.43 12.43
N LYS B 263 7.14 16.19 12.16
CA LYS B 263 8.49 15.63 12.32
C LYS B 263 8.74 15.21 13.76
N SER B 264 8.34 16.05 14.72
CA SER B 264 8.58 15.73 16.12
C SER B 264 7.85 14.45 16.52
N ILE B 265 6.57 14.35 16.20
CA ILE B 265 5.78 13.18 16.62
C ILE B 265 6.31 11.92 15.95
N MET B 266 6.59 11.99 14.64
CA MET B 266 7.09 10.82 13.93
C MET B 266 8.42 10.34 14.48
N MET B 267 9.35 11.28 14.74
CA MET B 267 10.65 10.87 15.24
C MET B 267 10.57 10.32 16.66
N GLU B 268 9.72 10.90 17.51
CA GLU B 268 9.56 10.34 18.85
C GLU B 268 9.03 8.91 18.79
N TYR B 269 8.00 8.70 17.96
CA TYR B 269 7.42 7.36 17.85
C TYR B 269 8.45 6.36 17.33
N TYR B 270 9.17 6.73 16.27
CA TYR B 270 10.15 5.81 15.69
C TYR B 270 11.30 5.52 16.66
N SER B 271 11.77 6.55 17.37
CA SER B 271 12.86 6.36 18.33
C SER B 271 12.44 5.43 19.45
N HIS B 272 11.18 5.52 19.89
CA HIS B 272 10.73 4.59 20.92
C HIS B 272 10.57 3.18 20.36
N VAL B 273 10.01 3.05 19.15
CA VAL B 273 9.78 1.73 18.57
C VAL B 273 11.09 0.98 18.37
N LEU B 274 12.15 1.69 17.99
CA LEU B 274 13.42 1.01 17.75
C LEU B 274 14.03 0.41 19.00
N LYS B 275 13.54 0.75 20.18
CA LYS B 275 14.09 0.26 21.44
C LYS B 275 13.25 -0.81 22.11
N LEU B 276 12.09 -1.15 21.55
CA LEU B 276 11.19 -2.10 22.17
C LEU B 276 11.72 -3.53 22.02
N PRO B 277 11.31 -4.45 22.91
CA PRO B 277 11.79 -5.83 22.82
C PRO B 277 11.32 -6.55 21.56
N MET B 278 11.79 -7.78 21.36
CA MET B 278 11.42 -8.54 20.18
C MET B 278 10.00 -9.09 20.24
N ASN B 279 9.43 -9.24 21.43
CA ASN B 279 8.05 -9.69 21.53
C ASN B 279 7.06 -8.64 21.03
N PHE B 280 7.49 -7.38 20.95
CA PHE B 280 6.65 -6.35 20.33
C PHE B 280 6.60 -6.53 18.82
N PHE B 281 7.74 -6.82 18.20
CA PHE B 281 7.78 -6.96 16.74
C PHE B 281 7.24 -8.30 16.27
N ASN B 282 7.43 -9.36 17.07
CA ASN B 282 6.93 -10.68 16.68
C ASN B 282 5.43 -10.83 16.88
N SER B 283 4.82 -10.00 17.72
CA SER B 283 3.39 -10.05 17.96
C SER B 283 2.60 -9.06 17.10
N ARG B 284 3.27 -8.33 16.22
CA ARG B 284 2.61 -7.33 15.39
C ARG B 284 3.13 -7.43 13.97
N LYS B 285 2.30 -7.03 13.01
CA LYS B 285 2.70 -7.02 11.62
C LYS B 285 3.52 -5.77 11.31
N VAL B 286 4.22 -5.81 10.18
CA VAL B 286 4.94 -4.64 9.71
C VAL B 286 3.96 -3.51 9.39
N GLY B 287 2.81 -3.86 8.79
CA GLY B 287 1.82 -2.85 8.50
C GLY B 287 1.28 -2.18 9.74
N GLU B 288 1.08 -2.94 10.81
CA GLU B 288 0.59 -2.36 12.06
C GLU B 288 1.56 -1.31 12.60
N ILE B 289 2.86 -1.62 12.58
CA ILE B 289 3.85 -0.70 13.10
C ILE B 289 3.97 0.53 12.19
N ILE B 290 3.99 0.31 10.88
CA ILE B 290 4.16 1.42 9.95
C ILE B 290 2.91 2.30 9.90
N SER B 291 1.73 1.71 10.09
CA SER B 291 0.49 2.46 9.93
C SER B 291 0.35 3.60 10.93
N ARG B 292 1.14 3.60 12.00
CA ARG B 292 1.07 4.65 12.99
C ARG B 292 1.91 5.87 12.63
N PHE B 293 2.61 5.84 11.49
CA PHE B 293 3.22 7.06 10.98
C PHE B 293 2.18 8.00 10.38
N MET B 294 1.05 7.46 9.92
CA MET B 294 -0.07 8.28 9.50
C MET B 294 -0.90 8.78 10.68
N ASP B 295 -0.70 8.22 11.88
CA ASP B 295 -1.36 8.75 13.06
C ASP B 295 -0.76 10.08 13.48
N ALA B 296 0.50 10.34 13.13
CA ALA B 296 1.14 11.60 13.49
C ALA B 296 0.43 12.79 12.84
N SER B 297 0.05 12.65 11.57
CA SER B 297 -0.67 13.72 10.89
C SER B 297 -2.03 13.96 11.53
N LYS B 298 -2.74 12.89 11.88
CA LYS B 298 -4.03 13.03 12.54
C LYS B 298 -3.90 13.70 13.89
N ILE B 299 -2.86 13.37 14.67
CA ILE B 299 -2.64 14.06 15.93
C ILE B 299 -2.31 15.52 15.70
N ARG B 300 -1.45 15.82 14.72
CA ARG B 300 -1.09 17.19 14.44
C ARG B 300 -2.32 18.02 14.07
N GLN B 301 -3.25 17.43 13.32
CA GLN B 301 -4.42 18.19 12.91
C GLN B 301 -5.14 18.81 14.11
N ALA B 302 -5.47 18.04 15.12
CA ALA B 302 -6.12 18.61 16.30
C ALA B 302 -5.16 19.34 17.23
N ILE B 303 -3.85 19.02 17.19
CA ILE B 303 -2.93 19.74 18.06
C ILE B 303 -2.74 21.18 17.60
N SER B 304 -2.57 21.37 16.30
CA SER B 304 -2.32 22.71 15.75
C SER B 304 -3.56 23.33 15.11
N GLY B 305 -4.14 22.69 14.09
CA GLY B 305 -5.20 23.33 13.36
C GLY B 305 -6.45 23.54 14.19
N ALA B 306 -6.81 22.53 15.00
CA ALA B 306 -7.99 22.67 15.85
C ALA B 306 -7.77 23.72 16.93
N THR B 307 -6.57 23.78 17.51
CA THR B 307 -6.28 24.80 18.51
C THR B 307 -6.38 26.20 17.91
N LEU B 308 -5.76 26.40 16.75
CA LEU B 308 -5.85 27.69 16.07
C LEU B 308 -7.30 28.03 15.75
N THR B 309 -8.04 27.05 15.20
CA THR B 309 -9.42 27.29 14.83
C THR B 309 -10.25 27.69 16.04
N ILE B 310 -10.11 26.98 17.15
CA ILE B 310 -10.85 27.33 18.35
C ILE B 310 -10.52 28.75 18.78
N MET B 311 -9.24 29.01 19.08
CA MET B 311 -8.90 30.27 19.73
C MET B 311 -9.04 31.47 18.80
N ILE B 312 -9.15 31.25 17.49
CA ILE B 312 -9.32 32.37 16.57
C ILE B 312 -10.80 32.54 16.23
N ASP B 313 -11.44 31.45 15.78
CA ASP B 313 -12.82 31.52 15.32
C ASP B 313 -13.78 31.82 16.46
N THR B 314 -13.45 31.49 17.72
CA THR B 314 -14.33 31.88 18.81
C THR B 314 -14.44 33.40 18.89
N ILE B 315 -13.30 34.09 18.94
CA ILE B 315 -13.30 35.54 18.99
C ILE B 315 -13.91 36.12 17.72
N MET B 316 -13.58 35.55 16.56
CA MET B 316 -14.10 36.05 15.31
C MET B 316 -15.62 35.94 15.26
N ALA B 317 -16.17 34.80 15.68
CA ALA B 317 -17.61 34.61 15.69
C ALA B 317 -18.28 35.53 16.70
N VAL B 318 -17.67 35.74 17.86
CA VAL B 318 -18.24 36.66 18.84
C VAL B 318 -18.33 38.06 18.27
N ILE B 319 -17.24 38.53 17.65
CA ILE B 319 -17.23 39.88 17.08
C ILE B 319 -18.23 39.99 15.94
N GLY B 320 -18.27 38.98 15.06
CA GLY B 320 -19.20 39.01 13.95
C GLY B 320 -20.66 39.01 14.41
N GLY B 321 -20.97 38.20 15.43
CA GLY B 321 -22.32 38.20 15.96
C GLY B 321 -22.69 39.51 16.62
N ILE B 322 -21.75 40.12 17.33
CA ILE B 322 -22.01 41.44 17.92
C ILE B 322 -22.29 42.46 16.83
N LEU B 323 -21.49 42.45 15.76
CA LEU B 323 -21.70 43.39 14.67
C LEU B 323 -23.04 43.16 13.98
N LEU B 324 -23.39 41.90 13.74
CA LEU B 324 -24.67 41.60 13.09
C LEU B 324 -25.84 42.03 13.97
N TYR B 325 -25.75 41.79 15.27
CA TYR B 325 -26.81 42.24 16.17
C TYR B 325 -26.89 43.75 16.22
N ILE B 326 -25.76 44.44 16.07
CA ILE B 326 -25.79 45.90 15.96
C ILE B 326 -26.52 46.32 14.71
N GLN B 327 -26.26 45.65 13.58
CA GLN B 327 -26.93 46.00 12.33
C GLN B 327 -28.43 45.78 12.43
N ASN B 328 -28.87 44.60 12.85
CA ASN B 328 -30.28 44.30 12.98
C ASN B 328 -30.46 43.07 13.86
N SER B 329 -31.41 43.16 14.80
CA SER B 329 -31.65 42.05 15.72
C SER B 329 -32.34 40.89 15.02
N SER B 330 -33.37 41.18 14.23
CA SER B 330 -34.15 40.12 13.59
C SER B 330 -33.30 39.33 12.59
N LEU B 331 -32.51 40.03 11.78
CA LEU B 331 -31.64 39.34 10.84
C LEU B 331 -30.57 38.52 11.54
N PHE B 332 -30.07 39.00 12.68
CA PHE B 332 -29.12 38.21 13.46
C PHE B 332 -29.78 36.95 14.02
N PHE B 333 -31.03 37.06 14.46
CA PHE B 333 -31.75 35.87 14.93
C PHE B 333 -31.96 34.88 13.80
N ILE B 334 -32.27 35.37 12.60
CA ILE B 334 -32.41 34.49 11.45
C ILE B 334 -31.09 33.78 11.15
N SER B 335 -29.97 34.51 11.22
CA SER B 335 -28.66 33.91 10.99
C SER B 335 -28.35 32.86 12.05
N PHE B 336 -28.70 33.14 13.30
CA PHE B 336 -28.50 32.16 14.37
C PHE B 336 -29.30 30.91 14.13
N ILE B 337 -30.55 31.05 13.67
CA ILE B 337 -31.37 29.88 13.36
C ILE B 337 -30.74 29.09 12.22
N ILE B 338 -30.21 29.79 11.20
CA ILE B 338 -29.58 29.11 10.07
C ILE B 338 -28.41 28.27 10.56
N ILE B 339 -27.53 28.87 11.37
CA ILE B 339 -26.34 28.14 11.80
C ILE B 339 -26.72 27.02 12.77
N LEU B 340 -27.78 27.20 13.56
CA LEU B 340 -28.26 26.12 14.42
C LEU B 340 -28.76 24.94 13.60
N LEU B 341 -29.52 25.22 12.54
CA LEU B 341 -30.00 24.14 11.68
C LEU B 341 -28.85 23.42 10.99
N TYR B 342 -27.85 24.19 10.51
CA TYR B 342 -26.69 23.56 9.90
C TYR B 342 -25.96 22.65 10.90
N GLY B 343 -25.78 23.13 12.13
CA GLY B 343 -25.12 22.33 13.14
C GLY B 343 -25.90 21.06 13.47
N ILE B 344 -27.22 21.17 13.57
CA ILE B 344 -28.04 19.99 13.85
C ILE B 344 -27.92 18.97 12.73
N ILE B 345 -27.99 19.42 11.48
CA ILE B 345 -27.91 18.52 10.34
C ILE B 345 -26.55 17.83 10.31
N VAL B 346 -25.48 18.59 10.50
CA VAL B 346 -24.14 18.02 10.44
C VAL B 346 -23.94 17.02 11.56
N THR B 347 -24.41 17.35 12.78
CA THR B 347 -24.28 16.43 13.90
C THR B 347 -25.06 15.13 13.64
N VAL B 348 -26.27 15.25 13.08
CA VAL B 348 -27.07 14.07 12.79
C VAL B 348 -26.39 13.18 11.75
N PHE B 349 -25.81 13.79 10.71
CA PHE B 349 -25.16 13.03 9.65
C PHE B 349 -23.75 12.59 9.99
N ASN B 350 -23.19 13.04 11.13
CA ASN B 350 -21.83 12.66 11.49
C ASN B 350 -21.66 11.15 11.61
N LYS B 351 -22.45 10.52 12.48
CA LYS B 351 -22.26 9.09 12.75
C LYS B 351 -22.53 8.21 11.54
N PRO B 352 -23.64 8.35 10.80
CA PRO B 352 -23.84 7.48 9.62
C PRO B 352 -22.73 7.57 8.60
N ILE B 353 -22.13 8.75 8.41
CA ILE B 353 -21.12 8.92 7.38
C ILE B 353 -19.85 8.16 7.71
N GLN B 354 -19.44 8.15 8.98
CA GLN B 354 -18.22 7.44 9.36
C GLN B 354 -18.42 5.93 9.37
N ASN B 355 -19.67 5.46 9.50
CA ASN B 355 -19.92 4.03 9.41
C ASN B 355 -19.80 3.53 7.98
N ALA B 356 -20.29 4.31 7.02
CA ALA B 356 -20.22 3.89 5.62
C ALA B 356 -18.78 3.90 5.11
N ASN B 357 -17.99 4.88 5.55
CA ASN B 357 -16.59 4.94 5.11
C ASN B 357 -15.81 3.73 5.55
N ARG B 358 -16.05 3.27 6.79
CA ARG B 358 -15.38 2.06 7.27
C ARG B 358 -15.77 0.85 6.45
N GLN B 359 -17.05 0.73 6.08
CA GLN B 359 -17.49 -0.37 5.25
C GLN B 359 -16.83 -0.32 3.87
N ILE B 360 -16.70 0.88 3.30
CA ILE B 360 -16.02 1.01 2.02
C ILE B 360 -14.57 0.59 2.14
N MET B 361 -13.90 1.00 3.22
CA MET B 361 -12.50 0.61 3.41
C MET B 361 -12.36 -0.90 3.53
N GLU B 362 -13.27 -1.54 4.26
CA GLU B 362 -13.21 -2.99 4.40
C GLU B 362 -13.43 -3.69 3.06
N ASP B 363 -14.42 -3.23 2.28
CA ASP B 363 -14.67 -3.84 0.98
C ASP B 363 -13.49 -3.63 0.04
N ASN B 364 -12.88 -2.44 0.07
CA ASN B 364 -11.72 -2.17 -0.76
C ASN B 364 -10.54 -3.06 -0.35
N ALA B 365 -10.37 -3.27 0.95
CA ALA B 365 -9.31 -4.17 1.41
C ALA B 365 -9.53 -5.59 0.93
N LYS B 366 -10.78 -6.06 0.99
CA LYS B 366 -11.08 -7.41 0.49
C LYS B 366 -10.81 -7.51 -1.00
N LEU B 367 -11.24 -6.51 -1.77
CA LEU B 367 -11.01 -6.53 -3.22
C LEU B 367 -9.52 -6.50 -3.54
N THR B 368 -8.75 -5.66 -2.84
CA THR B 368 -7.32 -5.59 -3.07
C THR B 368 -6.64 -6.91 -2.74
N SER B 369 -7.04 -7.54 -1.63
CA SER B 369 -6.47 -8.83 -1.28
C SER B 369 -6.78 -9.87 -2.35
N ALA B 370 -8.01 -9.88 -2.85
CA ALA B 370 -8.37 -10.84 -3.90
C ALA B 370 -7.56 -10.60 -5.16
N LEU B 371 -7.40 -9.34 -5.56
CA LEU B 371 -6.64 -9.01 -6.76
C LEU B 371 -5.19 -9.44 -6.63
N VAL B 372 -4.55 -9.08 -5.51
CA VAL B 372 -3.15 -9.42 -5.31
C VAL B 372 -2.98 -10.93 -5.26
N GLU B 373 -3.88 -11.64 -4.58
CA GLU B 373 -3.76 -13.08 -4.43
C GLU B 373 -4.00 -13.80 -5.76
N SER B 374 -4.86 -13.27 -6.61
CA SER B 374 -5.08 -13.87 -7.92
C SER B 374 -3.95 -13.56 -8.89
N VAL B 375 -3.33 -12.39 -8.77
CA VAL B 375 -2.18 -12.08 -9.62
C VAL B 375 -0.97 -12.92 -9.22
N LYS B 376 -0.74 -13.09 -7.91
CA LYS B 376 0.42 -13.86 -7.46
C LYS B 376 0.29 -15.34 -7.81
N GLY B 377 -0.92 -15.88 -7.79
CA GLY B 377 -1.14 -17.27 -8.08
C GLY B 377 -1.68 -17.53 -9.47
N ILE B 378 -1.17 -16.81 -10.46
CA ILE B 378 -1.66 -16.96 -11.83
C ILE B 378 -1.26 -18.31 -12.40
N GLU B 379 -0.11 -18.85 -11.97
CA GLU B 379 0.31 -20.17 -12.45
C GLU B 379 -0.74 -21.23 -12.14
N THR B 380 -1.20 -21.28 -10.89
CA THR B 380 -2.20 -22.28 -10.50
C THR B 380 -3.52 -22.04 -11.21
N ILE B 381 -3.92 -20.77 -11.36
CA ILE B 381 -5.18 -20.45 -12.03
C ILE B 381 -5.14 -20.94 -13.48
N LYS B 382 -4.03 -20.69 -14.17
CA LYS B 382 -3.90 -21.14 -15.55
C LYS B 382 -3.83 -22.66 -15.65
N SER B 383 -3.12 -23.29 -14.70
CA SER B 383 -2.98 -24.74 -14.73
C SER B 383 -4.32 -25.43 -14.53
N PHE B 384 -5.15 -24.92 -13.63
CA PHE B 384 -6.43 -25.54 -13.34
C PHE B 384 -7.59 -24.93 -14.11
N GLY B 385 -7.33 -23.95 -14.97
CA GLY B 385 -8.38 -23.36 -15.78
C GLY B 385 -9.40 -22.56 -15.00
N ALA B 386 -9.01 -22.02 -13.85
CA ALA B 386 -9.94 -21.26 -13.01
C ALA B 386 -9.88 -19.76 -13.31
N GLU B 387 -10.05 -19.40 -14.58
CA GLU B 387 -10.10 -17.99 -14.96
C GLU B 387 -11.50 -17.41 -14.86
N GLU B 388 -12.51 -18.17 -15.28
CA GLU B 388 -13.89 -17.71 -15.15
C GLU B 388 -14.28 -17.55 -13.69
N GLN B 389 -13.85 -18.49 -12.84
CA GLN B 389 -14.13 -18.37 -11.42
C GLN B 389 -13.51 -17.12 -10.82
N THR B 390 -12.25 -16.83 -11.19
CA THR B 390 -11.59 -15.63 -10.70
C THR B 390 -12.29 -14.38 -11.20
N GLU B 391 -12.71 -14.37 -12.46
CA GLU B 391 -13.45 -13.23 -13.01
C GLU B 391 -14.74 -13.01 -12.23
N LYS B 392 -15.48 -14.09 -11.95
CA LYS B 392 -16.74 -13.94 -11.22
C LYS B 392 -16.50 -13.44 -9.80
N SER B 393 -15.48 -13.97 -9.12
CA SER B 393 -15.20 -13.54 -7.76
C SER B 393 -14.80 -12.07 -7.71
N THR B 394 -13.94 -11.64 -8.63
CA THR B 394 -13.54 -10.24 -8.68
C THR B 394 -14.70 -9.33 -9.05
N ARG B 395 -15.58 -9.80 -9.96
CA ARG B 395 -16.76 -9.02 -10.30
C ARG B 395 -17.67 -8.84 -9.10
N ASP B 396 -17.85 -9.91 -8.32
CA ASP B 396 -18.68 -9.81 -7.11
C ASP B 396 -18.09 -8.83 -6.11
N LYS B 397 -16.77 -8.89 -5.91
CA LYS B 397 -16.15 -7.98 -4.96
C LYS B 397 -16.22 -6.53 -5.44
N ILE B 398 -16.06 -6.31 -6.75
CA ILE B 398 -16.19 -4.97 -7.30
C ILE B 398 -17.62 -4.46 -7.11
N GLU B 399 -18.61 -5.35 -7.30
CA GLU B 399 -20.00 -4.96 -7.08
C GLU B 399 -20.24 -4.58 -5.63
N THR B 400 -19.67 -5.33 -4.69
CA THR B 400 -19.82 -4.99 -3.28
C THR B 400 -19.20 -3.63 -2.97
N VAL B 401 -18.01 -3.37 -3.49
CA VAL B 401 -17.36 -2.09 -3.28
C VAL B 401 -18.22 -0.96 -3.86
N MET B 402 -18.78 -1.18 -5.05
CA MET B 402 -19.62 -0.16 -5.68
C MET B 402 -20.88 0.10 -4.86
N LYS B 403 -21.47 -0.95 -4.30
CA LYS B 403 -22.66 -0.76 -3.46
C LYS B 403 -22.33 0.07 -2.23
N SER B 404 -21.21 -0.23 -1.56
CA SER B 404 -20.83 0.56 -0.39
C SER B 404 -20.54 2.00 -0.77
N SER B 405 -19.85 2.21 -1.90
CA SER B 405 -19.56 3.56 -2.36
C SER B 405 -20.84 4.32 -2.67
N PHE B 406 -21.83 3.66 -3.27
CA PHE B 406 -23.10 4.32 -3.55
C PHE B 406 -23.84 4.66 -2.27
N LYS B 407 -23.77 3.79 -1.24
CA LYS B 407 -24.41 4.12 0.03
C LYS B 407 -23.79 5.38 0.64
N GLU B 408 -22.46 5.45 0.66
CA GLU B 408 -21.82 6.64 1.22
C GLU B 408 -22.10 7.87 0.37
N GLY B 409 -22.10 7.72 -0.96
CA GLY B 409 -22.40 8.83 -1.83
C GLY B 409 -23.81 9.36 -1.66
N MET B 410 -24.76 8.45 -1.45
CA MET B 410 -26.14 8.87 -1.17
C MET B 410 -26.24 9.60 0.15
N LEU B 411 -25.49 9.15 1.16
CA LEU B 411 -25.46 9.88 2.43
C LEU B 411 -24.93 11.29 2.23
N TYR B 412 -23.83 11.42 1.48
CA TYR B 412 -23.25 12.73 1.22
C TYR B 412 -24.19 13.61 0.40
N ILE B 413 -24.89 13.03 -0.57
CA ILE B 413 -25.83 13.79 -1.39
C ILE B 413 -26.99 14.30 -0.54
N ASN B 414 -27.52 13.46 0.35
CA ASN B 414 -28.59 13.90 1.25
C ASN B 414 -28.11 15.02 2.16
N LEU B 415 -26.91 14.87 2.72
CA LEU B 415 -26.37 15.91 3.61
C LEU B 415 -26.19 17.23 2.84
N SER B 416 -25.64 17.15 1.64
CA SER B 416 -25.42 18.35 0.85
C SER B 416 -26.74 19.00 0.44
N SER B 417 -27.75 18.19 0.11
CA SER B 417 -29.05 18.75 -0.24
C SER B 417 -29.68 19.47 0.93
N LEU B 418 -29.62 18.87 2.13
CA LEU B 418 -30.20 19.53 3.30
C LEU B 418 -29.45 20.81 3.65
N THR B 419 -28.11 20.76 3.61
CA THR B 419 -27.32 21.95 3.89
C THR B 419 -27.58 23.05 2.86
N GLY B 420 -27.69 22.69 1.59
CA GLY B 420 -27.99 23.67 0.57
C GLY B 420 -29.37 24.28 0.73
N ILE B 421 -30.36 23.46 1.08
CA ILE B 421 -31.69 23.99 1.37
C ILE B 421 -31.61 25.02 2.48
N VAL B 422 -30.95 24.65 3.58
CA VAL B 422 -30.85 25.57 4.72
C VAL B 422 -30.17 26.86 4.31
N ALA B 423 -29.03 26.76 3.62
CA ALA B 423 -28.26 27.96 3.28
C ALA B 423 -29.02 28.86 2.32
N GLY B 424 -29.53 28.29 1.22
CA GLY B 424 -30.21 29.11 0.24
C GLY B 424 -31.51 29.73 0.75
N LEU B 425 -32.33 28.93 1.44
CA LEU B 425 -33.55 29.49 2.01
C LEU B 425 -33.23 30.52 3.08
N GLY B 426 -32.16 30.32 3.85
CA GLY B 426 -31.77 31.34 4.81
C GLY B 426 -31.34 32.64 4.16
N GLY B 427 -30.60 32.55 3.07
CA GLY B 427 -30.23 33.76 2.35
C GLY B 427 -31.44 34.47 1.78
N ILE B 428 -32.38 33.72 1.20
CA ILE B 428 -33.60 34.33 0.66
C ILE B 428 -34.41 34.98 1.76
N VAL B 429 -34.56 34.30 2.90
CA VAL B 429 -35.32 34.86 4.01
C VAL B 429 -34.63 36.07 4.60
N ILE B 430 -33.30 36.07 4.64
CA ILE B 430 -32.56 37.23 5.13
C ILE B 430 -32.79 38.43 4.23
N LEU B 431 -32.71 38.23 2.91
CA LEU B 431 -33.02 39.32 1.99
C LEU B 431 -34.47 39.79 2.13
N TRP B 432 -35.38 38.83 2.32
CA TRP B 432 -36.81 39.15 2.48
C TRP B 432 -37.03 40.03 3.70
N ALA B 433 -36.52 39.61 4.85
CA ALA B 433 -36.71 40.37 6.09
C ALA B 433 -35.95 41.69 6.05
N GLY B 434 -34.80 41.73 5.38
CA GLY B 434 -34.08 42.99 5.23
C GLY B 434 -34.85 43.98 4.39
N ALA B 435 -35.46 43.52 3.29
CA ALA B 435 -36.30 44.40 2.49
C ALA B 435 -37.49 44.87 3.30
N TYR B 436 -38.08 43.98 4.10
CA TYR B 436 -39.20 44.38 4.96
C TYR B 436 -38.78 45.46 5.94
N ASN B 437 -37.60 45.31 6.54
CA ASN B 437 -37.12 46.29 7.52
C ASN B 437 -36.77 47.62 6.85
N VAL B 438 -36.19 47.56 5.65
CA VAL B 438 -35.89 48.79 4.92
C VAL B 438 -37.17 49.54 4.59
N ILE B 439 -38.21 48.81 4.15
CA ILE B 439 -39.48 49.45 3.85
C ILE B 439 -40.07 50.07 5.11
N LYS B 440 -39.94 49.39 6.25
CA LYS B 440 -40.42 49.92 7.52
C LYS B 440 -39.52 51.01 8.08
N GLY B 441 -38.33 51.23 7.50
CA GLY B 441 -37.43 52.26 7.94
C GLY B 441 -36.47 51.87 9.05
N ASN B 442 -36.44 50.59 9.43
CA ASN B 442 -35.53 50.17 10.51
C ASN B 442 -34.08 50.22 10.07
N MET B 443 -33.79 49.91 8.81
CA MET B 443 -32.43 49.96 8.29
C MET B 443 -32.48 50.53 6.87
N SER B 444 -31.36 50.41 6.16
CA SER B 444 -31.25 50.89 4.79
C SER B 444 -30.65 49.79 3.92
N GLY B 445 -30.68 50.02 2.61
CA GLY B 445 -30.16 49.02 1.69
C GLY B 445 -28.68 48.76 1.86
N GLY B 446 -27.90 49.82 2.02
CA GLY B 446 -26.48 49.65 2.28
C GLY B 446 -26.23 48.86 3.56
N GLN B 447 -27.05 49.10 4.58
CA GLN B 447 -26.95 48.30 5.80
C GLN B 447 -27.26 46.84 5.54
N LEU B 448 -28.24 46.57 4.68
CA LEU B 448 -28.58 45.19 4.35
C LEU B 448 -27.42 44.48 3.63
N LEU B 449 -26.77 45.18 2.70
CA LEU B 449 -25.65 44.57 2.00
C LEU B 449 -24.44 44.39 2.91
N ALA B 450 -24.18 45.37 3.78
CA ALA B 450 -23.12 45.21 4.78
C ALA B 450 -23.43 44.05 5.72
N PHE B 451 -24.70 43.84 6.05
CA PHE B 451 -25.09 42.67 6.83
C PHE B 451 -24.80 41.39 6.06
N ASN B 452 -25.09 41.39 4.75
CA ASN B 452 -24.81 40.20 3.95
C ASN B 452 -23.33 39.88 3.92
N ALA B 453 -22.47 40.88 4.01
CA ALA B 453 -21.02 40.62 4.06
C ALA B 453 -20.57 40.16 5.46
N LEU B 454 -21.02 40.87 6.50
CA LEU B 454 -20.66 40.47 7.86
C LEU B 454 -21.19 39.08 8.17
N LEU B 455 -22.22 38.63 7.45
CA LEU B 455 -22.66 37.24 7.54
C LEU B 455 -21.54 36.31 7.09
N ALA B 456 -20.89 36.64 5.97
CA ALA B 456 -19.73 35.86 5.56
C ALA B 456 -18.62 35.94 6.59
N TYR B 457 -18.63 36.97 7.42
CA TYR B 457 -17.68 37.03 8.54
C TYR B 457 -18.26 36.56 9.86
N PHE B 458 -19.44 35.93 9.87
CA PHE B 458 -20.01 35.34 11.08
C PHE B 458 -20.28 33.85 10.95
N LEU B 459 -20.91 33.43 9.85
CA LEU B 459 -21.31 32.02 9.73
C LEU B 459 -20.11 31.11 9.50
N THR B 460 -19.08 31.61 8.81
CA THR B 460 -17.90 30.77 8.55
C THR B 460 -17.17 30.37 9.83
N PRO B 461 -16.91 31.25 10.81
CA PRO B 461 -16.28 30.77 12.05
C PRO B 461 -17.08 29.70 12.78
N VAL B 462 -18.39 29.88 12.89
CA VAL B 462 -19.21 28.90 13.61
C VAL B 462 -19.26 27.60 12.84
N LYS B 463 -19.31 27.67 11.50
CA LYS B 463 -19.27 26.46 10.69
C LYS B 463 -17.95 25.72 10.88
N ASN B 464 -16.83 26.46 10.93
CA ASN B 464 -15.53 25.84 11.16
C ASN B 464 -15.46 25.20 12.53
N LEU B 465 -16.03 25.85 13.55
CA LEU B 465 -16.06 25.27 14.89
C LEU B 465 -16.91 24.00 14.92
N ILE B 466 -18.04 24.01 14.20
CA ILE B 466 -18.90 22.84 14.16
C ILE B 466 -18.20 21.69 13.44
N ASP B 467 -17.46 21.99 12.38
CA ASP B 467 -16.78 20.96 11.60
C ASP B 467 -15.58 20.33 12.32
N LEU B 468 -15.34 20.64 13.60
CA LEU B 468 -14.21 20.08 14.33
C LEU B 468 -14.50 18.74 14.98
N GLN B 469 -15.76 18.31 15.01
CA GLN B 469 -16.10 17.05 15.68
C GLN B 469 -15.44 15.84 15.03
N PRO B 470 -15.56 15.60 13.72
CA PRO B 470 -14.86 14.43 13.15
C PRO B 470 -13.35 14.51 13.29
N LEU B 471 -12.79 15.71 13.11
CA LEU B 471 -11.35 15.88 13.23
C LEU B 471 -10.88 15.57 14.64
N ILE B 472 -11.58 16.09 15.64
CA ILE B 472 -11.17 15.88 17.03
C ILE B 472 -11.35 14.42 17.42
N GLN B 473 -12.44 13.79 16.98
CA GLN B 473 -12.65 12.38 17.31
C GLN B 473 -11.57 11.49 16.68
N THR B 474 -11.30 11.71 15.40
CA THR B 474 -10.26 10.93 14.72
C THR B 474 -8.90 11.16 15.37
N ALA B 475 -8.61 12.41 15.74
CA ALA B 475 -7.31 12.71 16.34
C ALA B 475 -7.18 12.11 17.74
N VAL B 476 -8.27 12.08 18.49
CA VAL B 476 -8.23 11.43 19.80
C VAL B 476 -7.97 9.93 19.65
N VAL B 477 -8.66 9.29 18.70
CA VAL B 477 -8.43 7.87 18.46
C VAL B 477 -6.99 7.63 18.05
N ALA B 478 -6.46 8.45 17.14
CA ALA B 478 -5.09 8.29 16.68
C ALA B 478 -4.09 8.56 17.80
N SER B 479 -4.37 9.53 18.66
CA SER B 479 -3.48 9.83 19.77
C SER B 479 -3.40 8.67 20.73
N ASN B 480 -4.54 8.07 21.07
CA ASN B 480 -4.52 6.89 21.92
C ASN B 480 -3.76 5.76 21.23
N ARG B 481 -4.05 5.53 19.95
CA ARG B 481 -3.47 4.42 19.20
C ARG B 481 -1.95 4.54 19.13
N LEU B 482 -1.43 5.74 18.93
CA LEU B 482 0.01 5.94 18.84
C LEU B 482 0.66 5.97 20.22
N GLY B 483 0.10 6.73 21.15
CA GLY B 483 0.74 6.95 22.44
C GLY B 483 0.59 5.84 23.44
N GLU B 484 -0.28 4.84 23.18
CA GLU B 484 -0.29 3.68 24.07
C GLU B 484 0.95 2.82 23.88
N ILE B 485 1.64 2.95 22.75
CA ILE B 485 2.91 2.26 22.55
C ILE B 485 4.05 2.98 23.24
N LEU B 486 4.00 4.31 23.34
CA LEU B 486 5.04 5.05 24.03
C LEU B 486 5.09 4.76 25.53
N GLU B 487 4.04 4.14 26.08
CA GLU B 487 4.07 3.69 27.46
C GLU B 487 4.78 2.35 27.64
N LEU B 488 5.02 1.62 26.54
CA LEU B 488 5.62 0.30 26.64
C LEU B 488 7.07 0.41 27.11
N ALA B 489 7.47 -0.50 27.99
CA ALA B 489 8.83 -0.50 28.50
C ALA B 489 9.80 -0.95 27.42
N THR B 490 10.95 -0.28 27.37
CA THR B 490 11.97 -0.60 26.38
C THR B 490 12.77 -1.84 26.82
N GLU B 491 13.60 -2.33 25.90
CA GLU B 491 14.40 -3.51 26.18
C GLU B 491 15.38 -3.26 27.32
N LYS B 492 16.01 -2.08 27.34
CA LYS B 492 16.97 -1.78 28.40
C LYS B 492 16.29 -1.58 29.74
N GLU B 493 15.06 -1.04 29.75
CA GLU B 493 14.35 -0.81 31.00
C GLU B 493 14.06 -2.12 31.72
N LEU B 494 13.66 -3.14 30.97
CA LEU B 494 13.31 -4.42 31.58
C LEU B 494 14.52 -5.20 32.08
N ARG B 495 15.71 -4.87 31.59
CA ARG B 495 16.91 -5.57 32.05
C ARG B 495 17.23 -5.22 33.50
N GLU B 496 17.66 -6.22 34.26
CA GLU B 496 18.04 -6.02 35.65
C GLU B 496 19.43 -5.40 35.72
N ASP B 497 20.01 -5.36 36.92
CA ASP B 497 21.35 -4.81 37.07
C ASP B 497 22.37 -5.62 36.29
N SER B 498 23.29 -4.91 35.63
CA SER B 498 24.30 -5.54 34.80
C SER B 498 25.58 -5.75 35.61
N ASP B 499 26.64 -6.20 34.95
CA ASP B 499 27.92 -6.43 35.60
C ASP B 499 29.01 -5.70 34.82
N ASP B 500 29.90 -5.05 35.56
CA ASP B 500 31.02 -4.32 34.97
C ASP B 500 32.33 -5.11 35.08
N PHE B 501 32.26 -6.38 35.47
CA PHE B 501 33.42 -7.23 35.57
C PHE B 501 33.43 -8.39 34.59
N VAL B 502 32.31 -8.65 33.91
CA VAL B 502 32.23 -9.67 32.88
C VAL B 502 32.42 -8.96 31.54
N ILE B 503 33.56 -9.20 30.89
CA ILE B 503 33.87 -8.56 29.63
C ILE B 503 33.91 -9.53 28.46
N SER B 504 34.26 -10.80 28.69
CA SER B 504 34.30 -11.80 27.65
C SER B 504 33.26 -12.88 27.92
N LEU B 505 32.60 -13.32 26.85
CA LEU B 505 31.58 -14.35 26.94
C LEU B 505 32.12 -15.75 26.73
N LYS B 506 33.44 -15.91 26.64
CA LYS B 506 34.03 -17.23 26.50
C LYS B 506 33.84 -18.03 27.77
N GLY B 507 33.48 -19.29 27.62
CA GLY B 507 33.22 -20.15 28.75
C GLY B 507 32.28 -21.28 28.36
N ASP B 508 31.55 -21.78 29.34
CA ASP B 508 30.63 -22.88 29.15
C ASP B 508 29.19 -22.36 29.16
N ILE B 509 28.44 -22.71 28.12
CA ILE B 509 27.03 -22.33 28.01
C ILE B 509 26.18 -23.47 28.56
N GLU B 510 25.37 -23.17 29.57
CA GLU B 510 24.62 -24.19 30.30
C GLU B 510 23.17 -23.74 30.45
N PHE B 511 22.24 -24.66 30.20
CA PHE B 511 20.81 -24.38 30.28
C PHE B 511 20.21 -25.13 31.47
N ARG B 512 19.70 -24.40 32.45
CA ARG B 512 19.12 -24.99 33.66
C ARG B 512 17.61 -24.91 33.56
N ASN B 513 16.99 -26.03 33.18
CA ASN B 513 15.54 -26.20 33.20
C ASN B 513 14.82 -25.05 32.49
N VAL B 514 15.24 -24.80 31.26
CA VAL B 514 14.73 -23.68 30.48
C VAL B 514 13.36 -24.03 29.91
N ASP B 515 12.38 -23.15 30.13
CA ASP B 515 11.09 -23.25 29.49
C ASP B 515 10.84 -21.99 28.66
N PHE B 516 10.03 -22.14 27.62
CA PHE B 516 9.75 -21.00 26.76
C PHE B 516 8.48 -21.24 25.97
N ARG B 517 7.69 -20.19 25.79
CA ARG B 517 6.52 -20.19 24.94
C ARG B 517 6.45 -18.86 24.20
N TYR B 518 5.93 -18.90 22.97
CA TYR B 518 5.85 -17.71 22.12
C TYR B 518 4.53 -16.98 22.36
N GLY B 519 4.40 -16.46 23.58
CA GLY B 519 3.25 -15.64 23.92
C GLY B 519 1.98 -16.41 24.20
N LEU B 520 1.99 -17.21 25.26
CA LEU B 520 0.83 -17.98 25.69
C LEU B 520 0.38 -18.95 24.62
N ARG B 521 1.32 -19.76 24.14
CA ARG B 521 1.03 -20.81 23.17
C ARG B 521 1.62 -22.12 23.65
N LYS B 522 1.63 -23.15 22.80
CA LYS B 522 2.20 -24.42 23.19
C LYS B 522 3.70 -24.25 23.47
N PRO B 523 4.21 -24.83 24.56
CA PRO B 523 5.62 -24.62 24.92
C PRO B 523 6.56 -25.22 23.88
N VAL B 524 7.41 -24.37 23.31
CA VAL B 524 8.40 -24.84 22.33
C VAL B 524 9.42 -25.75 23.02
N LEU B 525 9.90 -25.35 24.19
CA LEU B 525 10.84 -26.15 24.98
C LEU B 525 10.18 -26.56 26.28
N LYS B 526 10.18 -27.86 26.56
CA LYS B 526 9.51 -28.40 27.74
C LYS B 526 10.46 -28.51 28.93
N ASN B 527 11.69 -28.97 28.71
CA ASN B 527 12.71 -28.99 29.76
C ASN B 527 14.05 -29.14 29.06
N ILE B 528 14.88 -28.10 29.12
CA ILE B 528 16.16 -28.06 28.42
C ILE B 528 17.28 -28.16 29.45
N ASN B 529 18.19 -29.11 29.24
CA ASN B 529 19.38 -29.27 30.08
C ASN B 529 20.52 -29.68 29.17
N LEU B 530 21.42 -28.74 28.88
CA LEU B 530 22.56 -29.01 28.02
C LEU B 530 23.71 -28.11 28.41
N THR B 531 24.92 -28.66 28.39
CA THR B 531 26.14 -27.91 28.68
C THR B 531 27.05 -27.93 27.45
N ILE B 532 27.48 -26.76 27.01
CA ILE B 532 28.33 -26.63 25.83
C ILE B 532 29.76 -26.40 26.32
N PRO B 533 30.71 -27.27 25.96
CA PRO B 533 32.09 -27.09 26.43
C PRO B 533 32.71 -25.82 25.86
N LYS B 534 33.72 -25.32 26.57
CA LYS B 534 34.36 -24.06 26.24
C LYS B 534 35.21 -24.20 24.98
N GLY B 535 35.01 -23.29 24.03
CA GLY B 535 35.86 -23.23 22.85
C GLY B 535 35.75 -24.42 21.92
N LYS B 536 34.61 -25.11 21.95
CA LYS B 536 34.39 -26.28 21.11
C LYS B 536 33.34 -25.99 20.05
N THR B 537 33.11 -26.97 19.18
CA THR B 537 32.09 -26.89 18.14
C THR B 537 31.02 -27.94 18.44
N VAL B 538 29.77 -27.49 18.53
CA VAL B 538 28.65 -28.37 18.84
C VAL B 538 27.56 -28.15 17.81
N ALA B 539 26.68 -29.15 17.69
CA ALA B 539 25.59 -29.11 16.73
C ALA B 539 24.32 -29.64 17.39
N ILE B 540 23.27 -28.83 17.38
CA ILE B 540 21.95 -29.24 17.85
C ILE B 540 21.16 -29.76 16.66
N VAL B 541 20.67 -30.99 16.76
CA VAL B 541 19.98 -31.67 15.67
C VAL B 541 18.52 -31.84 16.04
N GLY B 542 17.67 -31.79 15.02
CA GLY B 542 16.25 -32.01 15.24
C GLY B 542 15.49 -31.86 13.93
N GLU B 543 14.18 -32.06 14.04
CA GLU B 543 13.29 -31.93 12.91
C GLU B 543 12.80 -30.49 12.76
N SER B 544 11.99 -30.25 11.73
CA SER B 544 11.41 -28.93 11.54
C SER B 544 10.48 -28.59 12.70
N GLY B 545 10.64 -27.39 13.24
CA GLY B 545 9.85 -26.99 14.39
C GLY B 545 10.31 -27.56 15.70
N SER B 546 11.48 -28.19 15.75
CA SER B 546 11.97 -28.75 17.01
C SER B 546 12.23 -27.66 18.03
N GLY B 547 12.85 -26.57 17.61
CA GLY B 547 13.08 -25.45 18.50
C GLY B 547 14.51 -24.95 18.54
N LYS B 548 15.37 -25.45 17.63
CA LYS B 548 16.77 -25.08 17.66
C LYS B 548 16.96 -23.58 17.48
N THR B 549 16.20 -22.99 16.55
CA THR B 549 16.24 -21.54 16.38
C THR B 549 15.76 -20.82 17.64
N THR B 550 14.85 -21.44 18.39
CA THR B 550 14.41 -20.83 19.65
C THR B 550 15.55 -20.78 20.67
N LEU B 551 16.36 -21.86 20.77
CA LEU B 551 17.54 -21.80 21.61
C LEU B 551 18.52 -20.74 21.10
N ALA B 552 18.66 -20.62 19.77
CA ALA B 552 19.56 -19.60 19.22
C ALA B 552 19.12 -18.20 19.64
N LYS B 553 17.81 -17.93 19.58
CA LYS B 553 17.32 -16.63 20.00
C LYS B 553 17.45 -16.42 21.50
N LEU B 554 17.20 -17.47 22.28
CA LEU B 554 17.26 -17.36 23.74
C LEU B 554 18.69 -17.12 24.22
N LEU B 555 19.68 -17.65 23.50
CA LEU B 555 21.06 -17.44 23.90
C LEU B 555 21.51 -16.00 23.71
N MET B 556 20.83 -15.24 22.86
CA MET B 556 21.19 -13.87 22.56
C MET B 556 20.32 -12.84 23.29
N ASN B 557 19.47 -13.29 24.21
CA ASN B 557 18.55 -12.41 24.95
C ASN B 557 17.59 -11.67 24.03
N PHE B 558 17.23 -12.26 22.89
CA PHE B 558 16.09 -11.76 22.15
C PHE B 558 14.79 -12.07 22.87
N TYR B 559 14.77 -13.17 23.62
CA TYR B 559 13.63 -13.55 24.46
C TYR B 559 14.15 -14.07 25.79
N SER B 560 13.27 -14.10 26.78
CA SER B 560 13.66 -14.61 28.08
C SER B 560 12.89 -15.88 28.40
N PRO B 561 13.53 -16.87 29.05
CA PRO B 561 12.82 -18.10 29.41
C PRO B 561 11.82 -17.84 30.53
N GLU B 562 10.62 -18.42 30.38
CA GLU B 562 9.61 -18.24 31.41
C GLU B 562 9.97 -18.94 32.71
N LYS B 563 10.85 -19.94 32.66
CA LYS B 563 11.38 -20.57 33.86
C LYS B 563 12.70 -21.23 33.49
N GLY B 564 13.71 -21.07 34.35
CA GLY B 564 15.01 -21.66 34.14
C GLY B 564 16.07 -20.59 34.13
N ASP B 565 17.26 -20.96 33.62
CA ASP B 565 18.35 -20.01 33.55
C ASP B 565 19.29 -20.42 32.42
N ILE B 566 20.06 -19.44 31.95
CA ILE B 566 21.10 -19.65 30.95
C ILE B 566 22.38 -19.06 31.52
N LEU B 567 23.39 -19.89 31.72
CA LEU B 567 24.64 -19.47 32.32
C LEU B 567 25.76 -19.50 31.29
N ILE B 568 26.52 -18.42 31.22
CA ILE B 568 27.69 -18.31 30.37
C ILE B 568 28.89 -18.08 31.29
N ASN B 569 29.74 -19.11 31.41
CA ASN B 569 30.91 -19.07 32.28
C ASN B 569 30.48 -18.72 33.71
N GLY B 570 29.58 -19.55 34.25
CA GLY B 570 29.16 -19.39 35.64
C GLY B 570 28.45 -18.10 35.95
N HIS B 571 27.95 -17.40 34.95
CA HIS B 571 27.25 -16.12 35.14
C HIS B 571 25.89 -16.18 34.48
N SER B 572 24.88 -15.65 35.17
CA SER B 572 23.53 -15.62 34.63
C SER B 572 23.48 -14.74 33.39
N ILE B 573 22.67 -15.16 32.42
CA ILE B 573 22.56 -14.44 31.16
C ILE B 573 21.92 -13.07 31.38
N LYS B 574 21.09 -12.95 32.42
CA LYS B 574 20.36 -11.72 32.69
C LYS B 574 21.24 -10.62 33.28
N ASN B 575 22.33 -10.99 33.97
CA ASN B 575 23.16 -10.02 34.66
C ASN B 575 24.32 -9.50 33.82
N ILE B 576 24.44 -9.93 32.58
CA ILE B 576 25.48 -9.46 31.68
C ILE B 576 24.92 -8.31 30.84
N SER B 577 25.75 -7.31 30.58
CA SER B 577 25.32 -6.13 29.84
C SER B 577 24.76 -6.52 28.48
N LEU B 578 23.63 -5.91 28.12
CA LEU B 578 22.97 -6.25 26.87
C LEU B 578 23.83 -5.88 25.67
N GLU B 579 24.55 -4.76 25.75
CA GLU B 579 25.44 -4.36 24.66
C GLU B 579 26.51 -5.41 24.43
N LEU B 580 27.11 -5.92 25.52
CA LEU B 580 28.13 -6.95 25.39
C LEU B 580 27.53 -8.24 24.82
N ILE B 581 26.32 -8.60 25.25
CA ILE B 581 25.69 -9.82 24.76
C ILE B 581 25.44 -9.71 23.26
N ARG B 582 24.94 -8.57 22.80
CA ARG B 582 24.68 -8.39 21.38
C ARG B 582 25.97 -8.23 20.57
N LYS B 583 27.04 -7.75 21.19
CA LYS B 583 28.29 -7.52 20.47
C LYS B 583 29.16 -8.77 20.37
N LYS B 584 29.15 -9.64 21.37
CA LYS B 584 30.04 -10.79 21.41
C LYS B 584 29.39 -12.08 20.92
N ILE B 585 28.15 -12.03 20.46
CA ILE B 585 27.46 -13.19 19.93
C ILE B 585 26.96 -12.86 18.53
N ALA B 586 27.25 -13.74 17.58
CA ALA B 586 26.83 -13.59 16.19
C ALA B 586 25.95 -14.75 15.80
N PHE B 587 24.94 -14.49 14.98
CA PHE B 587 23.98 -15.50 14.55
C PHE B 587 23.74 -15.34 13.06
N VAL B 588 24.12 -16.36 12.29
CA VAL B 588 23.92 -16.38 10.85
C VAL B 588 22.90 -17.47 10.54
N SER B 589 21.76 -17.08 9.99
CA SER B 589 20.70 -18.01 9.62
C SER B 589 20.52 -18.01 8.10
N GLN B 590 19.69 -18.94 7.63
CA GLN B 590 19.37 -18.98 6.20
C GLN B 590 18.53 -17.79 5.77
N ASP B 591 17.87 -17.11 6.71
CA ASP B 591 17.09 -15.91 6.43
C ASP B 591 17.96 -14.71 6.75
N VAL B 592 18.73 -14.27 5.75
CA VAL B 592 19.63 -13.14 5.91
C VAL B 592 18.86 -11.85 5.62
N PHE B 593 19.36 -10.74 6.15
CA PHE B 593 18.76 -9.44 5.95
C PHE B 593 19.81 -8.51 5.36
N ILE B 594 19.55 -8.03 4.14
CA ILE B 594 20.39 -7.04 3.48
C ILE B 594 19.54 -5.80 3.25
N PHE B 595 20.05 -4.64 3.67
CA PHE B 595 19.34 -3.39 3.49
C PHE B 595 19.94 -2.59 2.35
N SER B 596 19.13 -1.72 1.76
CA SER B 596 19.55 -0.93 0.61
C SER B 596 20.76 -0.07 0.94
N GLY B 597 21.84 -0.32 0.22
CA GLY B 597 23.09 0.40 0.47
C GLY B 597 24.23 -0.30 -0.23
N THR B 598 25.41 0.30 -0.11
CA THR B 598 26.58 -0.27 -0.74
C THR B 598 27.00 -1.56 -0.05
N VAL B 599 27.87 -2.32 -0.72
CA VAL B 599 28.35 -3.57 -0.15
C VAL B 599 29.11 -3.31 1.15
N LYS B 600 29.94 -2.27 1.16
CA LYS B 600 30.67 -1.94 2.39
C LYS B 600 29.73 -1.47 3.49
N GLU B 601 28.67 -0.73 3.15
CA GLU B 601 27.73 -0.26 4.16
C GLU B 601 27.03 -1.42 4.84
N ASN B 602 26.63 -2.45 4.08
CA ASN B 602 26.01 -3.62 4.67
C ASN B 602 26.97 -4.33 5.62
N LEU B 603 28.22 -4.50 5.20
CA LEU B 603 29.20 -5.16 6.07
C LEU B 603 29.49 -4.34 7.32
N CYS B 604 29.52 -3.02 7.19
CA CYS B 604 29.74 -2.14 8.34
C CYS B 604 28.41 -1.66 8.91
N LEU B 605 27.63 -2.61 9.41
CA LEU B 605 26.34 -2.32 10.01
C LEU B 605 26.52 -2.15 11.51
N GLY B 606 26.25 -0.94 12.02
CA GLY B 606 26.38 -0.65 13.43
C GLY B 606 27.77 -0.23 13.87
N ASN B 607 28.78 -0.41 13.02
CA ASN B 607 30.15 -0.03 13.33
C ASN B 607 30.57 1.07 12.38
N GLU B 608 31.06 2.18 12.93
CA GLU B 608 31.41 3.34 12.13
C GLU B 608 32.88 3.35 11.74
N ASN B 609 33.77 3.35 12.74
CA ASN B 609 35.21 3.43 12.50
C ASN B 609 35.76 2.01 12.40
N VAL B 610 35.83 1.49 11.18
CA VAL B 610 36.37 0.17 10.91
C VAL B 610 37.31 0.27 9.71
N ASP B 611 38.45 -0.40 9.78
CA ASP B 611 39.44 -0.34 8.72
C ASP B 611 38.98 -1.15 7.52
N MET B 612 39.47 -0.75 6.33
CA MET B 612 39.11 -1.45 5.11
C MET B 612 39.84 -2.79 5.00
N ASP B 613 41.03 -2.89 5.59
CA ASP B 613 41.76 -4.16 5.58
C ASP B 613 41.00 -5.24 6.33
N GLU B 614 40.38 -4.87 7.46
CA GLU B 614 39.54 -5.82 8.17
C GLU B 614 38.36 -6.26 7.31
N ILE B 615 37.79 -5.32 6.54
CA ILE B 615 36.65 -5.66 5.68
C ILE B 615 37.07 -6.67 4.62
N ILE B 616 38.20 -6.42 3.95
CA ILE B 616 38.63 -7.33 2.90
C ILE B 616 39.04 -8.68 3.48
N LYS B 617 39.64 -8.68 4.67
CA LYS B 617 40.01 -9.95 5.30
C LYS B 617 38.77 -10.76 5.66
N ALA B 618 37.74 -10.11 6.19
CA ALA B 618 36.51 -10.80 6.53
C ALA B 618 35.82 -11.33 5.27
N ALA B 619 35.83 -10.54 4.19
CA ALA B 619 35.23 -11.01 2.95
C ALA B 619 36.00 -12.18 2.36
N LYS B 620 37.32 -12.19 2.51
CA LYS B 620 38.11 -13.32 2.05
C LYS B 620 37.81 -14.58 2.87
N MET B 621 37.72 -14.42 4.20
CA MET B 621 37.39 -15.57 5.04
C MET B 621 36.00 -16.11 4.74
N ALA B 622 35.04 -15.22 4.48
CA ALA B 622 33.70 -15.64 4.11
C ALA B 622 33.60 -16.09 2.66
N ASN B 623 34.68 -15.97 1.89
CA ASN B 623 34.75 -16.33 0.48
C ASN B 623 33.78 -15.52 -0.38
N ALA B 624 33.41 -14.33 0.06
CA ALA B 624 32.62 -13.40 -0.73
C ALA B 624 33.47 -12.39 -1.48
N HIS B 625 34.79 -12.54 -1.43
CA HIS B 625 35.72 -11.59 -2.04
C HIS B 625 35.84 -11.78 -3.55
N ASP B 626 35.18 -12.78 -4.12
CA ASP B 626 35.30 -13.03 -5.56
C ASP B 626 34.19 -12.32 -6.34
N PHE B 627 32.93 -12.66 -6.06
CA PHE B 627 31.84 -12.09 -6.84
C PHE B 627 31.65 -10.61 -6.55
N ILE B 628 32.05 -10.15 -5.36
CA ILE B 628 31.99 -8.72 -5.06
C ILE B 628 32.93 -7.95 -5.97
N GLU B 629 34.16 -8.45 -6.12
CA GLU B 629 35.08 -7.85 -7.08
C GLU B 629 34.57 -8.00 -8.51
N LYS B 630 33.86 -9.09 -8.80
CA LYS B 630 33.22 -9.22 -10.10
C LYS B 630 32.17 -8.14 -10.32
N LEU B 631 31.51 -7.70 -9.26
CA LEU B 631 30.49 -6.67 -9.39
C LEU B 631 31.12 -5.32 -9.73
N PRO B 632 30.39 -4.44 -10.41
CA PRO B 632 30.91 -3.11 -10.70
C PRO B 632 31.07 -2.28 -9.42
N LEU B 633 32.01 -1.34 -9.48
CA LEU B 633 32.36 -0.41 -8.41
C LEU B 633 33.02 -1.09 -7.22
N LYS B 634 33.23 -2.40 -7.27
CA LYS B 634 33.91 -3.17 -6.21
C LYS B 634 33.11 -3.01 -4.92
N TYR B 635 33.71 -2.56 -3.82
CA TYR B 635 33.00 -2.48 -2.55
C TYR B 635 32.19 -1.19 -2.45
N ASP B 636 31.43 -0.87 -3.49
CA ASP B 636 30.49 0.24 -3.46
C ASP B 636 29.21 -0.09 -4.19
N THR B 637 29.03 -1.32 -4.64
CA THR B 637 27.87 -1.71 -5.43
C THR B 637 26.58 -1.55 -4.64
N PHE B 638 25.74 -0.59 -5.03
CA PHE B 638 24.45 -0.43 -4.38
C PHE B 638 23.58 -1.65 -4.67
N LEU B 639 22.95 -2.18 -3.61
CA LEU B 639 22.12 -3.37 -3.72
C LEU B 639 20.66 -2.93 -3.73
N ASN B 640 20.06 -2.95 -4.92
CA ASN B 640 18.69 -2.49 -5.08
C ASN B 640 17.70 -3.47 -4.45
N GLU B 641 16.75 -2.93 -3.69
CA GLU B 641 15.65 -3.68 -3.11
C GLU B 641 16.15 -4.89 -2.30
N SER B 642 16.91 -4.58 -1.25
CA SER B 642 17.39 -5.58 -0.30
C SER B 642 18.21 -6.66 -1.00
N GLY B 643 19.18 -6.21 -1.79
CA GLY B 643 20.04 -7.14 -2.52
C GLY B 643 19.30 -8.03 -3.50
N ALA B 644 18.37 -7.47 -4.25
CA ALA B 644 17.60 -8.26 -5.20
C ALA B 644 18.50 -8.82 -6.31
N ASN B 645 19.45 -8.02 -6.78
CA ASN B 645 20.34 -8.48 -7.84
C ASN B 645 21.21 -9.65 -7.39
N LEU B 646 21.64 -9.64 -6.13
CA LEU B 646 22.42 -10.76 -5.61
C LEU B 646 21.55 -12.00 -5.48
N SER B 647 22.20 -13.16 -5.51
CA SER B 647 21.53 -14.44 -5.38
C SER B 647 21.49 -14.88 -3.92
N GLU B 648 20.72 -15.94 -3.67
CA GLU B 648 20.58 -16.45 -2.30
C GLU B 648 21.92 -16.90 -1.74
N GLY B 649 22.72 -17.60 -2.55
CA GLY B 649 24.02 -18.05 -2.09
C GLY B 649 24.98 -16.90 -1.80
N GLN B 650 24.87 -15.81 -2.55
CA GLN B 650 25.76 -14.67 -2.35
C GLN B 650 25.40 -13.90 -1.08
N LYS B 651 24.11 -13.71 -0.82
CA LYS B 651 23.70 -12.91 0.32
C LYS B 651 24.10 -13.55 1.64
N GLN B 652 24.12 -14.88 1.69
CA GLN B 652 24.56 -15.57 2.90
C GLN B 652 26.02 -15.27 3.20
N ARG B 653 26.85 -15.19 2.16
CA ARG B 653 28.27 -14.94 2.36
C ARG B 653 28.53 -13.53 2.91
N LEU B 654 27.73 -12.55 2.49
CA LEU B 654 27.83 -11.22 3.08
C LEU B 654 27.48 -11.24 4.57
N ALA B 655 26.45 -12.01 4.94
CA ALA B 655 26.09 -12.12 6.35
C ALA B 655 27.21 -12.79 7.15
N ILE B 656 27.83 -13.82 6.58
CA ILE B 656 28.95 -14.47 7.25
C ILE B 656 30.12 -13.49 7.42
N ALA B 657 30.40 -12.70 6.38
CA ALA B 657 31.46 -11.70 6.48
C ALA B 657 31.15 -10.67 7.55
N ARG B 658 29.89 -10.24 7.63
CA ARG B 658 29.48 -9.31 8.68
C ARG B 658 29.68 -9.90 10.07
N ALA B 659 29.27 -11.15 10.26
CA ALA B 659 29.43 -11.80 11.55
C ALA B 659 30.90 -11.94 11.91
N LEU B 660 31.75 -12.27 10.94
CA LEU B 660 33.18 -12.34 11.20
C LEU B 660 33.75 -10.97 11.52
N LEU B 661 33.23 -9.92 10.88
CA LEU B 661 33.64 -8.56 11.21
C LEU B 661 33.26 -8.20 12.64
N LYS B 662 32.13 -8.73 13.13
CA LYS B 662 31.75 -8.48 14.52
C LYS B 662 32.80 -9.01 15.49
N LYS B 663 33.55 -10.05 15.09
CA LYS B 663 34.58 -10.68 15.90
C LYS B 663 33.95 -11.15 17.21
N PRO B 664 33.12 -12.18 17.18
CA PRO B 664 32.36 -12.58 18.36
C PRO B 664 33.06 -13.66 19.17
N ASP B 665 32.48 -13.94 20.34
CA ASP B 665 32.92 -15.04 21.17
C ASP B 665 32.06 -16.28 21.03
N ILE B 666 30.79 -16.12 20.64
CA ILE B 666 29.89 -17.24 20.33
C ILE B 666 29.36 -17.00 18.93
N LEU B 667 29.42 -18.03 18.09
CA LEU B 667 28.98 -17.94 16.70
C LEU B 667 28.00 -19.07 16.42
N ILE B 668 26.76 -18.73 16.12
CA ILE B 668 25.70 -19.70 15.86
C ILE B 668 25.37 -19.65 14.37
N LEU B 669 25.74 -20.71 13.66
CA LEU B 669 25.52 -20.81 12.23
C LEU B 669 24.38 -21.77 11.94
N ASP B 670 23.78 -21.62 10.77
CA ASP B 670 22.66 -22.44 10.35
C ASP B 670 23.01 -23.21 9.07
N ILE B 688 34.22 -19.81 6.17
CA ILE B 688 33.44 -19.42 7.34
C ILE B 688 34.27 -19.57 8.61
N TYR B 689 34.60 -20.81 8.94
CA TYR B 689 35.36 -21.11 10.15
C TYR B 689 36.81 -20.69 9.94
N GLY B 690 37.16 -19.53 10.48
CA GLY B 690 38.53 -19.04 10.43
C GLY B 690 38.92 -18.31 11.69
N LEU B 691 38.04 -18.35 12.69
CA LEU B 691 38.27 -17.66 13.95
C LEU B 691 39.22 -18.48 14.83
N GLU B 692 39.63 -17.86 15.93
CA GLU B 692 40.46 -18.55 16.91
C GLU B 692 39.68 -19.69 17.56
N ASP B 693 40.42 -20.69 18.05
CA ASP B 693 39.79 -21.86 18.63
C ASP B 693 39.05 -21.55 19.92
N ASP B 694 39.28 -20.38 20.51
CA ASP B 694 38.63 -20.06 21.79
C ASP B 694 37.15 -19.77 21.60
N VAL B 695 36.72 -19.32 20.43
CA VAL B 695 35.32 -18.96 20.23
C VAL B 695 34.48 -20.23 20.20
N THR B 696 33.32 -20.18 20.85
CA THR B 696 32.38 -21.29 20.79
C THR B 696 31.60 -21.24 19.49
N VAL B 697 31.44 -22.40 18.86
CA VAL B 697 30.73 -22.51 17.59
C VAL B 697 29.55 -23.44 17.78
N ILE B 698 28.36 -22.97 17.40
CA ILE B 698 27.13 -23.74 17.48
C ILE B 698 26.57 -23.87 16.07
N ILE B 699 26.13 -25.09 15.72
CA ILE B 699 25.62 -25.37 14.39
C ILE B 699 24.19 -25.86 14.51
N ILE B 700 23.29 -25.26 13.74
CA ILE B 700 21.88 -25.64 13.71
C ILE B 700 21.59 -26.17 12.32
N ALA B 701 21.24 -27.44 12.22
CA ALA B 701 20.95 -28.06 10.94
C ALA B 701 20.06 -29.28 11.14
N HIS B 702 19.22 -29.54 10.16
CA HIS B 702 18.38 -30.73 10.16
C HIS B 702 19.07 -31.93 9.51
N ARG B 703 20.07 -31.70 8.67
CA ARG B 703 20.82 -32.78 8.06
C ARG B 703 21.77 -33.39 9.07
N LEU B 704 22.16 -34.65 8.81
CA LEU B 704 22.99 -35.40 9.74
C LEU B 704 24.38 -35.71 9.17
N SER B 705 24.74 -35.11 8.04
CA SER B 705 26.00 -35.44 7.36
C SER B 705 27.08 -34.40 7.58
N THR B 706 26.75 -33.11 7.48
CA THR B 706 27.76 -32.06 7.59
C THR B 706 28.31 -31.89 9.00
N ILE B 707 27.70 -32.53 9.99
CA ILE B 707 28.08 -32.33 11.39
C ILE B 707 28.64 -33.61 12.01
N VAL B 708 29.19 -34.51 11.18
CA VAL B 708 29.79 -35.72 11.72
C VAL B 708 31.04 -35.41 12.52
N ASN B 709 31.80 -34.39 12.11
CA ASN B 709 33.05 -34.04 12.75
C ASN B 709 32.87 -33.10 13.95
N CYS B 710 31.64 -32.74 14.28
CA CYS B 710 31.40 -31.88 15.44
C CYS B 710 31.81 -32.59 16.73
N ASP B 711 32.32 -31.80 17.67
CA ASP B 711 32.80 -32.36 18.94
C ASP B 711 31.66 -32.98 19.73
N LYS B 712 30.52 -32.31 19.79
CA LYS B 712 29.37 -32.80 20.52
C LYS B 712 28.10 -32.58 19.69
N ILE B 713 27.15 -33.50 19.83
CA ILE B 713 25.90 -33.45 19.10
C ILE B 713 24.76 -33.55 20.11
N TYR B 714 23.86 -32.56 20.08
CA TYR B 714 22.70 -32.53 20.96
C TYR B 714 21.45 -32.79 20.12
N LEU B 715 20.67 -33.79 20.52
CA LEU B 715 19.46 -34.15 19.80
C LEU B 715 18.25 -33.59 20.54
N LEU B 716 17.52 -32.70 19.88
CA LEU B 716 16.36 -32.03 20.46
C LEU B 716 15.09 -32.61 19.83
N LYS B 717 14.27 -33.27 20.65
CA LYS B 717 13.03 -33.84 20.19
C LYS B 717 11.93 -33.49 21.18
N ASP B 718 10.76 -33.12 20.66
CA ASP B 718 9.57 -32.82 21.47
C ASP B 718 9.87 -31.72 22.51
N GLY B 719 10.86 -30.89 22.23
CA GLY B 719 11.21 -29.81 23.15
C GLY B 719 12.15 -30.17 24.26
N GLU B 720 12.77 -31.36 24.23
CA GLU B 720 13.75 -31.74 25.24
C GLU B 720 14.95 -32.37 24.56
N ILE B 721 16.11 -32.26 25.22
CA ILE B 721 17.35 -32.87 24.72
C ILE B 721 17.30 -34.35 25.06
N VAL B 722 16.89 -35.16 24.08
CA VAL B 722 16.73 -36.60 24.35
C VAL B 722 18.09 -37.28 24.45
N GLU B 723 19.03 -36.94 23.57
CA GLU B 723 20.32 -37.60 23.53
C GLU B 723 21.42 -36.57 23.29
N SER B 724 22.63 -36.91 23.75
CA SER B 724 23.77 -36.02 23.60
C SER B 724 25.05 -36.84 23.56
N GLY B 725 26.11 -36.25 23.01
CA GLY B 725 27.41 -36.86 22.90
C GLY B 725 27.95 -36.74 21.50
N SER B 726 29.01 -37.50 21.22
CA SER B 726 29.62 -37.49 19.90
C SER B 726 28.84 -38.38 18.95
N HIS B 727 29.14 -38.24 17.65
CA HIS B 727 28.41 -38.96 16.62
C HIS B 727 28.51 -40.47 16.82
N THR B 728 29.71 -40.96 17.10
CA THR B 728 29.90 -42.40 17.28
C THR B 728 29.11 -42.92 18.48
N GLU B 729 29.09 -42.16 19.57
CA GLU B 729 28.38 -42.61 20.77
C GLU B 729 26.88 -42.70 20.51
N LEU B 730 26.29 -41.69 19.85
CA LEU B 730 24.87 -41.74 19.55
C LEU B 730 24.55 -42.86 18.56
N ILE B 731 25.41 -43.07 17.57
CA ILE B 731 25.18 -44.16 16.63
C ILE B 731 25.21 -45.51 17.35
N ALA B 732 26.17 -45.69 18.26
CA ALA B 732 26.25 -46.94 19.01
C ALA B 732 25.16 -47.04 20.07
N LEU B 733 24.65 -45.91 20.55
CA LEU B 733 23.65 -45.93 21.61
C LEU B 733 22.30 -46.46 21.12
N LYS B 734 22.09 -46.52 19.81
CA LYS B 734 20.83 -47.00 19.22
C LYS B 734 19.64 -46.16 19.69
N GLY B 735 19.84 -44.84 19.76
CA GLY B 735 18.79 -43.92 20.12
C GLY B 735 18.02 -43.41 18.92
N CYS B 736 17.32 -42.29 19.13
CA CYS B 736 16.58 -41.67 18.05
C CYS B 736 17.51 -41.11 16.96
N TYR B 737 18.75 -40.77 17.32
CA TYR B 737 19.72 -40.35 16.31
C TYR B 737 19.95 -41.46 15.29
N PHE B 738 20.08 -42.70 15.76
CA PHE B 738 20.23 -43.83 14.85
C PHE B 738 19.01 -43.99 13.96
N LYS B 739 17.81 -43.81 14.53
CA LYS B 739 16.58 -43.96 13.75
C LYS B 739 16.52 -42.93 12.64
N MET B 740 16.82 -41.66 12.95
CA MET B 740 16.74 -40.63 11.92
C MET B 740 17.91 -40.70 10.94
N TRP B 741 19.06 -41.23 11.37
CA TRP B 741 20.15 -41.46 10.43
C TRP B 741 19.79 -42.56 9.44
N LYS B 742 19.15 -43.62 9.91
CA LYS B 742 18.75 -44.70 9.01
C LYS B 742 17.61 -44.27 8.11
N GLN B 743 16.68 -43.46 8.63
CA GLN B 743 15.54 -43.03 7.82
C GLN B 743 15.96 -42.02 6.75
N THR B 744 16.77 -41.03 7.12
CA THR B 744 17.09 -39.95 6.20
C THR B 744 18.35 -40.26 5.39
N GLU B 745 19.48 -40.45 6.08
CA GLU B 745 20.76 -40.65 5.42
C GLU B 745 21.07 -42.12 5.16
N ASN B 746 20.25 -43.03 5.67
CA ASN B 746 20.44 -44.47 5.48
C ASN B 746 21.81 -44.92 6.00
N LYS C 31 13.69 20.30 -36.02
CA LYS C 31 13.12 19.00 -35.70
C LYS C 31 12.96 18.86 -34.19
N LYS C 32 11.73 18.59 -33.75
CA LYS C 32 11.42 18.54 -32.33
C LYS C 32 12.10 17.35 -31.66
N TYR C 33 12.41 17.53 -30.38
CA TYR C 33 13.00 16.48 -29.55
C TYR C 33 11.88 15.74 -28.84
N VAL C 34 11.67 14.47 -29.21
CA VAL C 34 10.60 13.66 -28.64
C VAL C 34 11.10 12.99 -27.37
N CYS C 35 10.31 13.11 -26.30
CA CYS C 35 10.68 12.52 -25.00
C CYS C 35 9.49 11.69 -24.51
N VAL C 36 9.56 10.38 -24.74
CA VAL C 36 8.53 9.47 -24.25
C VAL C 36 8.76 9.22 -22.77
N ARG C 37 7.71 9.40 -21.97
CA ARG C 37 7.80 9.25 -20.53
C ARG C 37 7.55 7.81 -20.11
N GLN C 38 7.87 7.51 -18.86
CA GLN C 38 7.76 6.17 -18.32
C GLN C 38 6.36 5.91 -17.77
N TYR C 39 5.82 4.73 -18.05
CA TYR C 39 4.59 4.27 -17.41
C TYR C 39 4.88 3.52 -16.12
N ASP C 40 6.07 2.98 -15.97
CA ASP C 40 6.47 2.21 -14.79
C ASP C 40 7.91 2.58 -14.44
N LEU C 41 8.53 1.76 -13.60
CA LEU C 41 9.89 2.05 -13.15
C LEU C 41 10.96 1.36 -13.96
N THR C 42 10.65 0.21 -14.57
CA THR C 42 11.65 -0.62 -15.23
C THR C 42 11.73 -0.39 -16.74
N ASP C 43 10.95 0.53 -17.29
CA ASP C 43 10.87 0.71 -18.74
C ASP C 43 11.64 1.93 -19.22
N CYS C 44 12.81 2.20 -18.63
CA CYS C 44 13.61 3.34 -19.08
C CYS C 44 14.19 3.09 -20.47
N GLY C 45 14.78 1.92 -20.68
CA GLY C 45 15.36 1.62 -21.98
C GLY C 45 14.31 1.50 -23.08
N ALA C 46 13.16 0.91 -22.76
CA ALA C 46 12.07 0.85 -23.72
C ALA C 46 11.58 2.24 -24.09
N ALA C 47 11.46 3.13 -23.09
CA ALA C 47 11.06 4.50 -23.37
C ALA C 47 12.08 5.22 -24.22
N CYS C 48 13.38 4.98 -23.97
CA CYS C 48 14.42 5.60 -24.77
C CYS C 48 14.36 5.13 -26.22
N LEU C 49 14.20 3.82 -26.43
CA LEU C 49 14.10 3.31 -27.79
C LEU C 49 12.85 3.83 -28.50
N SER C 50 11.73 3.93 -27.76
CA SER C 50 10.52 4.50 -28.33
C SER C 50 10.73 5.96 -28.71
N SER C 51 11.45 6.72 -27.88
CA SER C 51 11.73 8.11 -28.19
C SER C 51 12.55 8.22 -29.46
N ILE C 52 13.58 7.39 -29.60
CA ILE C 52 14.41 7.45 -30.81
C ILE C 52 13.58 7.06 -32.03
N ALA C 53 12.76 6.01 -31.92
CA ALA C 53 11.94 5.57 -33.04
C ALA C 53 10.96 6.65 -33.46
N GLN C 54 10.32 7.31 -32.50
CA GLN C 54 9.40 8.39 -32.81
C GLN C 54 10.14 9.57 -33.45
N TYR C 55 11.35 9.86 -32.98
CA TYR C 55 12.17 10.88 -33.61
C TYR C 55 12.44 10.54 -35.07
N TYR C 56 12.63 9.27 -35.36
CA TYR C 56 12.90 8.84 -36.73
C TYR C 56 11.63 8.49 -37.52
N GLY C 57 10.47 8.74 -36.95
CA GLY C 57 9.22 8.61 -37.68
C GLY C 57 8.46 7.30 -37.50
N LEU C 58 8.80 6.51 -36.49
CA LEU C 58 8.11 5.25 -36.23
C LEU C 58 7.53 5.31 -34.81
N LYS C 59 6.20 5.38 -34.72
CA LYS C 59 5.51 5.49 -33.44
C LYS C 59 4.78 4.19 -33.15
N MET C 60 5.10 3.57 -32.02
CA MET C 60 4.43 2.36 -31.58
C MET C 60 4.12 2.49 -30.08
N SER C 61 3.31 1.56 -29.58
CA SER C 61 2.97 1.57 -28.17
C SER C 61 4.14 1.11 -27.33
N LEU C 62 4.15 1.55 -26.07
CA LEU C 62 5.29 1.23 -25.20
C LEU C 62 5.29 -0.24 -24.78
N ALA C 63 4.13 -0.90 -24.79
CA ALA C 63 4.07 -2.29 -24.35
C ALA C 63 4.76 -3.22 -25.35
N LYS C 64 4.53 -3.01 -26.64
CA LYS C 64 5.18 -3.86 -27.64
C LYS C 64 6.70 -3.69 -27.62
N ILE C 65 7.16 -2.44 -27.53
CA ILE C 65 8.60 -2.18 -27.46
C ILE C 65 9.17 -2.76 -26.18
N ARG C 66 8.44 -2.65 -25.06
CA ARG C 66 8.89 -3.20 -23.81
C ARG C 66 9.05 -4.71 -23.88
N GLU C 67 8.11 -5.38 -24.56
CA GLU C 67 8.21 -6.83 -24.69
C GLU C 67 9.23 -7.26 -25.73
N MET C 68 9.57 -6.41 -26.70
CA MET C 68 10.65 -6.76 -27.62
C MET C 68 12.02 -6.58 -26.97
N THR C 69 12.18 -5.57 -26.12
CA THR C 69 13.45 -5.30 -25.48
C THR C 69 13.78 -6.30 -24.38
N GLY C 70 12.86 -7.18 -24.02
CA GLY C 70 13.10 -8.09 -22.92
C GLY C 70 13.05 -7.45 -21.56
N THR C 71 12.34 -6.32 -21.43
CA THR C 71 12.22 -5.66 -20.14
C THR C 71 11.50 -6.57 -19.14
N ASP C 72 12.06 -6.66 -17.95
CA ASP C 72 11.51 -7.49 -16.88
C ASP C 72 11.64 -6.73 -15.57
N THR C 73 11.48 -7.45 -14.46
CA THR C 73 11.53 -6.84 -13.14
C THR C 73 12.89 -6.22 -12.83
N GLN C 74 13.95 -6.62 -13.51
CA GLN C 74 15.27 -6.03 -13.34
C GLN C 74 15.59 -5.00 -14.42
N GLY C 75 14.59 -4.51 -15.14
CA GLY C 75 14.84 -3.56 -16.19
C GLY C 75 15.32 -4.23 -17.46
N THR C 76 16.02 -3.46 -18.29
CA THR C 76 16.55 -3.95 -19.55
C THR C 76 18.03 -3.61 -19.64
N ASN C 77 18.75 -4.38 -20.45
CA ASN C 77 20.17 -4.17 -20.68
C ASN C 77 20.38 -3.72 -22.12
N ALA C 78 21.64 -3.47 -22.47
CA ALA C 78 21.95 -3.01 -23.82
C ALA C 78 21.57 -4.05 -24.85
N TYR C 79 21.89 -5.32 -24.60
CA TYR C 79 21.62 -6.38 -25.58
C TYR C 79 20.17 -6.38 -26.03
N GLY C 80 19.25 -6.17 -25.08
CA GLY C 80 17.85 -6.04 -25.46
C GLY C 80 17.59 -4.84 -26.35
N LEU C 81 18.27 -3.73 -26.09
CA LEU C 81 18.08 -2.53 -26.89
C LEU C 81 18.56 -2.75 -28.33
N ILE C 82 19.75 -3.31 -28.51
CA ILE C 82 20.23 -3.59 -29.86
C ILE C 82 19.34 -4.64 -30.54
N HIS C 83 18.88 -5.65 -29.79
CA HIS C 83 18.01 -6.65 -30.37
C HIS C 83 16.72 -6.03 -30.90
N ALA C 84 16.08 -5.19 -30.10
CA ALA C 84 14.84 -4.57 -30.52
C ALA C 84 15.06 -3.57 -31.64
N ALA C 85 16.17 -2.83 -31.60
CA ALA C 85 16.48 -1.89 -32.67
C ALA C 85 16.69 -2.60 -33.99
N LYS C 86 17.42 -3.73 -33.98
CA LYS C 86 17.55 -4.53 -35.19
C LYS C 86 16.21 -5.08 -35.63
N GLN C 87 15.36 -5.47 -34.68
CA GLN C 87 14.01 -5.91 -35.03
C GLN C 87 13.19 -4.77 -35.61
N LEU C 88 13.38 -3.56 -35.11
CA LEU C 88 12.64 -2.39 -35.58
C LEU C 88 13.21 -1.78 -36.85
N GLY C 89 14.13 -2.46 -37.52
CA GLY C 89 14.71 -1.98 -38.76
C GLY C 89 15.92 -1.09 -38.59
N PHE C 90 16.29 -0.72 -37.37
CA PHE C 90 17.47 0.08 -37.15
C PHE C 90 18.74 -0.74 -37.34
N SER C 91 19.84 -0.05 -37.61
CA SER C 91 21.19 -0.59 -37.46
C SER C 91 21.76 0.02 -36.20
N ALA C 92 22.09 -0.83 -35.23
CA ALA C 92 22.49 -0.38 -33.91
C ALA C 92 23.71 -1.14 -33.43
N LYS C 93 24.46 -0.51 -32.53
CA LYS C 93 25.64 -1.13 -31.93
C LYS C 93 25.85 -0.55 -30.54
N GLY C 94 26.62 -1.26 -29.74
CA GLY C 94 26.93 -0.83 -28.38
C GLY C 94 28.43 -0.67 -28.20
N VAL C 95 28.82 0.48 -27.64
CA VAL C 95 30.22 0.82 -27.46
C VAL C 95 30.43 1.41 -26.07
N LYS C 96 31.69 1.52 -25.68
CA LYS C 96 32.08 2.20 -24.44
C LYS C 96 33.04 3.33 -24.80
N ALA C 97 32.60 4.57 -24.60
CA ALA C 97 33.34 5.75 -25.00
C ALA C 97 33.88 6.47 -23.78
N SER C 98 34.52 7.62 -24.03
CA SER C 98 35.12 8.43 -22.98
C SER C 98 34.82 9.90 -23.26
N LYS C 99 35.26 10.75 -22.33
CA LYS C 99 35.02 12.18 -22.48
C LYS C 99 35.73 12.77 -23.69
N GLU C 100 36.78 12.10 -24.19
CA GLU C 100 37.46 12.54 -25.39
C GLU C 100 36.70 12.17 -26.66
N ASP C 101 35.80 11.18 -26.59
CA ASP C 101 35.01 10.75 -27.74
C ASP C 101 33.63 11.38 -27.78
N LEU C 102 33.27 12.18 -26.78
CA LEU C 102 31.94 12.77 -26.68
C LEU C 102 31.84 14.09 -27.46
N LEU C 103 32.75 14.34 -28.39
CA LEU C 103 32.72 15.57 -29.17
C LEU C 103 33.03 15.36 -30.64
N LYS C 104 33.09 14.11 -31.11
CA LYS C 104 33.42 13.81 -32.49
C LYS C 104 32.15 13.78 -33.34
N ASP C 105 32.26 13.30 -34.57
CA ASP C 105 31.14 13.24 -35.49
C ASP C 105 30.48 11.87 -35.41
N PHE C 106 29.26 11.82 -34.86
CA PHE C 106 28.50 10.59 -34.78
C PHE C 106 27.02 10.94 -34.68
N ARG C 107 26.17 9.93 -34.88
CA ARG C 107 24.73 10.11 -34.85
C ARG C 107 24.30 10.85 -33.59
N LEU C 108 23.65 12.00 -33.79
CA LEU C 108 23.29 12.84 -32.65
C LEU C 108 22.35 12.17 -31.65
N PRO C 109 21.30 11.42 -32.06
CA PRO C 109 20.47 10.73 -31.05
C PRO C 109 21.06 9.39 -30.69
N ALA C 110 21.40 9.21 -29.41
CA ALA C 110 21.97 7.96 -28.92
C ALA C 110 21.36 7.63 -27.58
N ILE C 111 21.66 6.44 -27.06
CA ILE C 111 21.20 5.99 -25.76
C ILE C 111 22.42 5.90 -24.84
N ALA C 112 22.32 6.55 -23.68
CA ALA C 112 23.42 6.64 -22.73
C ALA C 112 23.00 6.05 -21.39
N ASN C 113 23.98 5.47 -20.70
CA ASN C 113 23.78 4.85 -19.41
C ASN C 113 24.28 5.76 -18.30
N VAL C 114 23.43 6.03 -17.31
CA VAL C 114 23.77 6.90 -16.20
C VAL C 114 23.59 6.12 -14.90
N ILE C 115 24.24 6.61 -13.85
CA ILE C 115 24.33 5.94 -12.56
C ILE C 115 23.67 6.85 -11.53
N VAL C 116 22.55 7.46 -11.91
CA VAL C 116 21.96 8.59 -11.19
C VAL C 116 21.90 8.34 -9.69
N ASP C 117 22.28 9.36 -8.92
CA ASP C 117 22.38 9.36 -7.46
C ASP C 117 23.44 8.41 -6.93
N ASN C 118 24.26 7.83 -7.81
CA ASN C 118 25.18 6.75 -7.46
C ASN C 118 24.44 5.57 -6.85
N ARG C 119 23.14 5.47 -7.15
CA ARG C 119 22.28 4.45 -6.58
C ARG C 119 21.39 3.75 -7.60
N LEU C 120 21.12 4.34 -8.76
CA LEU C 120 20.23 3.71 -9.72
C LEU C 120 20.79 3.86 -11.12
N ALA C 121 20.99 2.73 -11.80
CA ALA C 121 21.32 2.77 -13.22
C ALA C 121 20.08 3.13 -14.03
N HIS C 122 20.28 3.89 -15.10
CA HIS C 122 19.17 4.45 -15.85
C HIS C 122 19.63 4.71 -17.28
N PHE C 123 18.66 4.83 -18.18
CA PHE C 123 18.90 5.12 -19.58
C PHE C 123 18.37 6.50 -19.94
N VAL C 124 19.17 7.26 -20.69
CA VAL C 124 18.77 8.57 -21.19
C VAL C 124 19.04 8.61 -22.68
N VAL C 125 18.44 9.59 -23.36
CA VAL C 125 18.64 9.74 -24.80
C VAL C 125 19.39 11.03 -25.04
N ILE C 126 20.57 10.93 -25.65
CA ILE C 126 21.37 12.09 -26.02
C ILE C 126 20.88 12.63 -27.35
N TYR C 127 20.57 13.91 -27.39
CA TYR C 127 20.08 14.53 -28.59
C TYR C 127 21.00 15.53 -29.30
N SER C 128 21.78 16.34 -28.60
CA SER C 128 22.65 17.29 -29.26
C SER C 128 23.74 17.70 -28.30
N ILE C 129 24.97 17.78 -28.82
CA ILE C 129 26.11 18.33 -28.10
C ILE C 129 26.71 19.45 -28.94
N LYS C 130 26.72 20.66 -28.38
CA LYS C 130 27.37 21.81 -29.00
C LYS C 130 27.66 22.83 -27.90
N ASN C 131 28.84 23.44 -27.99
CA ASN C 131 29.31 24.40 -26.99
C ASN C 131 29.33 23.78 -25.58
N ARG C 132 29.61 22.48 -25.53
CA ARG C 132 29.81 21.75 -24.28
C ARG C 132 28.58 21.83 -23.37
N ILE C 133 27.42 21.49 -23.93
CA ILE C 133 26.18 21.38 -23.17
C ILE C 133 25.46 20.12 -23.64
N ILE C 134 25.33 19.14 -22.76
CA ILE C 134 24.70 17.87 -23.10
C ILE C 134 23.19 17.99 -22.94
N THR C 135 22.45 17.63 -23.98
CA THR C 135 20.99 17.64 -23.94
C THR C 135 20.50 16.20 -23.96
N VAL C 136 19.74 15.81 -22.94
CA VAL C 136 19.24 14.44 -22.82
C VAL C 136 17.76 14.44 -22.48
N ALA C 137 17.02 13.56 -23.11
CA ALA C 137 15.67 13.20 -22.70
C ALA C 137 15.78 12.09 -21.66
N ASP C 138 15.41 12.41 -20.42
CA ASP C 138 15.31 11.43 -19.34
C ASP C 138 13.87 11.01 -19.23
N PRO C 139 13.53 9.73 -19.42
CA PRO C 139 12.12 9.33 -19.38
C PRO C 139 11.43 9.63 -18.06
N GLY C 140 12.17 9.77 -16.97
CA GLY C 140 11.56 10.05 -15.68
C GLY C 140 11.37 11.52 -15.37
N LYS C 141 12.09 12.39 -16.07
CA LYS C 141 12.04 13.83 -15.81
C LYS C 141 11.52 14.63 -16.99
N GLY C 142 12.12 14.48 -18.16
CA GLY C 142 11.77 15.23 -19.33
C GLY C 142 13.02 15.60 -20.11
N ILE C 143 12.96 16.72 -20.82
CA ILE C 143 14.12 17.23 -21.53
C ILE C 143 14.96 18.04 -20.55
N VAL C 144 16.20 17.62 -20.34
CA VAL C 144 17.09 18.33 -19.43
C VAL C 144 18.43 18.56 -20.12
N ARG C 145 19.17 19.54 -19.59
CA ARG C 145 20.46 19.94 -20.14
C ARG C 145 21.48 19.94 -19.01
N TYR C 146 22.46 19.06 -19.11
CA TYR C 146 23.56 19.00 -18.17
C TYR C 146 24.80 19.67 -18.76
N SER C 147 25.74 19.99 -17.89
CA SER C 147 27.06 20.40 -18.33
C SER C 147 27.90 19.17 -18.64
N MET C 148 29.08 19.41 -19.21
CA MET C 148 30.00 18.30 -19.48
C MET C 148 30.40 17.61 -18.18
N ASP C 149 30.69 18.39 -17.14
CA ASP C 149 31.15 17.83 -15.89
C ASP C 149 30.09 16.94 -15.24
N ASP C 150 28.87 17.45 -15.10
CA ASP C 150 27.82 16.67 -14.45
C ASP C 150 27.48 15.42 -15.23
N PHE C 151 27.38 15.53 -16.57
CA PHE C 151 27.05 14.38 -17.38
C PHE C 151 28.13 13.32 -17.28
N CYS C 152 29.40 13.71 -17.45
CA CYS C 152 30.49 12.75 -17.30
C CYS C 152 30.56 12.18 -15.89
N SER C 153 30.05 12.91 -14.90
CA SER C 153 29.98 12.36 -13.54
C SER C 153 28.92 11.26 -13.47
N ILE C 154 27.78 11.46 -14.12
CA ILE C 154 26.73 10.45 -14.06
C ILE C 154 26.90 9.40 -15.16
N TRP C 155 27.52 9.78 -16.27
CA TRP C 155 27.68 8.86 -17.40
C TRP C 155 28.56 7.68 -17.00
N THR C 156 28.22 6.51 -17.56
CA THR C 156 29.00 5.29 -17.35
C THR C 156 30.08 5.10 -18.40
N GLY C 157 29.97 5.77 -19.55
CA GLY C 157 30.82 5.52 -20.67
C GLY C 157 30.22 4.64 -21.75
N GLY C 158 29.16 3.90 -21.43
CA GLY C 158 28.47 3.09 -22.42
C GLY C 158 27.50 3.90 -23.26
N LEU C 159 27.36 3.48 -24.52
CA LEU C 159 26.52 4.18 -25.47
C LEU C 159 25.96 3.17 -26.46
N VAL C 160 24.75 3.47 -26.95
CA VAL C 160 24.10 2.70 -28.01
C VAL C 160 23.92 3.63 -29.19
N LEU C 161 24.53 3.26 -30.32
CA LEU C 161 24.46 4.06 -31.54
C LEU C 161 23.46 3.44 -32.49
N LEU C 162 22.49 4.23 -32.94
CA LEU C 162 21.40 3.75 -33.78
C LEU C 162 21.30 4.62 -35.03
N GLU C 163 20.86 4.00 -36.12
CA GLU C 163 20.53 4.77 -37.32
C GLU C 163 19.54 3.98 -38.16
N PRO C 164 18.58 4.62 -38.82
CA PRO C 164 17.65 3.88 -39.67
C PRO C 164 18.40 3.12 -40.76
N GLY C 165 17.97 1.88 -41.01
CA GLY C 165 18.61 1.02 -41.98
C GLY C 165 17.82 0.91 -43.27
N GLU C 166 18.23 -0.06 -44.09
CA GLU C 166 17.53 -0.30 -45.35
C GLU C 166 16.11 -0.75 -45.13
N ALA C 167 15.89 -1.64 -44.15
CA ALA C 167 14.56 -2.16 -43.86
C ALA C 167 13.86 -1.35 -42.78
N PHE C 168 13.77 -0.03 -42.98
CA PHE C 168 13.07 0.86 -42.07
C PHE C 168 11.77 1.32 -42.70
N GLN C 169 10.67 1.19 -41.96
CA GLN C 169 9.36 1.59 -42.42
C GLN C 169 8.74 2.52 -41.39
N LYS C 170 8.39 3.72 -41.81
CA LYS C 170 7.71 4.66 -40.92
C LYS C 170 6.24 4.28 -40.78
N GLY C 171 5.57 4.93 -39.85
CA GLY C 171 4.15 4.70 -39.65
C GLY C 171 3.74 5.09 -38.25
N ASP C 172 2.45 4.91 -37.97
CA ASP C 172 1.86 5.19 -36.67
C ASP C 172 0.95 4.01 -36.32
N TYR C 173 1.49 3.08 -35.53
CA TYR C 173 0.75 1.89 -35.12
C TYR C 173 0.07 2.06 -33.77
N THR C 174 0.12 3.25 -33.19
CA THR C 174 -0.54 3.51 -31.92
C THR C 174 -2.01 3.83 -32.14
N GLN C 175 -2.83 3.43 -31.18
CA GLN C 175 -4.28 3.63 -31.25
C GLN C 175 -4.69 4.66 -30.20
N ASN C 176 -5.65 5.50 -30.56
CA ASN C 176 -6.19 6.48 -29.62
C ASN C 176 -7.07 5.75 -28.61
N MET C 177 -6.79 5.98 -27.32
CA MET C 177 -7.51 5.28 -26.26
C MET C 177 -8.74 6.03 -25.78
N MET C 178 -8.71 7.37 -25.78
CA MET C 178 -9.91 8.13 -25.44
C MET C 178 -11.09 7.74 -26.33
N VAL C 179 -10.82 7.39 -27.59
CA VAL C 179 -11.91 7.04 -28.49
C VAL C 179 -12.69 5.83 -27.95
N LYS C 180 -11.98 4.77 -27.55
CA LYS C 180 -12.66 3.57 -27.07
C LYS C 180 -13.18 3.74 -25.65
N PHE C 181 -12.42 4.44 -24.80
CA PHE C 181 -12.91 4.66 -23.45
C PHE C 181 -14.11 5.60 -23.42
N ALA C 182 -14.32 6.38 -24.47
CA ALA C 182 -15.57 7.11 -24.64
C ALA C 182 -16.61 6.28 -25.37
N GLY C 183 -16.17 5.31 -26.18
CA GLY C 183 -17.09 4.35 -26.75
C GLY C 183 -17.80 3.52 -25.71
N PHE C 184 -17.20 3.38 -24.52
CA PHE C 184 -17.96 2.85 -23.40
C PHE C 184 -19.18 3.70 -23.03
N LEU C 185 -19.22 4.97 -23.46
CA LEU C 185 -20.37 5.82 -23.15
C LEU C 185 -21.55 5.59 -24.09
N LYS C 186 -21.38 4.81 -25.16
CA LYS C 186 -22.47 4.61 -26.11
C LYS C 186 -23.70 3.96 -25.49
N PRO C 187 -23.60 2.87 -24.71
CA PRO C 187 -24.82 2.30 -24.11
C PRO C 187 -25.49 3.21 -23.09
N LEU C 188 -24.77 4.18 -22.53
CA LEU C 188 -25.29 5.05 -21.48
C LEU C 188 -25.63 6.45 -21.98
N LYS C 189 -26.15 6.55 -23.20
CA LYS C 189 -26.43 7.87 -23.76
C LYS C 189 -27.68 8.50 -23.19
N LYS C 190 -28.68 7.69 -22.79
CA LYS C 190 -29.90 8.24 -22.22
C LYS C 190 -29.63 8.93 -20.89
N THR C 191 -28.78 8.32 -20.05
CA THR C 191 -28.41 8.94 -18.78
C THR C 191 -27.69 10.26 -18.99
N VAL C 192 -26.80 10.31 -19.98
CA VAL C 192 -26.10 11.55 -20.29
C VAL C 192 -27.07 12.63 -20.73
N LEU C 193 -28.07 12.25 -21.55
CA LEU C 193 -29.07 13.21 -21.99
C LEU C 193 -29.90 13.72 -20.81
N CYS C 194 -30.27 12.83 -19.89
CA CYS C 194 -31.02 13.27 -18.71
C CYS C 194 -30.19 14.22 -17.86
N ILE C 195 -28.91 13.92 -17.66
CA ILE C 195 -28.04 14.81 -16.90
C ILE C 195 -27.93 16.16 -17.59
N PHE C 196 -27.82 16.15 -18.92
CA PHE C 196 -27.72 17.40 -19.68
C PHE C 196 -28.97 18.24 -19.51
N LEU C 197 -30.15 17.62 -19.65
CA LEU C 197 -31.40 18.36 -19.51
C LEU C 197 -31.55 18.91 -18.09
N ALA C 198 -31.22 18.11 -17.08
CA ALA C 198 -31.30 18.58 -15.71
C ALA C 198 -30.34 19.75 -15.47
N SER C 199 -29.15 19.69 -16.05
CA SER C 199 -28.18 20.77 -15.88
C SER C 199 -28.66 22.06 -16.52
N LEU C 200 -29.22 21.98 -17.73
CA LEU C 200 -29.76 23.19 -18.35
C LEU C 200 -30.94 23.76 -17.57
N LEU C 201 -31.82 22.90 -17.06
CA LEU C 201 -32.94 23.41 -16.25
C LEU C 201 -32.43 24.06 -14.97
N TYR C 202 -31.43 23.45 -14.33
CA TYR C 202 -30.82 24.02 -13.14
C TYR C 202 -30.22 25.39 -13.43
N THR C 203 -29.48 25.49 -14.54
CA THR C 203 -28.87 26.76 -14.92
C THR C 203 -29.92 27.83 -15.20
N ALA C 204 -30.99 27.47 -15.90
CA ALA C 204 -32.04 28.44 -16.19
C ALA C 204 -32.69 28.92 -14.90
N LEU C 205 -32.97 28.01 -13.97
CA LEU C 205 -33.58 28.41 -12.70
C LEU C 205 -32.64 29.30 -11.90
N GLY C 206 -31.34 29.01 -11.90
CA GLY C 206 -30.40 29.85 -11.18
C GLY C 206 -30.28 31.23 -11.78
N ILE C 207 -30.23 31.32 -13.11
CA ILE C 207 -30.17 32.61 -13.78
C ILE C 207 -31.44 33.41 -13.49
N ALA C 208 -32.59 32.75 -13.52
CA ALA C 208 -33.84 33.44 -13.19
C ALA C 208 -33.83 33.94 -11.76
N GLY C 209 -33.32 33.14 -10.83
CA GLY C 209 -33.26 33.55 -9.43
C GLY C 209 -32.23 34.60 -9.13
N SER C 210 -31.27 34.81 -10.03
CA SER C 210 -30.26 35.85 -9.81
C SER C 210 -30.81 37.27 -9.85
N PHE C 211 -32.05 37.46 -10.29
CA PHE C 211 -32.65 38.79 -10.41
C PHE C 211 -33.49 39.17 -9.21
N TYR C 212 -33.47 38.36 -8.15
CA TYR C 212 -34.22 38.70 -6.94
C TYR C 212 -33.73 39.99 -6.32
N ILE C 213 -32.40 40.18 -6.26
CA ILE C 213 -31.84 41.38 -5.66
C ILE C 213 -32.19 42.62 -6.49
N LYS C 214 -32.22 42.47 -7.82
CA LYS C 214 -32.62 43.57 -8.68
C LYS C 214 -34.07 43.95 -8.45
N PHE C 215 -34.96 42.94 -8.40
CA PHE C 215 -36.36 43.22 -8.15
C PHE C 215 -36.56 43.83 -6.78
N LEU C 216 -35.73 43.45 -5.81
CA LEU C 216 -35.82 44.03 -4.48
C LEU C 216 -35.45 45.51 -4.50
N PHE C 217 -34.24 45.83 -4.95
CA PHE C 217 -33.73 47.18 -4.80
C PHE C 217 -34.36 48.16 -5.79
N ASP C 218 -34.56 47.74 -7.05
CA ASP C 218 -35.08 48.68 -8.04
C ASP C 218 -36.58 48.90 -7.91
N ASP C 219 -37.33 47.90 -7.49
CA ASP C 219 -38.78 48.01 -7.62
C ASP C 219 -39.53 47.80 -6.32
N LEU C 220 -39.08 46.88 -5.45
CA LEU C 220 -39.82 46.56 -4.24
C LEU C 220 -39.46 47.48 -3.08
N ILE C 221 -38.17 47.64 -2.81
CA ILE C 221 -37.74 48.52 -1.73
C ILE C 221 -38.05 49.97 -2.07
N LYS C 222 -37.82 50.37 -3.32
CA LYS C 222 -37.94 51.77 -3.70
C LYS C 222 -39.36 52.28 -3.54
N PHE C 223 -40.34 51.48 -3.95
CA PHE C 223 -41.74 51.89 -3.93
C PHE C 223 -42.50 51.40 -2.70
N GLU C 224 -41.82 50.72 -1.77
CA GLU C 224 -42.42 50.26 -0.52
C GLU C 224 -43.66 49.40 -0.76
N LYS C 225 -43.52 48.43 -1.65
CA LYS C 225 -44.61 47.51 -1.97
C LYS C 225 -44.42 46.25 -1.12
N LEU C 226 -45.31 46.05 -0.14
CA LEU C 226 -45.09 45.02 0.86
C LEU C 226 -45.68 43.68 0.44
N ASN C 227 -46.92 43.67 -0.06
CA ASN C 227 -47.52 42.42 -0.48
C ASN C 227 -46.75 41.79 -1.64
N ASP C 228 -46.39 42.62 -2.63
CA ASP C 228 -45.61 42.13 -3.75
C ASP C 228 -44.26 41.59 -3.28
N LEU C 229 -43.69 42.19 -2.24
CA LEU C 229 -42.45 41.67 -1.67
C LEU C 229 -42.63 40.22 -1.24
N HIS C 230 -43.71 39.93 -0.50
CA HIS C 230 -43.97 38.57 -0.04
C HIS C 230 -44.20 37.64 -1.22
N ILE C 231 -44.97 38.08 -2.21
CA ILE C 231 -45.28 37.20 -3.35
C ILE C 231 -44.01 36.84 -4.12
N ILE C 232 -43.19 37.85 -4.44
CA ILE C 232 -41.98 37.59 -5.21
C ILE C 232 -40.97 36.78 -4.40
N SER C 233 -40.88 37.03 -3.09
CA SER C 233 -39.98 36.24 -2.26
C SER C 233 -40.40 34.77 -2.22
N ALA C 234 -41.70 34.52 -2.09
CA ALA C 234 -42.18 33.13 -2.11
C ALA C 234 -41.91 32.48 -3.46
N GLY C 235 -42.11 33.22 -4.55
CA GLY C 235 -41.83 32.66 -5.87
C GLY C 235 -40.38 32.29 -6.05
N PHE C 236 -39.47 33.16 -5.60
CA PHE C 236 -38.05 32.85 -5.74
C PHE C 236 -37.62 31.73 -4.79
N ALA C 237 -38.27 31.60 -3.64
CA ALA C 237 -38.02 30.46 -2.78
C ALA C 237 -38.43 29.16 -3.46
N VAL C 238 -39.58 29.16 -4.14
CA VAL C 238 -40.02 27.98 -4.88
C VAL C 238 -39.03 27.66 -5.99
N ILE C 239 -38.54 28.68 -6.69
CA ILE C 239 -37.55 28.47 -7.74
C ILE C 239 -36.30 27.81 -7.16
N PHE C 240 -35.82 28.29 -6.01
CA PHE C 240 -34.63 27.70 -5.40
C PHE C 240 -34.88 26.25 -4.99
N LEU C 241 -36.08 25.95 -4.48
CA LEU C 241 -36.39 24.57 -4.11
C LEU C 241 -36.37 23.65 -5.33
N LEU C 242 -36.93 24.12 -6.45
CA LEU C 242 -36.87 23.35 -7.68
C LEU C 242 -35.41 23.12 -8.11
N GLN C 243 -34.59 24.16 -7.96
CA GLN C 243 -33.17 24.04 -8.28
C GLN C 243 -32.49 22.98 -7.43
N ILE C 244 -32.81 22.95 -6.13
CA ILE C 244 -32.25 21.93 -5.23
C ILE C 244 -32.67 20.54 -5.67
N PHE C 245 -33.95 20.37 -6.02
CA PHE C 245 -34.41 19.05 -6.46
C PHE C 245 -33.68 18.60 -7.72
N LEU C 246 -33.49 19.52 -8.67
CA LEU C 246 -32.77 19.19 -9.89
C LEU C 246 -31.33 18.79 -9.60
N ASN C 247 -30.68 19.50 -8.67
CA ASN C 247 -29.31 19.14 -8.30
C ASN C 247 -29.26 17.76 -7.66
N TYR C 248 -30.25 17.44 -6.82
CA TYR C 248 -30.32 16.11 -6.22
C TYR C 248 -30.39 15.02 -7.29
N TYR C 249 -31.33 15.18 -8.22
CA TYR C 249 -31.52 14.19 -9.29
C TYR C 249 -30.27 14.05 -10.14
N ARG C 250 -29.66 15.18 -10.52
CA ARG C 250 -28.47 15.16 -11.35
C ARG C 250 -27.30 14.50 -10.63
N SER C 251 -27.15 14.76 -9.33
CA SER C 251 -26.06 14.14 -8.57
C SER C 251 -26.23 12.63 -8.52
N ILE C 252 -27.46 12.16 -8.29
CA ILE C 252 -27.68 10.71 -8.26
C ILE C 252 -27.32 10.09 -9.61
N LEU C 253 -27.78 10.71 -10.70
CA LEU C 253 -27.50 10.16 -12.02
C LEU C 253 -26.01 10.15 -12.32
N VAL C 254 -25.29 11.23 -11.96
CA VAL C 254 -23.87 11.31 -12.24
C VAL C 254 -23.11 10.24 -11.46
N THR C 255 -23.47 10.05 -10.19
CA THR C 255 -22.81 9.02 -9.38
C THR C 255 -23.00 7.64 -10.00
N LYS C 256 -24.25 7.32 -10.40
CA LYS C 256 -24.50 6.01 -10.97
C LYS C 256 -23.74 5.80 -12.28
N LEU C 257 -23.71 6.84 -13.14
CA LEU C 257 -22.97 6.74 -14.39
C LEU C 257 -21.48 6.51 -14.14
N GLY C 258 -20.91 7.24 -13.18
CA GLY C 258 -19.50 7.08 -12.88
C GLY C 258 -19.18 5.68 -12.39
N MET C 259 -20.02 5.14 -11.49
CA MET C 259 -19.77 3.79 -11.00
C MET C 259 -19.88 2.78 -12.13
N SER C 260 -20.86 2.95 -13.03
CA SER C 260 -21.02 2.02 -14.15
C SER C 260 -19.78 2.02 -15.02
N ILE C 261 -19.25 3.19 -15.35
CA ILE C 261 -18.09 3.24 -16.24
C ILE C 261 -16.84 2.69 -15.54
N ASP C 262 -16.67 3.00 -14.25
CA ASP C 262 -15.56 2.40 -13.50
C ASP C 262 -15.61 0.89 -13.55
N LYS C 263 -16.79 0.31 -13.25
CA LYS C 263 -16.89 -1.14 -13.23
C LYS C 263 -16.62 -1.73 -14.60
N SER C 264 -17.15 -1.11 -15.66
CA SER C 264 -16.94 -1.63 -17.00
C SER C 264 -15.45 -1.65 -17.35
N ILE C 265 -14.76 -0.53 -17.13
CA ILE C 265 -13.33 -0.46 -17.49
C ILE C 265 -12.53 -1.45 -16.66
N MET C 266 -12.80 -1.51 -15.35
CA MET C 266 -12.05 -2.40 -14.47
C MET C 266 -12.23 -3.86 -14.89
N MET C 267 -13.46 -4.26 -15.17
CA MET C 267 -13.71 -5.65 -15.51
C MET C 267 -13.14 -6.00 -16.87
N GLU C 268 -13.19 -5.07 -17.83
CA GLU C 268 -12.55 -5.34 -19.12
C GLU C 268 -11.05 -5.55 -18.95
N TYR C 269 -10.40 -4.67 -18.18
CA TYR C 269 -8.96 -4.80 -17.98
C TYR C 269 -8.63 -6.13 -17.30
N TYR C 270 -9.37 -6.48 -16.26
CA TYR C 270 -9.07 -7.71 -15.52
C TYR C 270 -9.30 -8.95 -16.39
N SER C 271 -10.40 -8.97 -17.15
CA SER C 271 -10.69 -10.10 -18.01
C SER C 271 -9.60 -10.28 -19.07
N HIS C 272 -9.11 -9.17 -19.64
CA HIS C 272 -8.02 -9.30 -20.61
C HIS C 272 -6.74 -9.76 -19.95
N VAL C 273 -6.45 -9.25 -18.74
CA VAL C 273 -5.20 -9.59 -18.07
C VAL C 273 -5.16 -11.07 -17.73
N LEU C 274 -6.30 -11.64 -17.32
CA LEU C 274 -6.32 -13.06 -16.97
C LEU C 274 -6.04 -13.97 -18.16
N LYS C 275 -6.08 -13.47 -19.39
CA LYS C 275 -5.85 -14.29 -20.58
C LYS C 275 -4.44 -14.14 -21.15
N LEU C 276 -3.63 -13.24 -20.63
CA LEU C 276 -2.32 -12.97 -21.19
C LEU C 276 -1.34 -14.10 -20.86
N PRO C 277 -0.27 -14.27 -21.67
CA PRO C 277 0.69 -15.34 -21.40
C PRO C 277 1.47 -15.13 -20.12
N MET C 278 2.27 -16.12 -19.73
CA MET C 278 3.02 -16.03 -18.48
C MET C 278 4.23 -15.11 -18.58
N ASN C 279 4.71 -14.82 -19.79
CA ASN C 279 5.79 -13.84 -19.93
C ASN C 279 5.32 -12.44 -19.61
N PHE C 280 4.00 -12.19 -19.66
CA PHE C 280 3.47 -10.91 -19.19
C PHE C 280 3.58 -10.78 -17.68
N PHE C 281 3.42 -11.89 -16.96
CA PHE C 281 3.43 -11.85 -15.50
C PHE C 281 4.84 -11.98 -14.93
N ASN C 282 5.73 -12.72 -15.60
CA ASN C 282 7.10 -12.82 -15.11
C ASN C 282 7.85 -11.50 -15.28
N SER C 283 7.46 -10.68 -16.25
CA SER C 283 8.17 -9.45 -16.57
C SER C 283 7.66 -8.24 -15.79
N ARG C 284 6.61 -8.39 -15.00
CA ARG C 284 6.02 -7.27 -14.27
C ARG C 284 5.77 -7.67 -12.83
N LYS C 285 5.69 -6.66 -11.97
CA LYS C 285 5.38 -6.86 -10.56
C LYS C 285 3.87 -6.86 -10.34
N VAL C 286 3.46 -7.22 -9.13
CA VAL C 286 2.04 -7.23 -8.79
C VAL C 286 1.49 -5.81 -8.78
N GLY C 287 2.25 -4.86 -8.19
CA GLY C 287 1.77 -3.49 -8.14
C GLY C 287 1.61 -2.86 -9.51
N GLU C 288 2.49 -3.23 -10.45
CA GLU C 288 2.36 -2.74 -11.82
C GLU C 288 1.03 -3.17 -12.44
N ILE C 289 0.63 -4.42 -12.21
CA ILE C 289 -0.64 -4.91 -12.73
C ILE C 289 -1.83 -4.35 -11.97
N ILE C 290 -1.68 -4.03 -10.68
CA ILE C 290 -2.80 -3.55 -9.88
C ILE C 290 -3.07 -2.06 -10.06
N SER C 291 -2.04 -1.25 -10.32
CA SER C 291 -2.24 0.20 -10.44
C SER C 291 -3.15 0.58 -11.59
N ARG C 292 -3.36 -0.31 -12.56
CA ARG C 292 -4.30 0.00 -13.63
C ARG C 292 -5.74 0.08 -13.13
N PHE C 293 -6.02 -0.46 -11.95
CA PHE C 293 -7.36 -0.31 -11.38
C PHE C 293 -7.61 1.13 -10.94
N MET C 294 -6.58 1.84 -10.49
CA MET C 294 -6.69 3.27 -10.26
C MET C 294 -6.66 4.04 -11.59
N ASP C 295 -5.88 3.55 -12.55
CA ASP C 295 -5.90 4.14 -13.88
C ASP C 295 -7.31 4.13 -14.47
N ALA C 296 -8.10 3.11 -14.16
CA ALA C 296 -9.48 3.05 -14.66
C ALA C 296 -10.31 4.22 -14.16
N SER C 297 -10.20 4.54 -12.87
CA SER C 297 -10.91 5.70 -12.32
C SER C 297 -10.37 7.00 -12.90
N LYS C 298 -9.06 7.07 -13.12
CA LYS C 298 -8.49 8.25 -13.76
C LYS C 298 -9.07 8.46 -15.16
N ILE C 299 -9.24 7.36 -15.90
CA ILE C 299 -9.86 7.44 -17.23
C ILE C 299 -11.30 7.90 -17.12
N ARG C 300 -12.04 7.33 -16.17
CA ARG C 300 -13.47 7.67 -16.04
C ARG C 300 -13.66 9.14 -15.72
N GLN C 301 -12.78 9.70 -14.88
CA GLN C 301 -12.94 11.10 -14.47
C GLN C 301 -12.97 12.05 -15.67
N ALA C 302 -12.36 11.66 -16.79
CA ALA C 302 -12.45 12.46 -18.00
C ALA C 302 -13.46 11.91 -18.99
N ILE C 303 -13.77 10.62 -18.93
CA ILE C 303 -14.80 10.08 -19.82
C ILE C 303 -16.17 10.63 -19.40
N SER C 304 -16.44 10.69 -18.10
CA SER C 304 -17.70 11.22 -17.60
C SER C 304 -17.60 12.71 -17.25
N GLY C 305 -16.65 13.06 -16.39
CA GLY C 305 -16.59 14.43 -15.91
C GLY C 305 -16.28 15.44 -16.99
N ALA C 306 -15.29 15.16 -17.83
CA ALA C 306 -14.82 16.15 -18.80
C ALA C 306 -15.86 16.40 -19.88
N THR C 307 -16.52 15.36 -20.37
CA THR C 307 -17.51 15.54 -21.43
C THR C 307 -18.69 16.40 -20.95
N LEU C 308 -19.29 16.01 -19.82
CA LEU C 308 -20.40 16.76 -19.27
C LEU C 308 -19.98 18.17 -18.91
N THR C 309 -18.80 18.33 -18.32
CA THR C 309 -18.29 19.65 -17.99
C THR C 309 -18.19 20.50 -19.25
N ILE C 310 -17.57 19.97 -20.31
CA ILE C 310 -17.36 20.76 -21.52
C ILE C 310 -18.70 21.21 -22.08
N MET C 311 -19.64 20.28 -22.27
CA MET C 311 -20.93 20.65 -22.86
C MET C 311 -21.67 21.66 -21.98
N ILE C 312 -21.98 21.28 -20.75
CA ILE C 312 -22.83 22.09 -19.88
C ILE C 312 -22.18 23.45 -19.63
N ASP C 313 -20.89 23.46 -19.31
CA ASP C 313 -20.23 24.71 -18.94
C ASP C 313 -19.96 25.59 -20.15
N THR C 314 -19.73 25.03 -21.34
CA THR C 314 -19.62 25.88 -22.51
C THR C 314 -20.94 26.60 -22.78
N ILE C 315 -22.05 25.86 -22.76
CA ILE C 315 -23.34 26.48 -23.01
C ILE C 315 -23.65 27.52 -21.93
N MET C 316 -23.40 27.17 -20.66
CA MET C 316 -23.71 28.06 -19.55
C MET C 316 -22.83 29.30 -19.58
N ALA C 317 -21.55 29.15 -19.92
CA ALA C 317 -20.66 30.30 -20.01
C ALA C 317 -21.09 31.23 -21.13
N VAL C 318 -21.48 30.68 -22.28
CA VAL C 318 -21.94 31.53 -23.38
C VAL C 318 -23.18 32.32 -22.96
N ILE C 319 -24.14 31.64 -22.34
CA ILE C 319 -25.39 32.31 -21.94
C ILE C 319 -25.10 33.37 -20.88
N GLY C 320 -24.28 33.04 -19.89
CA GLY C 320 -23.96 34.00 -18.85
C GLY C 320 -23.20 35.20 -19.37
N GLY C 321 -22.29 34.97 -20.32
CA GLY C 321 -21.59 36.09 -20.94
C GLY C 321 -22.52 36.99 -21.72
N ILE C 322 -23.49 36.39 -22.44
CA ILE C 322 -24.47 37.20 -23.16
C ILE C 322 -25.27 38.05 -22.18
N LEU C 323 -25.72 37.45 -21.08
CA LEU C 323 -26.50 38.19 -20.09
C LEU C 323 -25.68 39.30 -19.46
N LEU C 324 -24.42 39.02 -19.11
CA LEU C 324 -23.56 40.04 -18.51
C LEU C 324 -23.30 41.18 -19.49
N TYR C 325 -23.12 40.87 -20.77
CA TYR C 325 -22.94 41.92 -21.75
C TYR C 325 -24.20 42.76 -21.92
N ILE C 326 -25.37 42.13 -21.81
CA ILE C 326 -26.62 42.90 -21.84
C ILE C 326 -26.71 43.84 -20.64
N GLN C 327 -26.31 43.37 -19.46
CA GLN C 327 -26.37 44.23 -18.28
C GLN C 327 -25.45 45.44 -18.43
N ASN C 328 -24.19 45.22 -18.76
CA ASN C 328 -23.25 46.32 -19.00
C ASN C 328 -22.02 45.81 -19.74
N SER C 329 -21.58 46.56 -20.76
CA SER C 329 -20.45 46.11 -21.56
C SER C 329 -19.12 46.29 -20.82
N SER C 330 -18.93 47.42 -20.14
CA SER C 330 -17.67 47.66 -19.45
C SER C 330 -17.44 46.67 -18.31
N LEU C 331 -18.49 46.40 -17.53
CA LEU C 331 -18.37 45.42 -16.46
C LEU C 331 -18.11 44.02 -17.01
N PHE C 332 -18.73 43.70 -18.15
CA PHE C 332 -18.46 42.41 -18.78
C PHE C 332 -17.01 42.31 -19.23
N PHE C 333 -16.46 43.40 -19.79
CA PHE C 333 -15.05 43.38 -20.18
C PHE C 333 -14.14 43.25 -18.97
N ILE C 334 -14.49 43.88 -17.86
CA ILE C 334 -13.71 43.74 -16.64
C ILE C 334 -13.72 42.29 -16.17
N SER C 335 -14.89 41.65 -16.17
CA SER C 335 -14.98 40.26 -15.76
C SER C 335 -14.21 39.34 -16.71
N PHE C 336 -14.25 39.65 -18.02
CA PHE C 336 -13.49 38.87 -18.98
C PHE C 336 -12.00 38.98 -18.71
N ILE C 337 -11.52 40.18 -18.39
CA ILE C 337 -10.11 40.36 -18.04
C ILE C 337 -9.78 39.58 -16.77
N ILE C 338 -10.71 39.56 -15.81
CA ILE C 338 -10.50 38.81 -14.58
C ILE C 338 -10.28 37.34 -14.89
N ILE C 339 -11.18 36.76 -15.69
CA ILE C 339 -11.08 35.33 -15.97
C ILE C 339 -9.86 35.03 -16.85
N LEU C 340 -9.48 35.96 -17.73
CA LEU C 340 -8.28 35.79 -18.53
C LEU C 340 -7.04 35.73 -17.63
N LEU C 341 -6.95 36.64 -16.66
CA LEU C 341 -5.83 36.65 -15.74
C LEU C 341 -5.80 35.37 -14.91
N TYR C 342 -6.96 34.92 -14.45
CA TYR C 342 -7.01 33.67 -13.69
C TYR C 342 -6.52 32.50 -14.53
N GLY C 343 -6.98 32.42 -15.78
CA GLY C 343 -6.55 31.34 -16.65
C GLY C 343 -5.06 31.37 -16.91
N ILE C 344 -4.50 32.56 -17.15
CA ILE C 344 -3.07 32.68 -17.38
C ILE C 344 -2.29 32.21 -16.16
N ILE C 345 -2.71 32.63 -14.97
CA ILE C 345 -2.00 32.25 -13.74
C ILE C 345 -2.05 30.75 -13.54
N VAL C 346 -3.23 30.14 -13.72
CA VAL C 346 -3.38 28.71 -13.51
C VAL C 346 -2.54 27.93 -14.53
N THR C 347 -2.57 28.36 -15.80
CA THR C 347 -1.79 27.67 -16.82
C THR C 347 -0.29 27.76 -16.52
N VAL C 348 0.17 28.93 -16.06
CA VAL C 348 1.58 29.09 -15.72
C VAL C 348 1.95 28.17 -14.56
N PHE C 349 1.10 28.11 -13.54
CA PHE C 349 1.43 27.33 -12.34
C PHE C 349 1.17 25.85 -12.47
N ASN C 350 0.55 25.40 -13.57
CA ASN C 350 0.17 23.99 -13.69
C ASN C 350 1.38 23.05 -13.62
N LYS C 351 2.40 23.29 -14.46
CA LYS C 351 3.49 22.33 -14.58
C LYS C 351 4.33 22.22 -13.31
N PRO C 352 4.80 23.30 -12.68
CA PRO C 352 5.61 23.14 -11.47
C PRO C 352 4.89 22.39 -10.36
N ILE C 353 3.57 22.52 -10.27
CA ILE C 353 2.81 21.78 -9.26
C ILE C 353 2.91 20.28 -9.53
N GLN C 354 2.80 19.88 -10.80
CA GLN C 354 2.95 18.48 -11.16
C GLN C 354 4.35 17.97 -10.84
N ASN C 355 5.38 18.76 -11.15
CA ASN C 355 6.74 18.34 -10.85
C ASN C 355 6.96 18.17 -9.35
N ALA C 356 6.46 19.11 -8.55
CA ALA C 356 6.60 19.03 -7.11
C ALA C 356 5.85 17.82 -6.55
N ASN C 357 4.66 17.54 -7.08
CA ASN C 357 3.91 16.37 -6.62
C ASN C 357 4.65 15.08 -6.95
N ARG C 358 5.26 15.01 -8.14
CA ARG C 358 6.03 13.83 -8.49
C ARG C 358 7.22 13.65 -7.55
N GLN C 359 7.92 14.74 -7.23
CA GLN C 359 9.05 14.65 -6.31
C GLN C 359 8.58 14.19 -4.93
N ILE C 360 7.44 14.70 -4.47
CA ILE C 360 6.91 14.32 -3.16
C ILE C 360 6.57 12.83 -3.14
N MET C 361 5.93 12.34 -4.21
CA MET C 361 5.62 10.91 -4.26
C MET C 361 6.88 10.06 -4.24
N GLU C 362 7.91 10.48 -4.98
CA GLU C 362 9.17 9.73 -4.95
C GLU C 362 9.77 9.69 -3.55
N ASP C 363 9.78 10.83 -2.85
CA ASP C 363 10.35 10.88 -1.51
C ASP C 363 9.53 10.04 -0.53
N ASN C 364 8.20 10.06 -0.65
CA ASN C 364 7.37 9.22 0.19
C ASN C 364 7.65 7.74 -0.07
N ALA C 365 7.83 7.36 -1.33
CA ALA C 365 8.16 5.97 -1.64
C ALA C 365 9.47 5.56 -1.01
N LYS C 366 10.49 6.43 -1.09
CA LYS C 366 11.78 6.11 -0.48
C LYS C 366 11.65 5.98 1.04
N LEU C 367 10.92 6.89 1.68
CA LEU C 367 10.75 6.82 3.13
C LEU C 367 10.01 5.56 3.54
N THR C 368 8.95 5.20 2.81
CA THR C 368 8.21 3.99 3.14
C THR C 368 9.07 2.75 2.97
N SER C 369 9.88 2.70 1.90
CA SER C 369 10.78 1.58 1.70
C SER C 369 11.78 1.46 2.84
N ALA C 370 12.35 2.58 3.28
CA ALA C 370 13.30 2.55 4.39
C ALA C 370 12.63 2.07 5.67
N LEU C 371 11.42 2.56 5.95
CA LEU C 371 10.72 2.15 7.17
C LEU C 371 10.42 0.67 7.15
N VAL C 372 9.94 0.15 6.02
CA VAL C 372 9.60 -1.26 5.91
C VAL C 372 10.85 -2.12 6.07
N GLU C 373 11.95 -1.71 5.42
CA GLU C 373 13.19 -2.46 5.55
C GLU C 373 13.68 -2.48 7.00
N SER C 374 13.60 -1.34 7.69
CA SER C 374 14.09 -1.27 9.05
C SER C 374 13.22 -2.11 10.00
N VAL C 375 11.90 -2.09 9.80
CA VAL C 375 11.03 -2.87 10.67
C VAL C 375 11.20 -4.36 10.41
N LYS C 376 11.27 -4.77 9.14
CA LYS C 376 11.42 -6.18 8.82
C LYS C 376 12.73 -6.75 9.35
N GLY C 377 13.82 -6.01 9.20
CA GLY C 377 15.11 -6.48 9.66
C GLY C 377 15.51 -5.91 11.01
N ILE C 378 14.53 -5.81 11.92
CA ILE C 378 14.81 -5.23 13.23
C ILE C 378 15.75 -6.12 14.03
N GLU C 379 15.65 -7.45 13.86
CA GLU C 379 16.51 -8.35 14.63
C GLU C 379 17.98 -8.15 14.30
N THR C 380 18.30 -7.98 13.01
CA THR C 380 19.68 -7.71 12.64
C THR C 380 20.16 -6.38 13.19
N ILE C 381 19.31 -5.36 13.17
CA ILE C 381 19.67 -4.06 13.72
C ILE C 381 19.98 -4.18 15.20
N LYS C 382 19.14 -4.91 15.94
CA LYS C 382 19.38 -5.11 17.37
C LYS C 382 20.65 -5.91 17.61
N SER C 383 20.89 -6.94 16.79
CA SER C 383 22.08 -7.76 16.97
C SER C 383 23.36 -6.95 16.74
N PHE C 384 23.36 -6.09 15.73
CA PHE C 384 24.54 -5.28 15.43
C PHE C 384 24.50 -3.91 16.10
N GLY C 385 23.46 -3.60 16.86
CA GLY C 385 23.41 -2.33 17.58
C GLY C 385 23.36 -1.12 16.69
N ALA C 386 22.56 -1.17 15.63
CA ALA C 386 22.45 -0.08 14.66
C ALA C 386 21.14 0.69 14.79
N GLU C 387 20.64 0.84 16.02
CA GLU C 387 19.41 1.61 16.22
C GLU C 387 19.65 3.09 15.96
N GLU C 388 20.78 3.61 16.42
CA GLU C 388 21.08 5.03 16.21
C GLU C 388 21.26 5.37 14.74
N GLN C 389 21.98 4.51 14.00
CA GLN C 389 22.19 4.76 12.58
C GLN C 389 20.88 4.71 11.82
N THR C 390 20.03 3.73 12.12
CA THR C 390 18.73 3.63 11.47
C THR C 390 17.86 4.84 11.81
N GLU C 391 17.90 5.28 13.06
CA GLU C 391 17.15 6.46 13.47
C GLU C 391 17.60 7.69 12.70
N LYS C 392 18.91 7.86 12.55
CA LYS C 392 19.44 9.01 11.82
C LYS C 392 19.06 8.95 10.34
N SER C 393 19.14 7.76 9.74
CA SER C 393 18.79 7.62 8.33
C SER C 393 17.31 7.92 8.10
N THR C 394 16.44 7.40 8.96
CA THR C 394 15.02 7.69 8.84
C THR C 394 14.72 9.16 9.08
N ARG C 395 15.44 9.79 10.01
CA ARG C 395 15.27 11.23 10.23
C ARG C 395 15.67 12.02 8.99
N ASP C 396 16.77 11.62 8.34
CA ASP C 396 17.19 12.30 7.12
C ASP C 396 16.16 12.14 6.02
N LYS C 397 15.59 10.95 5.87
CA LYS C 397 14.59 10.75 4.82
C LYS C 397 13.31 11.52 5.14
N ILE C 398 12.93 11.61 6.42
CA ILE C 398 11.79 12.42 6.81
C ILE C 398 12.05 13.89 6.49
N GLU C 399 13.28 14.36 6.76
CA GLU C 399 13.64 15.73 6.43
C GLU C 399 13.53 15.98 4.93
N THR C 400 13.98 15.02 4.12
CA THR C 400 13.86 15.17 2.67
C THR C 400 12.39 15.24 2.25
N VAL C 401 11.55 14.39 2.83
CA VAL C 401 10.12 14.41 2.49
C VAL C 401 9.50 15.75 2.88
N MET C 402 9.84 16.27 4.06
CA MET C 402 9.30 17.55 4.49
C MET C 402 9.78 18.69 3.60
N LYS C 403 11.05 18.64 3.17
CA LYS C 403 11.57 19.65 2.26
C LYS C 403 10.83 19.61 0.92
N SER C 404 10.54 18.41 0.42
CA SER C 404 9.80 18.31 -0.83
C SER C 404 8.36 18.75 -0.67
N SER C 405 7.78 18.56 0.51
CA SER C 405 6.40 18.97 0.74
C SER C 405 6.25 20.49 0.88
N PHE C 406 7.28 21.16 1.39
CA PHE C 406 7.22 22.61 1.52
C PHE C 406 7.32 23.30 0.17
N LYS C 407 8.05 22.71 -0.78
CA LYS C 407 8.16 23.31 -2.11
C LYS C 407 6.81 23.32 -2.83
N GLU C 408 6.04 22.24 -2.71
CA GLU C 408 4.71 22.23 -3.28
C GLU C 408 3.75 23.08 -2.46
N GLY C 409 3.93 23.13 -1.15
CA GLY C 409 3.10 24.00 -0.33
C GLY C 409 3.27 25.46 -0.68
N MET C 410 4.51 25.89 -0.92
CA MET C 410 4.76 27.26 -1.34
C MET C 410 4.18 27.54 -2.71
N LEU C 411 4.20 26.56 -3.62
CA LEU C 411 3.60 26.74 -4.94
C LEU C 411 2.10 26.97 -4.83
N TYR C 412 1.43 26.16 -4.01
CA TYR C 412 -0.01 26.34 -3.82
C TYR C 412 -0.31 27.65 -3.09
N ILE C 413 0.53 28.04 -2.14
CA ILE C 413 0.32 29.30 -1.43
C ILE C 413 0.45 30.48 -2.39
N ASN C 414 1.47 30.46 -3.26
CA ASN C 414 1.64 31.52 -4.25
C ASN C 414 0.48 31.54 -5.23
N LEU C 415 0.04 30.38 -5.69
CA LEU C 415 -1.09 30.31 -6.62
C LEU C 415 -2.35 30.88 -5.97
N SER C 416 -2.63 30.47 -4.74
CA SER C 416 -3.82 30.95 -4.04
C SER C 416 -3.73 32.45 -3.78
N SER C 417 -2.56 32.96 -3.45
CA SER C 417 -2.41 34.39 -3.21
C SER C 417 -2.63 35.20 -4.49
N LEU C 418 -2.06 34.75 -5.61
CA LEU C 418 -2.29 35.45 -6.88
C LEU C 418 -3.74 35.38 -7.30
N THR C 419 -4.37 34.21 -7.17
CA THR C 419 -5.78 34.08 -7.51
C THR C 419 -6.66 34.94 -6.63
N GLY C 420 -6.34 35.02 -5.33
CA GLY C 420 -7.10 35.88 -4.45
C GLY C 420 -6.93 37.34 -4.76
N ILE C 421 -5.71 37.75 -5.11
CA ILE C 421 -5.48 39.12 -5.55
C ILE C 421 -6.37 39.43 -6.75
N VAL C 422 -6.32 38.56 -7.75
CA VAL C 422 -7.10 38.80 -8.97
C VAL C 422 -8.59 38.88 -8.65
N ALA C 423 -9.10 37.91 -7.89
CA ALA C 423 -10.54 37.85 -7.62
C ALA C 423 -11.00 39.04 -6.79
N GLY C 424 -10.31 39.33 -5.69
CA GLY C 424 -10.73 40.42 -4.83
C GLY C 424 -10.59 41.78 -5.48
N LEU C 425 -9.47 42.04 -6.15
CA LEU C 425 -9.32 43.30 -6.85
C LEU C 425 -10.32 43.42 -7.99
N GLY C 426 -10.65 42.31 -8.65
CA GLY C 426 -11.66 42.36 -9.69
C GLY C 426 -13.04 42.67 -9.14
N GLY C 427 -13.39 42.09 -8.00
CA GLY C 427 -14.66 42.42 -7.37
C GLY C 427 -14.73 43.88 -6.95
N ILE C 428 -13.64 44.39 -6.36
CA ILE C 428 -13.60 45.79 -5.95
C ILE C 428 -13.73 46.70 -7.17
N VAL C 429 -13.01 46.38 -8.25
CA VAL C 429 -13.06 47.20 -9.46
C VAL C 429 -14.44 47.10 -10.11
N ILE C 430 -15.09 45.94 -10.06
CA ILE C 430 -16.43 45.80 -10.62
C ILE C 430 -17.41 46.68 -9.86
N LEU C 431 -17.33 46.66 -8.52
CA LEU C 431 -18.21 47.53 -7.74
C LEU C 431 -17.90 49.00 -8.00
N TRP C 432 -16.61 49.34 -8.12
CA TRP C 432 -16.19 50.72 -8.40
C TRP C 432 -16.77 51.21 -9.73
N ALA C 433 -16.57 50.44 -10.80
CA ALA C 433 -17.06 50.83 -12.11
C ALA C 433 -18.58 50.79 -12.18
N GLY C 434 -19.23 49.87 -11.48
CA GLY C 434 -20.67 49.85 -11.45
C GLY C 434 -21.23 51.07 -10.75
N ALA C 435 -20.61 51.48 -9.65
CA ALA C 435 -21.03 52.71 -8.98
C ALA C 435 -20.81 53.92 -9.89
N TYR C 436 -19.69 53.94 -10.62
CA TYR C 436 -19.45 55.01 -11.58
C TYR C 436 -20.55 55.05 -12.64
N ASN C 437 -20.96 53.89 -13.14
CA ASN C 437 -21.99 53.84 -14.18
C ASN C 437 -23.35 54.22 -13.63
N VAL C 438 -23.66 53.82 -12.40
CA VAL C 438 -24.92 54.20 -11.78
C VAL C 438 -24.99 55.70 -11.57
N ILE C 439 -23.88 56.30 -11.12
CA ILE C 439 -23.83 57.76 -10.96
C ILE C 439 -24.03 58.44 -12.30
N LYS C 440 -23.48 57.87 -13.36
CA LYS C 440 -23.61 58.43 -14.71
C LYS C 440 -24.89 58.01 -15.41
N GLY C 441 -25.74 57.21 -14.76
CA GLY C 441 -27.03 56.85 -15.32
C GLY C 441 -27.04 55.67 -16.26
N ASN C 442 -25.88 55.06 -16.53
CA ASN C 442 -25.83 53.91 -17.44
C ASN C 442 -26.41 52.65 -16.82
N MET C 443 -26.60 52.61 -15.50
CA MET C 443 -27.11 51.44 -14.82
C MET C 443 -28.05 51.87 -13.70
N SER C 444 -28.44 50.91 -12.88
CA SER C 444 -29.12 51.17 -11.63
C SER C 444 -28.50 50.27 -10.56
N GLY C 445 -28.68 50.66 -9.30
CA GLY C 445 -28.12 49.87 -8.21
C GLY C 445 -28.60 48.43 -8.22
N GLY C 446 -29.89 48.24 -8.49
CA GLY C 446 -30.40 46.89 -8.62
C GLY C 446 -29.75 46.12 -9.76
N GLN C 447 -29.49 46.81 -10.88
CA GLN C 447 -28.81 46.17 -11.99
C GLN C 447 -27.38 45.79 -11.65
N LEU C 448 -26.69 46.63 -10.87
CA LEU C 448 -25.33 46.29 -10.44
C LEU C 448 -25.34 45.08 -9.51
N LEU C 449 -26.30 45.04 -8.58
CA LEU C 449 -26.41 43.89 -7.69
C LEU C 449 -26.75 42.62 -8.47
N ALA C 450 -27.62 42.75 -9.48
CA ALA C 450 -27.95 41.61 -10.33
C ALA C 450 -26.74 41.15 -11.13
N PHE C 451 -25.91 42.08 -11.59
CA PHE C 451 -24.68 41.73 -12.29
C PHE C 451 -23.74 40.95 -11.37
N ASN C 452 -23.60 41.41 -10.13
CA ASN C 452 -22.76 40.69 -9.17
C ASN C 452 -23.30 39.30 -8.91
N ALA C 453 -24.63 39.15 -8.82
CA ALA C 453 -25.23 37.84 -8.65
C ALA C 453 -25.01 36.96 -9.87
N LEU C 454 -25.12 37.52 -11.07
CA LEU C 454 -25.00 36.77 -12.31
C LEU C 454 -23.56 36.40 -12.63
N LEU C 455 -22.59 37.06 -11.99
CA LEU C 455 -21.19 36.70 -12.21
C LEU C 455 -20.89 35.24 -11.91
N ALA C 456 -21.68 34.60 -11.04
CA ALA C 456 -21.47 33.20 -10.71
C ALA C 456 -21.79 32.26 -11.88
N TYR C 457 -22.48 32.75 -12.91
CA TYR C 457 -22.84 31.92 -14.05
C TYR C 457 -22.01 32.23 -15.27
N PHE C 458 -20.96 33.02 -15.14
CA PHE C 458 -19.98 33.21 -16.19
C PHE C 458 -18.55 32.92 -15.72
N LEU C 459 -18.19 33.30 -14.50
CA LEU C 459 -16.85 33.03 -14.00
C LEU C 459 -16.68 31.57 -13.64
N THR C 460 -17.69 30.96 -13.00
CA THR C 460 -17.58 29.56 -12.60
C THR C 460 -17.48 28.61 -13.79
N PRO C 461 -18.30 28.71 -14.85
CA PRO C 461 -18.14 27.79 -15.98
C PRO C 461 -16.78 27.89 -16.66
N VAL C 462 -16.29 29.11 -16.90
CA VAL C 462 -15.00 29.27 -17.56
C VAL C 462 -13.88 28.81 -16.65
N LYS C 463 -14.01 29.03 -15.33
CA LYS C 463 -13.01 28.52 -14.40
C LYS C 463 -12.98 26.99 -14.41
N ASN C 464 -14.15 26.36 -14.47
CA ASN C 464 -14.21 24.90 -14.54
C ASN C 464 -13.61 24.39 -15.85
N LEU C 465 -13.88 25.08 -16.96
CA LEU C 465 -13.28 24.68 -18.22
C LEU C 465 -11.77 24.82 -18.21
N ILE C 466 -11.26 25.90 -17.57
CA ILE C 466 -9.82 26.08 -17.44
C ILE C 466 -9.22 25.00 -16.56
N ASP C 467 -9.93 24.60 -15.51
CA ASP C 467 -9.43 23.62 -14.55
C ASP C 467 -9.42 22.20 -15.09
N LEU C 468 -9.71 22.00 -16.38
CA LEU C 468 -9.69 20.67 -16.97
C LEU C 468 -8.34 20.28 -17.52
N GLN C 469 -7.36 21.19 -17.54
CA GLN C 469 -6.04 20.84 -18.08
C GLN C 469 -5.35 19.74 -17.28
N PRO C 470 -5.24 19.81 -15.94
CA PRO C 470 -4.60 18.69 -15.23
C PRO C 470 -5.41 17.41 -15.28
N LEU C 471 -6.74 17.51 -15.41
CA LEU C 471 -7.59 16.32 -15.41
C LEU C 471 -7.52 15.56 -16.73
N ILE C 472 -7.28 16.25 -17.84
CA ILE C 472 -7.25 15.58 -19.14
C ILE C 472 -5.87 14.99 -19.44
N GLN C 473 -4.79 15.65 -19.04
CA GLN C 473 -3.46 15.08 -19.26
C GLN C 473 -3.26 13.81 -18.43
N THR C 474 -3.67 13.85 -17.16
CA THR C 474 -3.59 12.67 -16.32
C THR C 474 -4.43 11.53 -16.88
N ALA C 475 -5.63 11.85 -17.36
CA ALA C 475 -6.49 10.84 -17.95
C ALA C 475 -5.88 10.27 -19.22
N VAL C 476 -5.21 11.11 -20.02
CA VAL C 476 -4.57 10.62 -21.24
C VAL C 476 -3.44 9.65 -20.90
N VAL C 477 -2.63 10.00 -19.90
CA VAL C 477 -1.55 9.10 -19.49
C VAL C 477 -2.13 7.79 -18.97
N ALA C 478 -3.17 7.86 -18.14
CA ALA C 478 -3.78 6.65 -17.59
C ALA C 478 -4.40 5.80 -18.69
N SER C 479 -5.05 6.43 -19.66
CA SER C 479 -5.67 5.70 -20.76
C SER C 479 -4.61 4.99 -21.59
N ASN C 480 -3.50 5.65 -21.87
CA ASN C 480 -2.42 4.98 -22.58
C ASN C 480 -1.89 3.80 -21.78
N ARG C 481 -1.65 4.00 -20.49
CA ARG C 481 -1.14 2.93 -19.63
C ARG C 481 -2.06 1.71 -19.66
N LEU C 482 -3.36 1.94 -19.45
CA LEU C 482 -4.29 0.81 -19.36
C LEU C 482 -4.55 0.18 -20.72
N GLY C 483 -4.75 0.99 -21.75
CA GLY C 483 -5.14 0.47 -23.05
C GLY C 483 -4.01 -0.04 -23.91
N GLU C 484 -2.75 0.19 -23.53
CA GLU C 484 -1.67 -0.48 -24.23
C GLU C 484 -1.61 -1.96 -23.89
N ILE C 485 -2.05 -2.34 -22.69
CA ILE C 485 -2.12 -3.75 -22.32
C ILE C 485 -3.22 -4.47 -23.09
N LEU C 486 -4.37 -3.81 -23.28
CA LEU C 486 -5.48 -4.43 -23.99
C LEU C 486 -5.18 -4.72 -25.45
N GLU C 487 -4.10 -4.15 -26.00
CA GLU C 487 -3.67 -4.45 -27.36
C GLU C 487 -2.75 -5.66 -27.43
N LEU C 488 -2.33 -6.20 -26.30
CA LEU C 488 -1.44 -7.35 -26.28
C LEU C 488 -2.19 -8.62 -26.65
N ALA C 489 -1.52 -9.51 -27.37
CA ALA C 489 -2.13 -10.77 -27.76
C ALA C 489 -2.28 -11.69 -26.56
N THR C 490 -3.39 -12.41 -26.50
CA THR C 490 -3.65 -13.34 -25.42
C THR C 490 -2.94 -14.67 -25.69
N GLU C 491 -3.00 -15.55 -24.69
CA GLU C 491 -2.32 -16.84 -24.80
C GLU C 491 -2.93 -17.70 -25.89
N LYS C 492 -4.26 -17.69 -26.01
CA LYS C 492 -4.92 -18.49 -27.04
C LYS C 492 -4.72 -17.91 -28.43
N GLU C 493 -4.60 -16.59 -28.54
CA GLU C 493 -4.42 -15.96 -29.85
C GLU C 493 -3.10 -16.38 -30.48
N LEU C 494 -2.03 -16.44 -29.69
CA LEU C 494 -0.72 -16.82 -30.20
C LEU C 494 -0.61 -18.31 -30.51
N ARG C 495 -1.61 -19.11 -30.15
CA ARG C 495 -1.56 -20.55 -30.40
C ARG C 495 -1.62 -20.82 -31.90
N GLU C 496 -0.99 -21.92 -32.30
CA GLU C 496 -0.96 -22.34 -33.70
C GLU C 496 -2.17 -23.22 -34.00
N ASP C 497 -2.16 -23.84 -35.18
CA ASP C 497 -3.26 -24.72 -35.56
C ASP C 497 -3.20 -26.01 -34.75
N SER C 498 -4.29 -26.32 -34.03
CA SER C 498 -4.35 -27.48 -33.14
C SER C 498 -5.35 -28.48 -33.69
N ASP C 499 -4.84 -29.66 -34.07
CA ASP C 499 -5.73 -30.73 -34.48
C ASP C 499 -6.53 -31.26 -33.29
N ASP C 500 -7.80 -31.54 -33.51
CA ASP C 500 -8.70 -32.04 -32.47
C ASP C 500 -8.74 -33.55 -32.39
N PHE C 501 -7.68 -34.22 -32.82
CA PHE C 501 -7.61 -35.68 -32.76
C PHE C 501 -6.94 -36.20 -31.50
N VAL C 502 -5.99 -35.44 -30.94
CA VAL C 502 -5.34 -35.85 -29.71
C VAL C 502 -6.30 -35.65 -28.54
N ILE C 503 -6.47 -36.70 -27.73
CA ILE C 503 -7.41 -36.66 -26.63
C ILE C 503 -6.71 -37.05 -25.33
N SER C 504 -5.50 -37.59 -25.45
CA SER C 504 -4.75 -38.03 -24.28
C SER C 504 -3.27 -37.72 -24.49
N LEU C 505 -2.57 -37.46 -23.39
CA LEU C 505 -1.16 -37.12 -23.41
C LEU C 505 -0.28 -38.25 -22.87
N LYS C 506 -0.69 -39.50 -23.10
CA LYS C 506 0.06 -40.65 -22.62
C LYS C 506 1.03 -41.10 -23.72
N GLY C 507 2.31 -41.06 -23.42
CA GLY C 507 3.32 -41.46 -24.39
C GLY C 507 4.67 -40.89 -24.02
N ASP C 508 5.66 -41.24 -24.83
CA ASP C 508 7.03 -40.76 -24.61
C ASP C 508 7.08 -39.25 -24.80
N ILE C 509 7.88 -38.58 -23.95
CA ILE C 509 8.03 -37.14 -23.99
C ILE C 509 9.44 -36.85 -24.51
N GLU C 510 9.51 -36.19 -25.67
CA GLU C 510 10.77 -35.96 -26.35
C GLU C 510 11.09 -34.47 -26.40
N PHE C 511 12.30 -34.13 -25.97
CA PHE C 511 12.84 -32.77 -26.11
C PHE C 511 13.92 -32.79 -27.17
N ARG C 512 13.63 -32.20 -28.34
CA ARG C 512 14.56 -32.19 -29.47
C ARG C 512 15.16 -30.80 -29.61
N ASN C 513 16.44 -30.68 -29.27
CA ASN C 513 17.22 -29.46 -29.50
C ASN C 513 16.55 -28.24 -28.88
N VAL C 514 15.96 -28.44 -27.70
CA VAL C 514 15.17 -27.38 -27.06
C VAL C 514 16.13 -26.32 -26.54
N ASP C 515 15.88 -25.07 -26.91
CA ASP C 515 16.60 -23.92 -26.40
C ASP C 515 15.62 -22.98 -25.72
N PHE C 516 16.07 -22.32 -24.66
CA PHE C 516 15.19 -21.42 -23.93
C PHE C 516 16.02 -20.37 -23.20
N ARG C 517 15.40 -19.22 -22.98
CA ARG C 517 15.98 -18.14 -22.20
C ARG C 517 14.84 -17.27 -21.67
N TYR C 518 14.95 -16.84 -20.41
CA TYR C 518 13.91 -16.03 -19.80
C TYR C 518 14.08 -14.59 -20.26
N GLY C 519 13.20 -14.14 -21.16
CA GLY C 519 13.38 -12.83 -21.75
C GLY C 519 14.63 -12.80 -22.62
N LEU C 520 15.27 -11.64 -22.66
CA LEU C 520 16.54 -11.48 -23.35
C LEU C 520 17.70 -11.54 -22.36
N ARG C 521 17.84 -12.69 -21.71
CA ARG C 521 18.93 -12.97 -20.78
C ARG C 521 19.80 -14.08 -21.35
N LYS C 522 20.78 -14.51 -20.55
CA LYS C 522 21.62 -15.62 -20.95
C LYS C 522 20.79 -16.88 -21.07
N PRO C 523 21.08 -17.76 -22.04
CA PRO C 523 20.26 -18.96 -22.21
C PRO C 523 20.29 -19.85 -20.99
N VAL C 524 19.14 -20.46 -20.70
CA VAL C 524 19.03 -21.39 -19.58
C VAL C 524 19.22 -22.83 -20.05
N LEU C 525 18.59 -23.20 -21.16
CA LEU C 525 18.72 -24.53 -21.74
C LEU C 525 19.45 -24.40 -23.08
N LYS C 526 20.58 -25.10 -23.19
CA LYS C 526 21.40 -25.08 -24.40
C LYS C 526 21.29 -26.44 -25.07
N ASN C 527 20.34 -26.57 -26.00
CA ASN C 527 20.15 -27.78 -26.81
C ASN C 527 19.86 -29.00 -25.92
N ILE C 528 18.72 -28.93 -25.23
CA ILE C 528 18.22 -30.10 -24.52
C ILE C 528 17.74 -31.14 -25.51
N ASN C 529 18.17 -32.39 -25.31
CA ASN C 529 17.70 -33.52 -26.11
C ASN C 529 17.53 -34.70 -25.17
N LEU C 530 16.28 -35.13 -24.96
CA LEU C 530 16.02 -36.22 -24.04
C LEU C 530 14.74 -36.92 -24.44
N THR C 531 14.57 -38.14 -23.92
CA THR C 531 13.36 -38.91 -24.13
C THR C 531 12.92 -39.55 -22.82
N ILE C 532 11.69 -39.31 -22.43
CA ILE C 532 11.09 -39.89 -21.22
C ILE C 532 10.14 -40.99 -21.66
N PRO C 533 10.35 -42.24 -21.25
CA PRO C 533 9.50 -43.34 -21.70
C PRO C 533 8.06 -43.18 -21.23
N LYS C 534 7.21 -44.04 -21.77
CA LYS C 534 5.77 -43.99 -21.50
C LYS C 534 5.46 -44.77 -20.23
N GLY C 535 4.89 -44.08 -19.24
CA GLY C 535 4.46 -44.71 -18.02
C GLY C 535 5.54 -44.97 -16.99
N LYS C 536 6.78 -44.58 -17.26
CA LYS C 536 7.87 -44.84 -16.33
C LYS C 536 8.08 -43.64 -15.40
N THR C 537 8.55 -43.94 -14.20
CA THR C 537 8.84 -42.92 -13.19
C THR C 537 10.29 -42.50 -13.37
N VAL C 538 10.50 -41.35 -14.00
CA VAL C 538 11.82 -40.83 -14.23
C VAL C 538 12.03 -39.60 -13.35
N ALA C 539 13.28 -39.17 -13.22
CA ALA C 539 13.60 -38.01 -12.40
C ALA C 539 14.67 -37.16 -13.07
N ILE C 540 14.64 -35.87 -12.76
CA ILE C 540 15.60 -34.90 -13.27
C ILE C 540 16.38 -34.37 -12.08
N VAL C 541 17.71 -34.54 -12.10
CA VAL C 541 18.55 -34.12 -11.00
C VAL C 541 19.54 -33.08 -11.49
N GLY C 542 20.07 -32.33 -10.54
CA GLY C 542 21.01 -31.27 -10.84
C GLY C 542 21.17 -30.36 -9.64
N GLU C 543 21.97 -29.32 -9.84
CA GLU C 543 22.19 -28.34 -8.78
C GLU C 543 21.09 -27.29 -8.79
N SER C 544 21.10 -26.42 -7.78
CA SER C 544 20.11 -25.36 -7.69
C SER C 544 20.38 -24.31 -8.75
N GLY C 545 19.32 -23.86 -9.43
CA GLY C 545 19.47 -22.91 -10.52
C GLY C 545 19.92 -23.51 -11.82
N SER C 546 20.02 -24.84 -11.91
CA SER C 546 20.44 -25.47 -13.16
C SER C 546 19.41 -25.25 -14.26
N GLY C 547 18.13 -25.27 -13.91
CA GLY C 547 17.07 -25.08 -14.88
C GLY C 547 16.09 -26.24 -14.94
N LYS C 548 16.01 -27.00 -13.84
CA LYS C 548 15.13 -28.16 -13.82
C LYS C 548 13.66 -27.76 -13.86
N THR C 549 13.30 -26.67 -13.17
CA THR C 549 11.93 -26.18 -13.21
C THR C 549 11.58 -25.67 -14.60
N THR C 550 12.56 -25.20 -15.36
CA THR C 550 12.31 -24.69 -16.70
C THR C 550 11.78 -25.79 -17.61
N LEU C 551 12.32 -27.00 -17.50
CA LEU C 551 11.82 -28.12 -18.29
C LEU C 551 10.36 -28.41 -17.96
N ALA C 552 10.00 -28.38 -16.68
CA ALA C 552 8.61 -28.61 -16.29
C ALA C 552 7.71 -27.51 -16.83
N LYS C 553 8.14 -26.25 -16.76
CA LYS C 553 7.33 -25.15 -17.27
C LYS C 553 7.15 -25.26 -18.77
N LEU C 554 8.21 -25.63 -19.50
CA LEU C 554 8.10 -25.79 -20.95
C LEU C 554 7.22 -26.98 -21.31
N LEU C 555 7.27 -28.04 -20.51
CA LEU C 555 6.42 -29.21 -20.77
C LEU C 555 4.95 -28.86 -20.63
N MET C 556 4.60 -28.02 -19.64
CA MET C 556 3.23 -27.58 -19.48
C MET C 556 2.83 -26.50 -20.47
N ASN C 557 3.76 -26.05 -21.31
CA ASN C 557 3.53 -25.07 -22.36
C ASN C 557 3.21 -23.68 -21.82
N PHE C 558 3.68 -23.36 -20.60
CA PHE C 558 3.63 -21.97 -20.15
C PHE C 558 4.51 -21.08 -21.02
N TYR C 559 5.67 -21.58 -21.40
CA TYR C 559 6.59 -20.89 -22.29
C TYR C 559 6.87 -21.77 -23.50
N SER C 560 7.27 -21.13 -24.59
CA SER C 560 7.61 -21.89 -25.78
C SER C 560 9.11 -21.83 -26.05
N PRO C 561 9.72 -22.92 -26.49
CA PRO C 561 11.17 -22.89 -26.77
C PRO C 561 11.48 -22.06 -27.99
N GLU C 562 12.50 -21.22 -27.88
CA GLU C 562 12.92 -20.42 -29.02
C GLU C 562 13.54 -21.25 -30.13
N LYS C 563 14.04 -22.44 -29.80
CA LYS C 563 14.58 -23.36 -30.80
C LYS C 563 14.36 -24.78 -30.29
N GLY C 564 14.05 -25.68 -31.21
CA GLY C 564 13.76 -27.05 -30.88
C GLY C 564 12.26 -27.30 -30.77
N ASP C 565 11.93 -28.50 -30.29
CA ASP C 565 10.53 -28.88 -30.21
C ASP C 565 10.33 -29.84 -29.04
N ILE C 566 9.09 -29.89 -28.56
CA ILE C 566 8.69 -30.79 -27.49
C ILE C 566 7.54 -31.65 -28.02
N LEU C 567 7.66 -32.97 -27.88
CA LEU C 567 6.72 -33.91 -28.45
C LEU C 567 6.13 -34.80 -27.36
N ILE C 568 4.81 -34.93 -27.34
CA ILE C 568 4.12 -35.83 -26.44
C ILE C 568 3.33 -36.82 -27.29
N ASN C 569 3.62 -38.12 -27.12
CA ASN C 569 2.99 -39.18 -27.89
C ASN C 569 3.23 -39.01 -29.39
N GLY C 570 4.39 -38.47 -29.76
CA GLY C 570 4.73 -38.22 -31.15
C GLY C 570 4.30 -36.86 -31.67
N HIS C 571 3.09 -36.43 -31.32
CA HIS C 571 2.59 -35.15 -31.79
C HIS C 571 3.34 -34.00 -31.12
N SER C 572 3.51 -32.91 -31.87
CA SER C 572 4.14 -31.73 -31.32
C SER C 572 3.23 -31.05 -30.29
N ILE C 573 3.85 -30.47 -29.27
CA ILE C 573 3.08 -29.82 -28.20
C ILE C 573 2.34 -28.59 -28.70
N LYS C 574 2.84 -27.93 -29.74
CA LYS C 574 2.19 -26.72 -30.25
C LYS C 574 0.90 -27.01 -30.98
N ASN C 575 0.70 -28.24 -31.42
CA ASN C 575 -0.49 -28.61 -32.20
C ASN C 575 -1.52 -29.35 -31.36
N ILE C 576 -1.40 -29.35 -30.04
CA ILE C 576 -2.37 -29.96 -29.15
C ILE C 576 -3.08 -28.84 -28.41
N SER C 577 -4.40 -28.97 -28.26
CA SER C 577 -5.21 -27.91 -27.70
C SER C 577 -4.72 -27.52 -26.31
N LEU C 578 -4.69 -26.22 -26.03
CA LEU C 578 -4.22 -25.73 -24.74
C LEU C 578 -5.06 -26.25 -23.59
N GLU C 579 -6.36 -26.45 -23.83
CA GLU C 579 -7.23 -26.97 -22.78
C GLU C 579 -6.77 -28.36 -22.34
N LEU C 580 -6.48 -29.24 -23.29
CA LEU C 580 -6.02 -30.58 -22.95
C LEU C 580 -4.66 -30.55 -22.27
N ILE C 581 -3.75 -29.69 -22.75
CA ILE C 581 -2.43 -29.59 -22.15
C ILE C 581 -2.54 -29.14 -20.70
N ARG C 582 -3.37 -28.12 -20.44
CA ARG C 582 -3.52 -27.62 -19.09
C ARG C 582 -4.31 -28.58 -18.20
N LYS C 583 -5.17 -29.41 -18.78
CA LYS C 583 -6.04 -30.28 -17.99
C LYS C 583 -5.38 -31.61 -17.62
N LYS C 584 -4.59 -32.20 -18.52
CA LYS C 584 -4.07 -33.54 -18.31
C LYS C 584 -2.62 -33.56 -17.81
N ILE C 585 -2.05 -32.39 -17.47
CA ILE C 585 -0.71 -32.31 -16.91
C ILE C 585 -0.80 -31.58 -15.58
N ALA C 586 -0.22 -32.16 -14.54
CA ALA C 586 -0.23 -31.59 -13.21
C ALA C 586 1.20 -31.36 -12.73
N PHE C 587 1.39 -30.29 -11.97
CA PHE C 587 2.72 -29.91 -11.47
C PHE C 587 2.57 -29.46 -10.02
N VAL C 588 3.20 -30.17 -9.10
CA VAL C 588 3.22 -29.82 -7.68
C VAL C 588 4.66 -29.51 -7.30
N SER C 589 4.89 -28.28 -6.87
CA SER C 589 6.22 -27.81 -6.48
C SER C 589 6.22 -27.44 -5.00
N GLN C 590 7.36 -26.94 -4.53
CA GLN C 590 7.45 -26.48 -3.15
C GLN C 590 6.69 -25.19 -2.94
N ASP C 591 6.63 -24.32 -3.96
CA ASP C 591 5.93 -23.04 -3.86
C ASP C 591 4.43 -23.26 -4.08
N VAL C 592 3.81 -23.96 -3.13
CA VAL C 592 2.38 -24.24 -3.20
C VAL C 592 1.60 -22.96 -2.89
N PHE C 593 0.64 -22.64 -3.74
CA PHE C 593 -0.24 -21.50 -3.54
C PHE C 593 -1.62 -21.98 -3.16
N ILE C 594 -2.11 -21.50 -2.01
CA ILE C 594 -3.43 -21.84 -1.50
C ILE C 594 -4.27 -20.56 -1.50
N PHE C 595 -5.45 -20.63 -2.08
CA PHE C 595 -6.31 -19.46 -2.19
C PHE C 595 -7.21 -19.33 -0.97
N SER C 596 -7.64 -18.09 -0.71
CA SER C 596 -8.46 -17.78 0.47
C SER C 596 -9.86 -18.34 0.26
N GLY C 597 -10.15 -19.45 0.91
CA GLY C 597 -11.46 -20.08 0.80
C GLY C 597 -11.49 -21.35 1.62
N THR C 598 -12.62 -22.05 1.52
CA THR C 598 -12.75 -23.31 2.22
C THR C 598 -11.82 -24.35 1.62
N VAL C 599 -11.57 -25.41 2.39
CA VAL C 599 -10.68 -26.48 1.92
C VAL C 599 -11.27 -27.15 0.69
N LYS C 600 -12.59 -27.36 0.68
CA LYS C 600 -13.25 -27.93 -0.49
C LYS C 600 -13.14 -27.01 -1.69
N GLU C 601 -13.27 -25.70 -1.47
CA GLU C 601 -13.16 -24.75 -2.58
C GLU C 601 -11.76 -24.76 -3.18
N ASN C 602 -10.72 -24.81 -2.34
CA ASN C 602 -9.36 -24.85 -2.86
C ASN C 602 -9.07 -26.18 -3.56
N LEU C 603 -9.54 -27.29 -2.98
CA LEU C 603 -9.34 -28.59 -3.62
C LEU C 603 -10.14 -28.73 -4.90
N CYS C 604 -11.19 -27.93 -5.09
CA CYS C 604 -12.02 -27.97 -6.29
C CYS C 604 -11.77 -26.73 -7.15
N LEU C 605 -10.52 -26.31 -7.25
CA LEU C 605 -10.19 -25.17 -8.11
C LEU C 605 -10.29 -25.57 -9.57
N GLY C 606 -10.98 -24.75 -10.35
CA GLY C 606 -11.15 -24.97 -11.78
C GLY C 606 -12.41 -25.71 -12.17
N ASN C 607 -12.79 -26.72 -11.40
CA ASN C 607 -14.00 -27.50 -11.66
C ASN C 607 -14.90 -27.51 -10.43
N GLU C 608 -16.21 -27.49 -10.66
CA GLU C 608 -17.18 -27.47 -9.59
C GLU C 608 -18.14 -28.65 -9.59
N ASN C 609 -18.25 -29.37 -10.70
CA ASN C 609 -19.13 -30.55 -10.77
C ASN C 609 -18.37 -31.77 -10.27
N VAL C 610 -18.02 -31.73 -9.00
CA VAL C 610 -17.28 -32.80 -8.34
C VAL C 610 -18.03 -33.21 -7.08
N ASP C 611 -18.04 -34.51 -6.82
CA ASP C 611 -18.76 -35.08 -5.68
C ASP C 611 -17.79 -35.40 -4.55
N MET C 612 -18.30 -35.32 -3.32
CA MET C 612 -17.45 -35.29 -2.13
C MET C 612 -16.64 -36.56 -1.96
N ASP C 613 -17.15 -37.70 -2.42
CA ASP C 613 -16.40 -38.95 -2.28
C ASP C 613 -15.10 -38.90 -3.06
N GLU C 614 -15.10 -38.21 -4.20
CA GLU C 614 -13.86 -38.07 -4.98
C GLU C 614 -12.82 -37.26 -4.21
N ILE C 615 -13.25 -36.16 -3.57
CA ILE C 615 -12.32 -35.37 -2.77
C ILE C 615 -11.81 -36.18 -1.59
N ILE C 616 -12.69 -36.99 -0.97
CA ILE C 616 -12.27 -37.83 0.13
C ILE C 616 -11.21 -38.84 -0.32
N LYS C 617 -11.43 -39.45 -1.48
CA LYS C 617 -10.45 -40.40 -2.00
C LYS C 617 -9.12 -39.73 -2.30
N ALA C 618 -9.17 -38.53 -2.88
CA ALA C 618 -7.93 -37.81 -3.17
C ALA C 618 -7.19 -37.43 -1.89
N ALA C 619 -7.92 -36.98 -0.87
CA ALA C 619 -7.28 -36.64 0.40
C ALA C 619 -6.67 -37.87 1.07
N LYS C 620 -7.36 -39.01 0.98
CA LYS C 620 -6.79 -40.25 1.52
C LYS C 620 -5.53 -40.64 0.75
N MET C 621 -5.55 -40.51 -0.57
CA MET C 621 -4.37 -40.85 -1.36
C MET C 621 -3.20 -39.95 -1.03
N ALA C 622 -3.45 -38.65 -0.86
CA ALA C 622 -2.42 -37.70 -0.51
C ALA C 622 -2.20 -37.57 0.99
N ASN C 623 -2.75 -38.51 1.78
CA ASN C 623 -2.68 -38.58 3.24
C ASN C 623 -2.94 -37.22 3.90
N ALA C 624 -3.72 -36.37 3.24
CA ALA C 624 -4.12 -35.09 3.78
C ALA C 624 -5.44 -35.16 4.54
N HIS C 625 -6.07 -36.33 4.59
CA HIS C 625 -7.39 -36.46 5.19
C HIS C 625 -7.37 -36.15 6.68
N ASP C 626 -6.33 -36.61 7.39
CA ASP C 626 -6.33 -36.55 8.84
C ASP C 626 -6.35 -35.11 9.35
N PHE C 627 -5.43 -34.27 8.87
CA PHE C 627 -5.34 -32.92 9.40
C PHE C 627 -6.55 -32.08 8.99
N ILE C 628 -7.17 -32.39 7.84
CA ILE C 628 -8.42 -31.74 7.48
C ILE C 628 -9.53 -32.18 8.43
N GLU C 629 -9.54 -33.46 8.81
CA GLU C 629 -10.55 -33.95 9.73
C GLU C 629 -10.43 -33.28 11.09
N LYS C 630 -9.22 -33.12 11.60
CA LYS C 630 -9.02 -32.47 12.90
C LYS C 630 -8.92 -30.95 12.73
N LEU C 631 -9.99 -30.39 12.18
CA LEU C 631 -10.12 -28.96 11.96
C LEU C 631 -11.49 -28.52 12.44
N PRO C 632 -11.67 -27.22 12.74
CA PRO C 632 -12.99 -26.73 13.18
C PRO C 632 -14.14 -27.16 12.28
N LEU C 633 -14.03 -26.89 10.97
CA LEU C 633 -15.03 -27.29 9.99
C LEU C 633 -14.31 -28.14 8.95
N LYS C 634 -14.42 -29.47 9.09
CA LYS C 634 -13.77 -30.37 8.15
C LYS C 634 -14.30 -30.14 6.74
N TYR C 635 -13.37 -29.96 5.79
CA TYR C 635 -13.65 -29.65 4.39
C TYR C 635 -14.46 -28.37 4.20
N ASP C 636 -14.64 -27.58 5.27
CA ASP C 636 -15.26 -26.27 5.16
C ASP C 636 -14.48 -25.20 5.91
N THR C 637 -13.36 -25.54 6.54
CA THR C 637 -12.55 -24.54 7.23
C THR C 637 -12.04 -23.50 6.25
N PHE C 638 -12.21 -22.24 6.60
CA PHE C 638 -11.79 -21.13 5.74
C PHE C 638 -10.34 -20.81 6.03
N LEU C 639 -9.48 -20.92 5.02
CA LEU C 639 -8.04 -20.69 5.17
C LEU C 639 -7.78 -19.21 4.87
N ASN C 640 -7.80 -18.40 5.91
CA ASN C 640 -7.63 -16.96 5.76
C ASN C 640 -6.18 -16.62 5.43
N GLU C 641 -6.01 -15.54 4.67
CA GLU C 641 -4.70 -15.03 4.28
C GLU C 641 -3.86 -16.10 3.60
N SER C 642 -4.48 -16.78 2.62
CA SER C 642 -3.81 -17.80 1.80
C SER C 642 -3.23 -18.91 2.67
N GLY C 643 -4.13 -19.56 3.42
CA GLY C 643 -3.71 -20.68 4.26
C GLY C 643 -2.75 -20.32 5.36
N ALA C 644 -2.99 -19.19 6.05
CA ALA C 644 -2.13 -18.80 7.16
C ALA C 644 -2.23 -19.77 8.31
N ASN C 645 -3.40 -20.40 8.49
CA ASN C 645 -3.57 -21.37 9.56
C ASN C 645 -2.65 -22.57 9.37
N LEU C 646 -2.53 -23.05 8.13
CA LEU C 646 -1.71 -24.21 7.82
C LEU C 646 -0.25 -23.80 7.70
N SER C 647 0.62 -24.80 7.64
CA SER C 647 2.06 -24.61 7.50
C SER C 647 2.58 -25.47 6.35
N GLU C 648 3.84 -25.24 5.99
CA GLU C 648 4.50 -26.04 4.96
C GLU C 648 4.54 -27.51 5.37
N GLY C 649 3.82 -28.35 4.63
CA GLY C 649 3.66 -29.74 4.99
C GLY C 649 2.21 -30.17 4.85
N GLN C 650 1.29 -29.24 5.15
CA GLN C 650 -0.13 -29.41 4.90
C GLN C 650 -0.58 -28.77 3.59
N LYS C 651 -0.02 -27.61 3.26
CA LYS C 651 -0.30 -26.99 1.97
C LYS C 651 0.19 -27.86 0.82
N GLN C 652 1.36 -28.50 1.00
CA GLN C 652 1.85 -29.41 -0.02
C GLN C 652 0.91 -30.59 -0.20
N ARG C 653 0.40 -31.14 0.91
CA ARG C 653 -0.55 -32.24 0.81
C ARG C 653 -1.84 -31.80 0.13
N LEU C 654 -2.31 -30.58 0.42
CA LEU C 654 -3.49 -30.06 -0.26
C LEU C 654 -3.24 -29.93 -1.76
N ALA C 655 -2.07 -29.44 -2.14
CA ALA C 655 -1.73 -29.34 -3.56
C ALA C 655 -1.68 -30.71 -4.22
N ILE C 656 -1.10 -31.70 -3.54
CA ILE C 656 -1.06 -33.05 -4.09
C ILE C 656 -2.46 -33.62 -4.26
N ALA C 657 -3.33 -33.39 -3.27
CA ALA C 657 -4.71 -33.86 -3.38
C ALA C 657 -5.43 -33.19 -4.54
N ARG C 658 -5.21 -31.89 -4.72
CA ARG C 658 -5.81 -31.17 -5.84
C ARG C 658 -5.32 -31.72 -7.17
N ALA C 659 -4.01 -31.99 -7.27
CA ALA C 659 -3.46 -32.56 -8.50
C ALA C 659 -4.02 -33.95 -8.78
N LEU C 660 -4.19 -34.76 -7.73
CA LEU C 660 -4.80 -36.07 -7.91
C LEU C 660 -6.25 -35.95 -8.37
N LEU C 661 -6.98 -34.98 -7.82
CA LEU C 661 -8.32 -34.69 -8.31
C LEU C 661 -8.30 -34.29 -9.79
N LYS C 662 -7.22 -33.63 -10.22
CA LYS C 662 -7.09 -33.24 -11.61
C LYS C 662 -7.04 -34.43 -12.55
N LYS C 663 -6.62 -35.61 -12.06
CA LYS C 663 -6.46 -36.83 -12.84
C LYS C 663 -5.57 -36.58 -14.05
N PRO C 664 -4.26 -36.40 -13.84
CA PRO C 664 -3.37 -36.06 -14.96
C PRO C 664 -2.75 -37.29 -15.61
N ASP C 665 -2.46 -37.14 -16.90
CA ASP C 665 -1.67 -38.14 -17.63
C ASP C 665 -0.18 -37.96 -17.41
N ILE C 666 0.27 -36.76 -17.08
CA ILE C 666 1.65 -36.48 -16.69
C ILE C 666 1.63 -35.76 -15.35
N LEU C 667 2.42 -36.23 -14.41
CA LEU C 667 2.49 -35.65 -13.07
C LEU C 667 3.94 -35.30 -12.76
N ILE C 668 4.19 -34.05 -12.40
CA ILE C 668 5.51 -33.58 -12.04
C ILE C 668 5.50 -33.21 -10.56
N LEU C 669 6.49 -33.70 -9.82
CA LEU C 669 6.56 -33.54 -8.38
C LEU C 669 7.95 -33.03 -8.00
N ASP C 670 8.04 -32.52 -6.78
CA ASP C 670 9.31 -32.05 -6.23
C ASP C 670 9.70 -32.85 -4.99
N ILE C 688 3.57 -42.09 -6.59
CA ILE C 688 2.80 -43.13 -7.25
C ILE C 688 1.45 -43.29 -6.57
N TYR C 689 0.94 -42.20 -6.00
CA TYR C 689 -0.35 -42.21 -5.31
C TYR C 689 -1.47 -42.55 -6.28
N GLY C 690 -2.06 -43.74 -6.13
CA GLY C 690 -3.12 -44.16 -7.02
C GLY C 690 -2.66 -44.34 -8.45
N LEU C 691 -3.06 -43.40 -9.33
CA LEU C 691 -2.63 -43.36 -10.72
C LEU C 691 -3.12 -44.59 -11.48
N GLU C 692 -2.47 -44.89 -12.61
CA GLU C 692 -2.93 -45.96 -13.48
C GLU C 692 -1.79 -46.84 -13.99
N ASP C 693 -0.58 -46.67 -13.45
CA ASP C 693 0.65 -47.40 -13.80
C ASP C 693 1.16 -47.07 -15.20
N ASP C 694 0.43 -46.25 -15.97
CA ASP C 694 0.95 -45.74 -17.23
C ASP C 694 1.02 -44.21 -17.23
N VAL C 695 0.72 -43.58 -16.10
CA VAL C 695 0.82 -42.13 -15.96
C VAL C 695 2.28 -41.80 -15.70
N THR C 696 2.87 -41.00 -16.58
CA THR C 696 4.28 -40.61 -16.41
C THR C 696 4.43 -39.71 -15.19
N VAL C 697 5.48 -39.95 -14.42
CA VAL C 697 5.79 -39.17 -13.24
C VAL C 697 7.23 -38.68 -13.35
N ILE C 698 7.43 -37.38 -13.19
CA ILE C 698 8.75 -36.75 -13.29
C ILE C 698 9.03 -36.05 -11.98
N ILE C 699 10.14 -36.41 -11.34
CA ILE C 699 10.52 -35.88 -10.04
C ILE C 699 11.69 -34.92 -10.22
N ILE C 700 11.58 -33.73 -9.62
CA ILE C 700 12.63 -32.72 -9.63
C ILE C 700 13.19 -32.62 -8.22
N ALA C 701 14.48 -32.87 -8.07
CA ALA C 701 15.13 -32.83 -6.77
C ALA C 701 16.63 -32.67 -6.96
N HIS C 702 17.29 -32.29 -5.88
CA HIS C 702 18.75 -32.19 -5.84
C HIS C 702 19.40 -33.12 -4.83
N ARG C 703 18.64 -33.66 -3.88
CA ARG C 703 19.13 -34.64 -2.92
C ARG C 703 18.92 -36.03 -3.52
N LEU C 704 20.01 -36.66 -3.96
CA LEU C 704 19.94 -37.88 -4.77
C LEU C 704 19.47 -39.10 -3.99
N SER C 705 19.29 -38.99 -2.67
CA SER C 705 18.93 -40.15 -1.87
C SER C 705 17.56 -40.72 -2.27
N THR C 706 16.61 -39.85 -2.58
CA THR C 706 15.23 -40.26 -2.85
C THR C 706 14.99 -40.62 -4.30
N ILE C 707 16.01 -40.58 -5.16
CA ILE C 707 15.88 -40.85 -6.59
C ILE C 707 16.45 -42.21 -6.97
N VAL C 708 17.04 -42.94 -6.01
CA VAL C 708 17.72 -44.20 -6.32
C VAL C 708 16.77 -45.17 -7.01
N ASN C 709 15.53 -45.25 -6.53
CA ASN C 709 14.57 -46.20 -7.07
C ASN C 709 13.94 -45.76 -8.39
N CYS C 710 14.21 -44.53 -8.85
CA CYS C 710 13.63 -44.06 -10.09
C CYS C 710 14.14 -44.87 -11.27
N ASP C 711 13.27 -45.09 -12.26
CA ASP C 711 13.63 -45.90 -13.41
C ASP C 711 14.75 -45.25 -14.23
N LYS C 712 14.66 -43.95 -14.47
CA LYS C 712 15.68 -43.22 -15.20
C LYS C 712 16.01 -41.92 -14.47
N ILE C 713 17.28 -41.53 -14.57
CA ILE C 713 17.79 -40.33 -13.91
C ILE C 713 18.49 -39.48 -14.97
N TYR C 714 18.03 -38.25 -15.15
CA TYR C 714 18.62 -37.32 -16.11
C TYR C 714 19.38 -36.24 -15.35
N LEU C 715 20.69 -36.20 -15.55
CA LEU C 715 21.54 -35.20 -14.90
C LEU C 715 21.60 -33.96 -15.78
N LEU C 716 21.26 -32.80 -15.22
CA LEU C 716 21.17 -31.56 -15.97
C LEU C 716 22.33 -30.65 -15.56
N LYS C 717 23.29 -30.48 -16.46
CA LYS C 717 24.46 -29.65 -16.20
C LYS C 717 24.72 -28.73 -17.39
N ASP C 718 24.99 -27.46 -17.09
CA ASP C 718 25.37 -26.47 -18.11
C ASP C 718 24.31 -26.34 -19.20
N GLY C 719 23.05 -26.57 -18.85
CA GLY C 719 21.99 -26.50 -19.85
C GLY C 719 21.89 -27.67 -20.77
N GLU C 720 22.47 -28.82 -20.41
CA GLU C 720 22.35 -30.04 -21.21
C GLU C 720 22.10 -31.22 -20.30
N ILE C 721 21.38 -32.22 -20.82
CA ILE C 721 21.22 -33.49 -20.11
C ILE C 721 22.48 -34.30 -20.36
N VAL C 722 23.45 -34.18 -19.45
CA VAL C 722 24.77 -34.75 -19.68
C VAL C 722 24.73 -36.27 -19.59
N GLU C 723 24.04 -36.81 -18.59
CA GLU C 723 24.05 -38.25 -18.34
C GLU C 723 22.63 -38.74 -18.07
N SER C 724 22.31 -39.91 -18.59
CA SER C 724 21.00 -40.53 -18.40
C SER C 724 21.18 -42.01 -18.15
N GLY C 725 20.47 -42.54 -17.17
CA GLY C 725 20.56 -43.95 -16.85
C GLY C 725 20.03 -44.23 -15.46
N SER C 726 20.09 -45.51 -15.10
CA SER C 726 19.65 -45.92 -13.77
C SER C 726 20.68 -45.48 -12.72
N HIS C 727 20.29 -45.62 -11.45
CA HIS C 727 21.16 -45.21 -10.36
C HIS C 727 22.46 -45.99 -10.36
N THR C 728 22.39 -47.30 -10.56
CA THR C 728 23.59 -48.13 -10.58
C THR C 728 24.50 -47.77 -11.76
N GLU C 729 23.90 -47.54 -12.93
CA GLU C 729 24.71 -47.20 -14.10
C GLU C 729 25.40 -45.86 -13.95
N LEU C 730 24.67 -44.84 -13.46
CA LEU C 730 25.25 -43.51 -13.34
C LEU C 730 26.26 -43.44 -12.20
N ILE C 731 26.02 -44.18 -11.11
CA ILE C 731 26.97 -44.20 -9.99
C ILE C 731 28.26 -44.93 -10.33
N ALA C 732 28.30 -45.62 -11.46
CA ALA C 732 29.51 -46.32 -11.90
C ALA C 732 30.50 -45.30 -12.46
N LEU C 733 31.51 -45.78 -13.18
CA LEU C 733 32.52 -44.91 -13.76
C LEU C 733 31.92 -44.19 -14.96
N LYS C 734 31.13 -43.15 -14.66
CA LYS C 734 30.46 -42.36 -15.68
C LYS C 734 30.88 -40.90 -15.68
N GLY C 735 31.28 -40.35 -14.54
CA GLY C 735 31.71 -38.96 -14.49
C GLY C 735 31.05 -38.10 -13.43
N CYS C 736 30.27 -37.12 -13.88
CA CYS C 736 29.76 -36.09 -12.97
C CYS C 736 28.83 -36.65 -11.91
N TYR C 737 27.96 -37.60 -12.31
CA TYR C 737 26.98 -38.14 -11.37
C TYR C 737 27.66 -38.74 -10.15
N PHE C 738 28.74 -39.49 -10.36
CA PHE C 738 29.49 -40.03 -9.23
C PHE C 738 30.03 -38.91 -8.35
N LYS C 739 30.49 -37.82 -8.96
CA LYS C 739 31.05 -36.71 -8.19
C LYS C 739 29.99 -36.08 -7.29
N MET C 740 28.82 -35.77 -7.85
CA MET C 740 27.77 -35.19 -7.00
C MET C 740 27.25 -36.19 -5.98
N TRP C 741 27.23 -37.48 -6.32
CA TRP C 741 26.79 -38.48 -5.35
C TRP C 741 27.73 -38.55 -4.17
N LYS C 742 29.04 -38.54 -4.42
CA LYS C 742 30.00 -38.62 -3.32
C LYS C 742 30.07 -37.30 -2.56
N GLN C 743 29.83 -36.17 -3.22
CA GLN C 743 29.87 -34.89 -2.51
C GLN C 743 28.63 -34.69 -1.64
N THR C 744 27.46 -35.07 -2.14
CA THR C 744 26.23 -34.85 -1.38
C THR C 744 26.20 -35.66 -0.09
N GLU C 745 26.63 -36.92 -0.14
CA GLU C 745 26.67 -37.76 1.06
C GLU C 745 27.65 -38.91 0.87
N ASN D 31 -22.17 -21.97 36.40
CA ASN D 31 -21.90 -23.37 36.14
C ASN D 31 -22.59 -23.83 34.85
N ILE D 32 -22.28 -23.14 33.75
CA ILE D 32 -22.89 -23.45 32.46
C ILE D 32 -22.03 -24.45 31.70
N GLY D 33 -22.68 -25.49 31.18
CA GLY D 33 -22.02 -26.40 30.27
C GLY D 33 -20.88 -27.13 30.91
N ARG D 34 -19.82 -27.35 30.13
CA ARG D 34 -18.65 -28.10 30.56
C ARG D 34 -17.44 -27.20 30.55
N GLU D 35 -16.65 -27.26 31.62
CA GLU D 35 -15.42 -26.48 31.68
C GLU D 35 -14.41 -27.04 30.68
N LEU D 36 -13.90 -26.17 29.81
CA LEU D 36 -12.97 -26.58 28.77
C LEU D 36 -11.56 -26.71 29.33
N THR D 37 -10.84 -27.72 28.85
CA THR D 37 -9.47 -27.95 29.26
C THR D 37 -8.53 -26.98 28.55
N ASP D 38 -7.27 -26.97 28.99
CA ASP D 38 -6.28 -26.07 28.42
C ASP D 38 -6.09 -26.32 26.93
N GLU D 39 -6.19 -27.58 26.49
CA GLU D 39 -6.11 -27.87 25.07
C GLU D 39 -7.30 -27.28 24.32
N GLU D 40 -8.50 -27.38 24.90
CA GLU D 40 -9.67 -26.81 24.25
C GLU D 40 -9.69 -25.29 24.40
N LEU D 41 -9.19 -24.77 25.53
CA LEU D 41 -9.13 -23.31 25.70
C LEU D 41 -8.19 -22.68 24.66
N MET D 42 -7.07 -23.34 24.39
CA MET D 42 -6.14 -22.84 23.38
C MET D 42 -6.65 -23.02 21.96
N GLU D 43 -7.76 -23.74 21.76
CA GLU D 43 -8.23 -24.04 20.42
C GLU D 43 -9.29 -23.07 19.90
N MET D 44 -10.16 -22.55 20.76
CA MET D 44 -11.13 -21.55 20.31
C MET D 44 -10.46 -20.18 20.37
N THR D 45 -10.17 -19.63 19.20
CA THR D 45 -9.44 -18.39 19.05
C THR D 45 -10.34 -17.31 18.46
N GLY D 46 -9.75 -16.13 18.28
CA GLY D 46 -10.46 -15.01 17.69
C GLY D 46 -9.55 -13.86 17.32
N GLY D 47 -9.71 -13.34 16.11
CA GLY D 47 -8.91 -12.22 15.66
C GLY D 47 -8.17 -12.52 14.37
#